data_7PXP
#
_entry.id   7PXP
#
_cell.length_a   80.790
_cell.length_b   105.510
_cell.length_c   142.540
_cell.angle_alpha   90.000
_cell.angle_beta   92.270
_cell.angle_gamma   90.000
#
_symmetry.space_group_name_H-M   'P 1 21 1'
#
loop_
_entity.id
_entity.type
_entity.pdbx_description
1 polymer 'Benzoylsuccinyl-CoA thiolase subunit'
2 polymer 'Benzoylsuccinyl-CoA thiolase subunit'
3 non-polymer 'ZINC ION'
4 water water
#
loop_
_entity_poly.entity_id
_entity_poly.type
_entity_poly.pdbx_seq_one_letter_code
_entity_poly.pdbx_strand_id
1 'polypeptide(L)'
;MAKEEVKQKKTKEKEPDITFFHPDILEVPKDGGLPYLKGYRCKKCGQLDFKTEMCTNCWSEEFEMVPLSRRGKVYSFSDI
YIGQQGLATPYIFAYVDLPENLRVFAQLEGEVDTYRCDEEVELTLGPIRMNNDNLPIISYKFKKIA
;
A,B,E,F
2 'polypeptide(L)'
;MKLQREVYIAGVGETKFGKHTVDFDVLGREAALQAMNGSNIDRPDMIQSAYVGNGMNDMTTGQAVFRGLGMCGPNLPIIN
VQSACSAGAMAVFCAIKDVATGVTDLSIGVGTENHTMHRQSGAAFSAARSDIETMHGAVMTGKYAMRATRYMHETGATIE
DLAMITVKNRKHATHNPYAWFKGAITVEEVVNSRMVAYPMTLQQCCGIADGAAAVVVGSKEMMKKLGIAKPVKVAGVVVE
SGPYHNRPRDITGDDITETTSEKLYEESGIGPKEVNILELHDAFTIAELLYYECMGLCKKGDGLKFLRDGQSTYGGQCVV
SPRGGLLSYGHPIGASGAAQIAQNVKQLRGECGGYQVGPTPKVAMSHVTGGGLSGTEHAACTMHMLVKGWGS
;
C,D,G,H
#
# COMPACT_ATOMS: atom_id res chain seq x y z
N GLU A 15 2.59 -10.20 54.30
CA GLU A 15 3.84 -10.29 55.06
C GLU A 15 4.85 -9.21 54.65
N PRO A 16 5.73 -8.73 55.58
CA PRO A 16 6.69 -7.67 55.20
C PRO A 16 7.78 -8.12 54.23
N ASP A 17 8.06 -7.29 53.19
CA ASP A 17 9.10 -7.58 52.19
C ASP A 17 10.51 -7.52 52.76
N ILE A 18 11.48 -8.18 52.09
CA ILE A 18 12.89 -8.21 52.52
C ILE A 18 13.56 -6.84 52.48
N THR A 19 14.52 -6.59 53.40
CA THR A 19 15.30 -5.37 53.48
C THR A 19 16.80 -5.69 53.26
N PHE A 20 17.16 -6.99 53.07
CA PHE A 20 18.55 -7.44 52.84
C PHE A 20 18.62 -8.55 51.77
N PHE A 21 19.50 -8.39 50.75
CA PHE A 21 19.70 -9.35 49.66
C PHE A 21 21.19 -9.73 49.57
N HIS A 22 21.60 -10.94 49.94
CA HIS A 22 20.79 -12.07 50.39
C HIS A 22 21.69 -12.88 51.34
N PRO A 23 21.17 -13.44 52.48
CA PRO A 23 22.04 -14.23 53.38
C PRO A 23 22.82 -15.36 52.72
N ASP A 24 22.33 -15.92 51.60
CA ASP A 24 22.99 -16.99 50.86
C ASP A 24 24.18 -16.50 49.99
N ILE A 25 24.16 -15.23 49.56
CA ILE A 25 25.21 -14.68 48.68
C ILE A 25 26.12 -13.68 49.39
N LEU A 26 25.63 -13.05 50.44
CA LEU A 26 26.39 -12.02 51.14
C LEU A 26 26.39 -12.31 52.61
N GLU A 27 27.62 -12.41 53.17
CA GLU A 27 27.86 -12.70 54.57
C GLU A 27 28.29 -11.42 55.27
N VAL A 28 27.66 -11.15 56.42
CA VAL A 28 28.01 -10.02 57.29
C VAL A 28 28.53 -10.64 58.60
N PRO A 29 29.89 -10.85 58.67
CA PRO A 29 30.49 -11.51 59.85
C PRO A 29 29.95 -11.06 61.20
N LYS A 30 29.72 -12.03 62.08
CA LYS A 30 29.18 -11.86 63.46
C LYS A 30 30.08 -10.97 64.31
N ASP A 31 31.41 -11.11 64.15
CA ASP A 31 32.46 -10.37 64.85
C ASP A 31 32.53 -8.88 64.44
N GLY A 32 31.75 -8.48 63.43
CA GLY A 32 31.71 -7.12 62.92
C GLY A 32 32.69 -6.85 61.80
N GLY A 33 33.40 -7.90 61.38
CA GLY A 33 34.39 -7.84 60.32
C GLY A 33 33.81 -7.44 58.97
N LEU A 34 34.70 -7.20 58.00
CA LEU A 34 34.33 -6.80 56.64
C LEU A 34 33.43 -7.81 55.91
N PRO A 35 32.26 -7.35 55.40
CA PRO A 35 31.36 -8.25 54.67
C PRO A 35 31.99 -8.82 53.41
N TYR A 36 31.49 -10.01 52.97
CA TYR A 36 32.03 -10.65 51.76
C TYR A 36 31.00 -11.45 51.01
N LEU A 37 31.25 -11.61 49.69
CA LEU A 37 30.41 -12.42 48.83
C LEU A 37 30.76 -13.87 49.08
N LYS A 38 29.75 -14.74 49.02
CA LYS A 38 29.91 -16.16 49.27
C LYS A 38 29.82 -16.94 47.99
N GLY A 39 30.78 -17.83 47.82
CA GLY A 39 30.82 -18.76 46.72
C GLY A 39 30.61 -20.17 47.26
N TYR A 40 30.28 -21.11 46.40
CA TYR A 40 30.06 -22.50 46.82
C TYR A 40 30.78 -23.44 45.89
N ARG A 41 31.62 -24.32 46.46
CA ARG A 41 32.35 -25.29 45.67
C ARG A 41 31.68 -26.64 45.82
N CYS A 42 31.34 -27.26 44.69
CA CYS A 42 30.75 -28.59 44.70
C CYS A 42 31.80 -29.59 45.23
N LYS A 43 31.41 -30.38 46.22
CA LYS A 43 32.29 -31.38 46.83
C LYS A 43 32.56 -32.58 45.89
N LYS A 44 31.68 -32.81 44.90
CA LYS A 44 31.79 -33.94 43.99
C LYS A 44 32.62 -33.65 42.73
N CYS A 45 32.39 -32.49 42.08
CA CYS A 45 33.12 -32.17 40.85
C CYS A 45 34.13 -31.00 41.00
N GLY A 46 34.06 -30.29 42.11
CA GLY A 46 34.96 -29.17 42.39
C GLY A 46 34.60 -27.84 41.73
N GLN A 47 33.41 -27.76 41.07
CA GLN A 47 32.97 -26.51 40.43
C GLN A 47 32.60 -25.46 41.45
N LEU A 48 33.09 -24.22 41.26
CA LEU A 48 32.77 -23.06 42.08
C LEU A 48 31.65 -22.27 41.39
N ASP A 49 30.63 -21.89 42.16
CA ASP A 49 29.46 -21.16 41.65
C ASP A 49 28.81 -20.41 42.81
N PHE A 50 27.79 -19.61 42.51
CA PHE A 50 27.02 -18.93 43.55
C PHE A 50 26.02 -19.94 44.08
N LYS A 51 25.35 -19.64 45.22
CA LYS A 51 24.40 -20.54 45.89
C LYS A 51 23.41 -21.19 44.92
N THR A 52 23.30 -22.54 45.01
CA THR A 52 22.40 -23.38 44.21
C THR A 52 21.97 -24.58 45.03
N GLU A 53 20.78 -25.13 44.72
CA GLU A 53 20.26 -26.31 45.41
C GLU A 53 21.01 -27.55 44.91
N MET A 54 21.39 -27.55 43.63
CA MET A 54 22.15 -28.64 42.99
C MET A 54 23.19 -28.11 41.99
N CYS A 55 24.31 -28.82 41.87
CA CYS A 55 25.41 -28.45 41.00
C CYS A 55 24.99 -28.54 39.53
N THR A 56 25.14 -27.45 38.78
CA THR A 56 24.77 -27.41 37.35
C THR A 56 25.62 -28.36 36.51
N ASN A 57 26.85 -28.66 36.97
CA ASN A 57 27.76 -29.55 36.26
C ASN A 57 27.50 -31.06 36.50
N CYS A 58 27.31 -31.48 37.77
CA CYS A 58 27.20 -32.90 38.07
C CYS A 58 25.92 -33.29 38.83
N TRP A 59 25.10 -32.29 39.23
CA TRP A 59 23.82 -32.48 39.93
C TRP A 59 23.94 -32.89 41.41
N SER A 60 25.15 -32.82 41.98
CA SER A 60 25.35 -33.12 43.39
C SER A 60 24.70 -32.02 44.24
N GLU A 61 24.32 -32.33 45.48
CA GLU A 61 23.69 -31.37 46.38
C GLU A 61 24.59 -31.06 47.58
N GLU A 62 25.87 -31.49 47.51
CA GLU A 62 26.87 -31.33 48.57
C GLU A 62 27.92 -30.27 48.23
N PHE A 63 27.94 -29.19 49.02
CA PHE A 63 28.82 -28.04 48.78
C PHE A 63 29.59 -27.58 50.02
N GLU A 64 30.68 -26.83 49.80
CA GLU A 64 31.50 -26.18 50.81
C GLU A 64 31.51 -24.68 50.48
N MET A 65 31.22 -23.82 51.46
CA MET A 65 31.20 -22.37 51.22
C MET A 65 32.63 -21.86 51.06
N VAL A 66 32.88 -21.02 50.04
CA VAL A 66 34.20 -20.43 49.76
C VAL A 66 34.05 -18.90 49.77
N PRO A 67 34.69 -18.17 50.73
CA PRO A 67 34.58 -16.71 50.72
C PRO A 67 35.29 -16.14 49.50
N LEU A 68 34.63 -15.18 48.82
CA LEU A 68 35.15 -14.57 47.60
C LEU A 68 35.83 -13.23 47.88
N SER A 69 36.75 -12.83 46.99
CA SER A 69 37.50 -11.58 47.05
C SER A 69 36.59 -10.37 47.09
N ARG A 70 36.93 -9.42 47.96
CA ARG A 70 36.22 -8.16 48.13
C ARG A 70 36.57 -7.19 46.99
N ARG A 71 37.71 -7.43 46.30
CA ARG A 71 38.12 -6.60 45.16
C ARG A 71 37.92 -7.32 43.83
N GLY A 72 37.49 -6.55 42.85
CA GLY A 72 37.24 -7.03 41.50
C GLY A 72 37.54 -5.96 40.47
N LYS A 73 37.36 -6.29 39.20
CA LYS A 73 37.59 -5.41 38.07
C LYS A 73 36.26 -5.16 37.35
N VAL A 74 36.01 -3.91 36.96
CA VAL A 74 34.82 -3.57 36.18
C VAL A 74 35.10 -4.11 34.78
N TYR A 75 34.51 -5.25 34.42
CA TYR A 75 34.70 -5.82 33.09
C TYR A 75 34.04 -4.89 32.08
N SER A 76 32.81 -4.46 32.39
CA SER A 76 32.03 -3.50 31.63
C SER A 76 30.97 -2.90 32.54
N PHE A 77 30.36 -1.79 32.11
CA PHE A 77 29.37 -1.05 32.88
C PHE A 77 28.50 -0.23 31.96
N SER A 78 27.44 0.35 32.51
CA SER A 78 26.55 1.26 31.79
C SER A 78 25.90 2.26 32.77
N ASP A 79 25.88 3.52 32.36
CA ASP A 79 25.23 4.62 33.06
C ASP A 79 23.78 4.57 32.56
N ILE A 80 22.85 4.24 33.48
CA ILE A 80 21.43 4.03 33.22
C ILE A 80 20.61 5.30 33.46
N TYR A 81 19.98 5.82 32.40
CA TYR A 81 19.16 7.04 32.49
C TYR A 81 17.67 6.68 32.49
N ILE A 82 17.30 5.63 31.75
CA ILE A 82 15.95 5.09 31.70
C ILE A 82 16.15 3.64 32.17
N GLY A 83 15.81 3.42 33.45
CA GLY A 83 16.01 2.14 34.10
C GLY A 83 14.78 1.35 34.44
N GLN A 84 14.90 0.46 35.43
CA GLN A 84 13.80 -0.38 35.89
C GLN A 84 12.75 0.48 36.57
N GLN A 85 11.46 0.10 36.42
CA GLN A 85 10.35 0.86 37.00
C GLN A 85 10.46 0.98 38.52
N GLY A 86 10.39 2.21 38.99
CA GLY A 86 10.48 2.53 40.41
C GLY A 86 11.85 2.95 40.89
N LEU A 87 12.92 2.54 40.17
CA LEU A 87 14.31 2.85 40.53
C LEU A 87 14.69 4.29 40.17
N ALA A 88 15.27 5.04 41.14
CA ALA A 88 15.71 6.43 40.96
C ALA A 88 16.86 6.48 39.95
N THR A 89 16.76 7.40 38.97
CA THR A 89 17.75 7.55 37.90
C THR A 89 18.50 8.90 37.98
N PRO A 90 19.78 8.96 37.55
CA PRO A 90 20.60 7.89 36.97
C PRO A 90 21.20 6.91 37.98
N TYR A 91 21.47 5.68 37.53
CA TYR A 91 22.14 4.67 38.31
C TYR A 91 23.11 3.91 37.40
N ILE A 92 24.06 3.17 37.98
CA ILE A 92 25.09 2.45 37.22
C ILE A 92 25.09 0.99 37.64
N PHE A 93 25.26 0.08 36.67
CA PHE A 93 25.42 -1.34 36.94
C PHE A 93 26.58 -1.87 36.10
N ALA A 94 27.11 -3.04 36.46
CA ALA A 94 28.30 -3.58 35.81
C ALA A 94 28.46 -5.06 35.97
N TYR A 95 29.37 -5.61 35.16
CA TYR A 95 29.86 -6.96 35.30
C TYR A 95 31.17 -6.77 36.07
N VAL A 96 31.27 -7.33 37.28
CA VAL A 96 32.46 -7.25 38.12
C VAL A 96 33.10 -8.63 38.16
N ASP A 97 34.31 -8.73 37.59
CA ASP A 97 35.04 -9.99 37.57
C ASP A 97 35.92 -10.12 38.79
N LEU A 98 35.75 -11.24 39.50
CA LEU A 98 36.50 -11.56 40.70
C LEU A 98 37.66 -12.48 40.35
N PRO A 99 38.80 -12.44 41.09
CA PRO A 99 39.96 -13.31 40.76
C PRO A 99 39.69 -14.81 40.76
N GLU A 100 38.64 -15.26 41.48
CA GLU A 100 38.20 -16.66 41.53
C GLU A 100 37.54 -17.13 40.19
N ASN A 101 37.59 -16.28 39.13
CA ASN A 101 37.03 -16.54 37.80
C ASN A 101 35.49 -16.67 37.88
N LEU A 102 34.87 -15.71 38.59
CA LEU A 102 33.43 -15.62 38.81
C LEU A 102 33.01 -14.18 38.49
N ARG A 103 31.97 -14.02 37.67
CA ARG A 103 31.43 -12.72 37.28
C ARG A 103 30.18 -12.41 38.15
N VAL A 104 30.13 -11.19 38.73
CA VAL A 104 28.99 -10.73 39.55
C VAL A 104 28.41 -9.53 38.86
N PHE A 105 27.08 -9.50 38.71
CA PHE A 105 26.40 -8.34 38.23
C PHE A 105 26.05 -7.51 39.49
N ALA A 106 26.37 -6.22 39.47
CA ALA A 106 26.12 -5.33 40.61
C ALA A 106 26.06 -3.87 40.19
N GLN A 107 25.44 -3.06 41.06
CA GLN A 107 25.37 -1.62 40.86
C GLN A 107 26.69 -1.03 41.29
N LEU A 108 27.08 0.09 40.66
CA LEU A 108 28.32 0.75 41.03
C LEU A 108 27.98 2.07 41.72
N GLU A 109 28.65 2.36 42.85
CA GLU A 109 28.42 3.62 43.56
C GLU A 109 29.18 4.73 42.87
N GLY A 110 28.58 5.91 42.82
CA GLY A 110 29.21 7.07 42.22
C GLY A 110 28.41 7.76 41.12
N GLU A 111 29.10 8.64 40.40
CA GLU A 111 28.55 9.47 39.35
C GLU A 111 28.75 8.91 37.97
N VAL A 112 27.82 9.30 37.07
CA VAL A 112 27.79 8.97 35.65
C VAL A 112 29.04 9.55 34.98
N ASP A 113 29.55 8.87 33.92
CA ASP A 113 30.73 9.29 33.14
C ASP A 113 32.00 9.35 33.96
N THR A 114 32.18 8.40 34.90
CA THR A 114 33.39 8.39 35.77
C THR A 114 34.07 7.01 35.79
N TYR A 115 33.33 5.92 35.41
CA TYR A 115 33.92 4.59 35.37
C TYR A 115 34.56 4.29 34.02
N ARG A 116 35.40 3.26 33.99
CA ARG A 116 36.11 2.79 32.80
C ARG A 116 36.20 1.27 32.88
N CYS A 117 36.42 0.62 31.72
CA CYS A 117 36.62 -0.83 31.66
C CYS A 117 37.99 -1.16 32.27
N ASP A 118 38.07 -2.28 33.02
CA ASP A 118 39.24 -2.84 33.72
C ASP A 118 39.63 -2.06 34.98
N GLU A 119 38.75 -1.17 35.46
CA GLU A 119 38.96 -0.37 36.67
C GLU A 119 38.74 -1.26 37.91
N GLU A 120 39.67 -1.19 38.87
CA GLU A 120 39.62 -1.92 40.15
C GLU A 120 38.54 -1.35 41.04
N VAL A 121 37.76 -2.23 41.65
CA VAL A 121 36.64 -1.85 42.53
C VAL A 121 36.62 -2.68 43.80
N GLU A 122 35.88 -2.22 44.80
CA GLU A 122 35.79 -2.87 46.09
C GLU A 122 34.35 -3.02 46.51
N LEU A 123 34.08 -4.12 47.23
CA LEU A 123 32.75 -4.43 47.75
C LEU A 123 32.28 -3.36 48.71
N THR A 124 30.99 -3.06 48.65
CA THR A 124 30.37 -2.12 49.56
C THR A 124 28.89 -2.47 49.71
N LEU A 125 28.30 -2.02 50.81
CA LEU A 125 26.88 -2.24 51.06
C LEU A 125 26.08 -0.96 50.86
N GLY A 126 24.95 -1.08 50.18
CA GLY A 126 24.08 0.04 49.89
C GLY A 126 22.72 -0.35 49.35
N PRO A 127 21.78 0.64 49.28
CA PRO A 127 20.43 0.33 48.77
C PRO A 127 20.41 0.06 47.28
N ILE A 128 19.80 -1.05 46.86
CA ILE A 128 19.74 -1.41 45.43
C ILE A 128 18.39 -1.06 44.79
N ARG A 129 17.32 -1.03 45.62
CA ARG A 129 15.95 -0.74 45.21
C ARG A 129 15.04 -0.62 46.45
N MET A 130 13.83 -0.08 46.26
CA MET A 130 12.82 -0.01 47.32
C MET A 130 12.05 -1.33 47.27
N ASN A 131 11.72 -1.90 48.44
CA ASN A 131 10.95 -3.13 48.55
C ASN A 131 9.45 -2.81 48.36
N ASN A 132 8.58 -3.82 48.50
CA ASN A 132 7.13 -3.64 48.28
C ASN A 132 6.46 -2.73 49.33
N ASP A 133 7.11 -2.55 50.49
CA ASP A 133 6.64 -1.71 51.61
C ASP A 133 7.32 -0.32 51.55
N ASN A 134 8.01 -0.04 50.43
CA ASN A 134 8.75 1.20 50.13
C ASN A 134 9.88 1.47 51.12
N LEU A 135 10.60 0.41 51.45
CA LEU A 135 11.76 0.46 52.33
C LEU A 135 12.95 -0.02 51.51
N PRO A 136 14.16 0.56 51.65
CA PRO A 136 15.29 0.09 50.82
C PRO A 136 15.77 -1.34 51.12
N ILE A 137 16.17 -2.08 50.04
CA ILE A 137 16.76 -3.42 50.14
C ILE A 137 18.26 -3.20 50.08
N ILE A 138 18.95 -3.59 51.16
CA ILE A 138 20.39 -3.44 51.30
C ILE A 138 21.03 -4.65 50.66
N SER A 139 21.96 -4.41 49.73
CA SER A 139 22.67 -5.50 49.08
C SER A 139 24.10 -5.08 48.80
N TYR A 140 24.83 -5.93 48.07
CA TYR A 140 26.19 -5.65 47.64
C TYR A 140 26.18 -4.74 46.44
N LYS A 141 27.19 -3.90 46.38
CA LYS A 141 27.49 -2.94 45.34
C LYS A 141 29.01 -2.90 45.24
N PHE A 142 29.54 -2.26 44.19
CA PHE A 142 30.98 -2.07 44.09
C PHE A 142 31.27 -0.58 43.98
N LYS A 143 32.42 -0.13 44.49
CA LYS A 143 32.81 1.27 44.46
C LYS A 143 34.28 1.44 44.10
N LYS A 144 34.67 2.64 43.66
CA LYS A 144 36.06 2.98 43.32
C LYS A 144 36.89 2.86 44.60
N ILE A 145 38.13 2.36 44.46
CA ILE A 145 39.07 2.21 45.57
C ILE A 145 39.74 3.56 45.87
N ALA A 146 39.80 3.94 47.16
CA ALA A 146 40.41 5.18 47.63
C ALA A 146 41.94 5.05 47.66
N PRO B 16 -14.13 7.58 23.53
CA PRO B 16 -15.27 7.05 24.31
C PRO B 16 -15.63 5.64 23.87
N ASP B 17 -15.90 4.77 24.85
CA ASP B 17 -16.27 3.37 24.63
C ASP B 17 -17.65 3.21 24.02
N ILE B 18 -17.88 2.07 23.35
CA ILE B 18 -19.15 1.72 22.71
C ILE B 18 -20.30 1.65 23.73
N THR B 19 -21.49 2.06 23.31
CA THR B 19 -22.71 2.02 24.11
C THR B 19 -23.74 1.11 23.42
N PHE B 20 -23.30 0.51 22.30
CA PHE B 20 -24.13 -0.39 21.49
C PHE B 20 -23.29 -1.54 20.93
N PHE B 21 -23.83 -2.76 20.97
CA PHE B 21 -23.19 -3.94 20.41
C PHE B 21 -24.23 -4.71 19.57
N HIS B 22 -24.06 -4.85 18.24
CA HIS B 22 -23.00 -4.38 17.35
C HIS B 22 -23.73 -4.02 16.03
N PRO B 23 -23.38 -2.89 15.34
CA PRO B 23 -24.12 -2.52 14.10
C PRO B 23 -24.15 -3.57 12.98
N ASP B 24 -23.11 -4.40 12.89
CA ASP B 24 -22.97 -5.45 11.89
C ASP B 24 -23.85 -6.69 12.17
N ILE B 25 -24.26 -6.91 13.43
CA ILE B 25 -25.07 -8.05 13.88
C ILE B 25 -26.53 -7.67 14.24
N LEU B 26 -26.74 -6.47 14.80
CA LEU B 26 -28.06 -6.07 15.27
C LEU B 26 -28.49 -4.82 14.59
N GLU B 27 -29.61 -4.93 13.85
CA GLU B 27 -30.22 -3.80 13.15
C GLU B 27 -31.36 -3.23 13.99
N VAL B 28 -31.28 -1.93 14.28
CA VAL B 28 -32.34 -1.23 15.03
C VAL B 28 -32.94 -0.20 14.08
N PRO B 29 -34.10 -0.50 13.45
CA PRO B 29 -34.69 0.48 12.49
C PRO B 29 -35.09 1.84 13.09
N LYS B 30 -34.62 2.94 12.45
CA LYS B 30 -34.90 4.33 12.84
C LYS B 30 -36.38 4.64 12.76
N ASP B 31 -37.09 3.99 11.80
CA ASP B 31 -38.53 4.11 11.53
C ASP B 31 -39.42 3.58 12.68
N GLY B 32 -38.82 2.96 13.67
CA GLY B 32 -39.52 2.42 14.82
C GLY B 32 -39.87 0.96 14.69
N GLY B 33 -39.52 0.38 13.54
CA GLY B 33 -39.74 -1.04 13.21
C GLY B 33 -39.03 -1.97 14.18
N LEU B 34 -39.51 -3.23 14.29
CA LEU B 34 -38.96 -4.22 15.21
C LEU B 34 -37.50 -4.56 14.91
N PRO B 35 -36.61 -4.48 15.93
CA PRO B 35 -35.18 -4.79 15.68
C PRO B 35 -34.97 -6.24 15.28
N TYR B 36 -33.85 -6.54 14.61
CA TYR B 36 -33.56 -7.90 14.17
C TYR B 36 -32.08 -8.19 14.07
N LEU B 37 -31.72 -9.45 14.26
CA LEU B 37 -30.37 -9.93 14.08
C LEU B 37 -30.12 -10.05 12.57
N LYS B 38 -28.89 -9.75 12.15
CA LYS B 38 -28.50 -9.79 10.74
C LYS B 38 -27.61 -11.00 10.47
N GLY B 39 -27.97 -11.74 9.43
CA GLY B 39 -27.20 -12.88 8.96
C GLY B 39 -26.60 -12.54 7.61
N TYR B 40 -25.57 -13.28 7.19
CA TYR B 40 -24.94 -13.05 5.89
C TYR B 40 -24.74 -14.34 5.15
N ARG B 41 -25.26 -14.43 3.93
CA ARG B 41 -25.09 -15.65 3.14
C ARG B 41 -24.04 -15.42 2.08
N CYS B 42 -23.05 -16.32 2.01
CA CYS B 42 -22.01 -16.23 1.01
C CYS B 42 -22.64 -16.50 -0.36
N LYS B 43 -22.40 -15.61 -1.32
CA LYS B 43 -22.94 -15.74 -2.68
C LYS B 43 -22.26 -16.87 -3.46
N LYS B 44 -21.02 -17.27 -3.08
CA LYS B 44 -20.24 -18.29 -3.79
C LYS B 44 -20.50 -19.72 -3.31
N CYS B 45 -20.56 -19.94 -2.00
CA CYS B 45 -20.77 -21.30 -1.48
C CYS B 45 -22.14 -21.50 -0.79
N GLY B 46 -22.86 -20.42 -0.53
CA GLY B 46 -24.18 -20.48 0.11
C GLY B 46 -24.19 -20.60 1.61
N GLN B 47 -23.00 -20.52 2.27
CA GLN B 47 -22.91 -20.60 3.72
C GLN B 47 -23.49 -19.37 4.40
N LEU B 48 -24.31 -19.58 5.44
CA LEU B 48 -24.90 -18.53 6.25
C LEU B 48 -24.07 -18.41 7.52
N ASP B 49 -23.74 -17.18 7.89
CA ASP B 49 -22.94 -16.90 9.09
C ASP B 49 -23.23 -15.48 9.54
N PHE B 50 -22.67 -15.09 10.68
CA PHE B 50 -22.76 -13.71 11.16
C PHE B 50 -21.70 -12.94 10.36
N LYS B 51 -21.74 -11.60 10.42
CA LYS B 51 -20.84 -10.73 9.65
C LYS B 51 -19.38 -11.14 9.70
N THR B 52 -18.75 -11.20 8.51
CA THR B 52 -17.32 -11.51 8.32
C THR B 52 -16.80 -10.77 7.08
N GLU B 53 -15.50 -10.49 7.06
CA GLU B 53 -14.83 -9.87 5.92
C GLU B 53 -14.71 -10.89 4.77
N MET B 54 -14.50 -12.18 5.12
CA MET B 54 -14.37 -13.27 4.17
C MET B 54 -15.04 -14.54 4.65
N CYS B 55 -15.57 -15.35 3.72
CA CYS B 55 -16.26 -16.57 4.04
C CYS B 55 -15.29 -17.62 4.62
N THR B 56 -15.62 -18.17 5.79
CA THR B 56 -14.74 -19.17 6.44
C THR B 56 -14.66 -20.46 5.64
N ASN B 57 -15.70 -20.75 4.83
CA ASN B 57 -15.76 -21.96 4.03
C ASN B 57 -15.00 -21.85 2.69
N CYS B 58 -15.15 -20.76 1.94
CA CYS B 58 -14.56 -20.66 0.60
C CYS B 58 -13.65 -19.45 0.38
N TRP B 59 -13.59 -18.53 1.36
CA TRP B 59 -12.77 -17.31 1.35
C TRP B 59 -13.29 -16.20 0.42
N SER B 60 -14.52 -16.33 -0.10
CA SER B 60 -15.13 -15.30 -0.94
C SER B 60 -15.44 -14.08 -0.05
N GLU B 61 -15.52 -12.90 -0.64
CA GLU B 61 -15.81 -11.67 0.07
C GLU B 61 -17.15 -11.06 -0.39
N GLU B 62 -17.97 -11.86 -1.11
CA GLU B 62 -19.28 -11.47 -1.67
C GLU B 62 -20.43 -12.10 -0.90
N PHE B 63 -21.23 -11.26 -0.23
CA PHE B 63 -22.34 -11.72 0.62
C PHE B 63 -23.65 -10.98 0.34
N GLU B 64 -24.75 -11.56 0.80
CA GLU B 64 -26.10 -11.00 0.78
C GLU B 64 -26.59 -11.00 2.23
N MET B 65 -27.07 -9.84 2.74
CA MET B 65 -27.58 -9.76 4.11
C MET B 65 -28.93 -10.47 4.16
N VAL B 66 -29.11 -11.35 5.16
CA VAL B 66 -30.35 -12.10 5.37
C VAL B 66 -30.91 -11.74 6.76
N PRO B 67 -32.07 -11.03 6.89
CA PRO B 67 -32.60 -10.73 8.24
C PRO B 67 -33.02 -12.03 8.90
N LEU B 68 -32.65 -12.21 10.16
CA LEU B 68 -32.93 -13.42 10.93
C LEU B 68 -34.18 -13.29 11.78
N SER B 69 -34.80 -14.43 12.06
CA SER B 69 -36.00 -14.57 12.88
C SER B 69 -35.79 -13.97 14.25
N ARG B 70 -36.81 -13.22 14.73
CA ARG B 70 -36.83 -12.60 16.06
C ARG B 70 -37.12 -13.65 17.13
N ARG B 71 -37.72 -14.81 16.75
CA ARG B 71 -38.02 -15.90 17.65
C ARG B 71 -37.07 -17.07 17.49
N GLY B 72 -36.68 -17.63 18.62
CA GLY B 72 -35.76 -18.75 18.70
C GLY B 72 -36.10 -19.66 19.85
N LYS B 73 -35.32 -20.72 20.00
CA LYS B 73 -35.48 -21.73 21.04
C LYS B 73 -34.26 -21.72 21.93
N VAL B 74 -34.47 -21.81 23.25
CA VAL B 74 -33.38 -21.92 24.21
C VAL B 74 -32.84 -23.34 24.04
N TYR B 75 -31.70 -23.51 23.35
CA TYR B 75 -31.12 -24.84 23.18
C TYR B 75 -30.63 -25.30 24.57
N SER B 76 -29.93 -24.42 25.27
CA SER B 76 -29.45 -24.61 26.64
C SER B 76 -29.20 -23.26 27.27
N PHE B 77 -29.09 -23.22 28.59
CA PHE B 77 -28.90 -22.00 29.35
C PHE B 77 -28.22 -22.34 30.68
N SER B 78 -27.83 -21.30 31.40
CA SER B 78 -27.25 -21.42 32.72
C SER B 78 -27.52 -20.16 33.54
N ASP B 79 -27.96 -20.36 34.80
CA ASP B 79 -28.18 -19.33 35.81
C ASP B 79 -26.79 -19.12 36.42
N ILE B 80 -26.21 -17.92 36.19
CA ILE B 80 -24.86 -17.54 36.58
C ILE B 80 -24.85 -16.82 37.94
N TYR B 81 -24.18 -17.41 38.94
CA TYR B 81 -24.08 -16.84 40.28
C TYR B 81 -22.70 -16.20 40.52
N ILE B 82 -21.67 -16.79 39.91
CA ILE B 82 -20.31 -16.27 39.92
C ILE B 82 -19.99 -16.11 38.42
N GLY B 83 -20.11 -14.86 37.97
CA GLY B 83 -19.94 -14.51 36.57
C GLY B 83 -18.72 -13.68 36.26
N GLN B 84 -18.79 -12.97 35.11
CA GLN B 84 -17.70 -12.10 34.65
C GLN B 84 -17.55 -10.93 35.63
N GLN B 85 -16.30 -10.54 35.94
CA GLN B 85 -16.08 -9.48 36.94
C GLN B 85 -16.46 -8.12 36.36
N GLY B 86 -17.39 -7.46 37.07
CA GLY B 86 -18.00 -6.19 36.71
C GLY B 86 -19.50 -6.33 36.48
N LEU B 87 -19.94 -7.53 36.04
CA LEU B 87 -21.34 -7.84 35.77
C LEU B 87 -22.07 -8.23 37.06
N ALA B 88 -23.24 -7.60 37.32
CA ALA B 88 -24.06 -7.86 38.51
C ALA B 88 -24.70 -9.26 38.44
N THR B 89 -24.68 -9.98 39.57
CA THR B 89 -25.17 -11.35 39.67
C THR B 89 -26.41 -11.47 40.57
N PRO B 90 -27.32 -12.46 40.31
CA PRO B 90 -27.28 -13.45 39.21
C PRO B 90 -27.72 -12.92 37.86
N TYR B 91 -27.23 -13.57 36.79
CA TYR B 91 -27.63 -13.30 35.42
C TYR B 91 -27.74 -14.62 34.67
N ILE B 92 -28.38 -14.62 33.49
CA ILE B 92 -28.61 -15.83 32.70
C ILE B 92 -28.09 -15.61 31.29
N PHE B 93 -27.46 -16.63 30.71
CA PHE B 93 -27.05 -16.65 29.31
C PHE B 93 -27.44 -17.97 28.68
N ALA B 94 -27.46 -18.03 27.35
CA ALA B 94 -27.96 -19.20 26.65
C ALA B 94 -27.47 -19.30 25.23
N TYR B 95 -27.68 -20.49 24.65
CA TYR B 95 -27.52 -20.76 23.23
C TYR B 95 -28.94 -20.67 22.72
N VAL B 96 -29.20 -19.72 21.82
CA VAL B 96 -30.52 -19.52 21.22
C VAL B 96 -30.45 -19.96 19.76
N ASP B 97 -31.17 -21.04 19.41
CA ASP B 97 -31.18 -21.55 18.04
C ASP B 97 -32.28 -20.90 17.26
N LEU B 98 -31.92 -20.33 16.11
CA LEU B 98 -32.85 -19.65 15.21
C LEU B 98 -33.26 -20.60 14.10
N PRO B 99 -34.48 -20.47 13.50
CA PRO B 99 -34.90 -21.41 12.42
C PRO B 99 -33.98 -21.47 11.20
N GLU B 100 -33.18 -20.40 10.97
CA GLU B 100 -32.21 -20.33 9.87
C GLU B 100 -30.96 -21.21 10.12
N ASN B 101 -30.98 -22.05 11.19
CA ASN B 101 -29.92 -22.98 11.56
C ASN B 101 -28.64 -22.22 11.96
N LEU B 102 -28.83 -21.19 12.80
CA LEU B 102 -27.78 -20.34 13.35
C LEU B 102 -27.98 -20.24 14.86
N ARG B 103 -26.90 -20.47 15.61
CA ARG B 103 -26.89 -20.41 17.08
C ARG B 103 -26.37 -19.07 17.52
N VAL B 104 -27.11 -18.40 18.40
CA VAL B 104 -26.75 -17.10 18.96
C VAL B 104 -26.52 -17.25 20.46
N PHE B 105 -25.37 -16.77 20.96
CA PHE B 105 -25.15 -16.73 22.38
C PHE B 105 -25.71 -15.37 22.85
N ALA B 106 -26.55 -15.37 23.91
CA ALA B 106 -27.14 -14.15 24.43
C ALA B 106 -27.61 -14.33 25.86
N GLN B 107 -27.74 -13.20 26.58
CA GLN B 107 -28.27 -13.18 27.95
C GLN B 107 -29.79 -13.33 27.84
N LEU B 108 -30.38 -13.96 28.86
CA LEU B 108 -31.84 -14.15 28.90
C LEU B 108 -32.40 -13.23 29.97
N GLU B 109 -33.48 -12.51 29.65
CA GLU B 109 -34.11 -11.64 30.64
C GLU B 109 -35.00 -12.47 31.55
N GLY B 110 -35.06 -12.11 32.82
CA GLY B 110 -35.90 -12.81 33.78
C GLY B 110 -35.17 -13.37 34.99
N GLU B 111 -35.87 -14.24 35.72
CA GLU B 111 -35.38 -14.82 36.97
C GLU B 111 -34.73 -16.18 36.82
N VAL B 112 -33.87 -16.49 37.81
CA VAL B 112 -33.17 -17.77 37.96
C VAL B 112 -34.20 -18.87 38.24
N ASP B 113 -33.92 -20.09 37.76
CA ASP B 113 -34.77 -21.29 37.91
C ASP B 113 -36.17 -21.12 37.27
N THR B 114 -36.25 -20.47 36.10
CA THR B 114 -37.52 -20.29 35.38
C THR B 114 -37.44 -20.76 33.93
N TYR B 115 -36.22 -20.84 33.35
CA TYR B 115 -36.06 -21.29 31.97
C TYR B 115 -35.93 -22.81 31.87
N ARG B 116 -36.17 -23.34 30.67
CA ARG B 116 -36.09 -24.77 30.36
C ARG B 116 -35.52 -24.93 28.96
N CYS B 117 -34.98 -26.11 28.66
CA CYS B 117 -34.45 -26.41 27.32
C CYS B 117 -35.62 -26.55 26.33
N ASP B 118 -35.43 -26.05 25.09
CA ASP B 118 -36.38 -26.02 23.96
C ASP B 118 -37.53 -24.99 24.13
N GLU B 119 -37.40 -24.09 25.11
CA GLU B 119 -38.39 -23.04 25.38
C GLU B 119 -38.26 -21.94 24.31
N GLU B 120 -39.41 -21.50 23.74
CA GLU B 120 -39.48 -20.43 22.76
C GLU B 120 -39.20 -19.08 23.40
N VAL B 121 -38.37 -18.28 22.74
CA VAL B 121 -37.96 -16.94 23.20
C VAL B 121 -38.03 -15.92 22.08
N GLU B 122 -38.01 -14.64 22.44
CA GLU B 122 -38.12 -13.55 21.49
C GLU B 122 -37.00 -12.52 21.73
N LEU B 123 -36.51 -11.90 20.62
CA LEU B 123 -35.45 -10.89 20.63
C LEU B 123 -35.92 -9.62 21.38
N THR B 124 -35.06 -9.08 22.22
CA THR B 124 -35.31 -7.86 23.01
C THR B 124 -34.01 -7.05 23.19
N LEU B 125 -34.15 -5.75 23.44
CA LEU B 125 -32.98 -4.88 23.65
C LEU B 125 -32.82 -4.57 25.13
N GLY B 126 -31.58 -4.61 25.62
CA GLY B 126 -31.28 -4.35 27.01
C GLY B 126 -29.79 -4.22 27.29
N PRO B 127 -29.43 -3.69 28.49
CA PRO B 127 -28.00 -3.56 28.83
C PRO B 127 -27.36 -4.91 29.12
N ILE B 128 -26.22 -5.19 28.49
CA ILE B 128 -25.51 -6.46 28.68
C ILE B 128 -24.33 -6.35 29.67
N ARG B 129 -23.77 -5.12 29.80
CA ARG B 129 -22.64 -4.77 30.66
C ARG B 129 -22.38 -3.26 30.65
N MET B 130 -21.59 -2.78 31.63
CA MET B 130 -21.17 -1.38 31.69
C MET B 130 -19.88 -1.30 30.86
N ASN B 131 -19.72 -0.23 30.08
CA ASN B 131 -18.53 -0.06 29.25
C ASN B 131 -17.36 0.45 30.10
N ASN B 132 -16.28 0.93 29.46
CA ASN B 132 -15.11 1.46 30.18
C ASN B 132 -15.34 2.85 30.76
N ASP B 133 -16.38 3.56 30.29
CA ASP B 133 -16.75 4.90 30.77
C ASP B 133 -17.90 4.78 31.81
N ASN B 134 -18.19 3.53 32.23
CA ASN B 134 -19.25 3.10 33.17
C ASN B 134 -20.64 3.52 32.70
N LEU B 135 -20.89 3.33 31.41
CA LEU B 135 -22.17 3.59 30.78
C LEU B 135 -22.65 2.25 30.22
N PRO B 136 -23.96 1.93 30.26
CA PRO B 136 -24.39 0.61 29.74
C PRO B 136 -24.22 0.44 28.24
N ILE B 137 -23.92 -0.80 27.86
CA ILE B 137 -23.84 -1.19 26.47
C ILE B 137 -25.17 -1.85 26.15
N ILE B 138 -25.88 -1.28 25.17
CA ILE B 138 -27.16 -1.81 24.74
C ILE B 138 -26.87 -2.86 23.67
N SER B 139 -27.44 -4.05 23.84
CA SER B 139 -27.29 -5.11 22.87
C SER B 139 -28.57 -5.95 22.84
N TYR B 140 -28.52 -7.05 22.10
CA TYR B 140 -29.64 -8.00 22.00
C TYR B 140 -29.58 -8.96 23.19
N LYS B 141 -30.75 -9.36 23.66
CA LYS B 141 -31.01 -10.36 24.70
C LYS B 141 -32.28 -11.08 24.23
N PHE B 142 -32.59 -12.23 24.85
CA PHE B 142 -33.83 -12.96 24.53
C PHE B 142 -34.70 -13.01 25.77
N LYS B 143 -36.02 -13.06 25.59
CA LYS B 143 -36.96 -13.11 26.71
C LYS B 143 -38.11 -14.09 26.44
N LYS B 144 -38.80 -14.53 27.50
CA LYS B 144 -39.97 -15.41 27.41
C LYS B 144 -41.06 -14.68 26.65
N ILE B 145 -41.80 -15.42 25.81
CA ILE B 145 -42.90 -14.87 25.00
C ILE B 145 -44.16 -14.75 25.87
N ALA B 146 -44.83 -13.58 25.81
CA ALA B 146 -46.06 -13.27 26.55
C ALA B 146 -47.26 -13.91 25.88
N MET C 1 19.52 -28.62 12.52
CA MET C 1 18.84 -29.88 12.23
C MET C 1 19.04 -30.26 10.77
N LYS C 2 19.60 -31.47 10.53
CA LYS C 2 19.84 -32.01 9.18
C LYS C 2 18.50 -32.32 8.52
N LEU C 3 18.32 -31.92 7.26
CA LEU C 3 17.07 -32.13 6.53
C LEU C 3 17.14 -33.51 5.86
N GLN C 4 16.24 -34.43 6.24
CA GLN C 4 16.19 -35.80 5.69
C GLN C 4 15.83 -35.81 4.20
N ARG C 5 15.08 -34.80 3.75
CA ARG C 5 14.76 -34.55 2.35
C ARG C 5 14.68 -33.04 2.16
N GLU C 6 14.72 -32.60 0.90
CA GLU C 6 14.64 -31.20 0.53
C GLU C 6 13.33 -30.52 0.92
N VAL C 7 13.45 -29.27 1.40
CA VAL C 7 12.32 -28.44 1.80
C VAL C 7 12.45 -27.13 1.06
N TYR C 8 11.34 -26.68 0.47
CA TYR C 8 11.27 -25.42 -0.27
C TYR C 8 10.17 -24.53 0.29
N ILE C 9 10.36 -23.20 0.16
CA ILE C 9 9.38 -22.20 0.57
C ILE C 9 8.57 -21.83 -0.68
N ALA C 10 7.23 -21.91 -0.56
CA ALA C 10 6.30 -21.55 -1.62
C ALA C 10 5.93 -20.06 -1.41
N GLY C 11 4.70 -19.75 -1.06
CA GLY C 11 4.29 -18.38 -0.81
C GLY C 11 4.70 -17.87 0.56
N VAL C 12 4.84 -16.55 0.67
CA VAL C 12 5.14 -15.84 1.92
C VAL C 12 4.08 -14.76 2.11
N GLY C 13 3.82 -14.41 3.37
CA GLY C 13 2.88 -13.36 3.75
C GLY C 13 3.53 -12.40 4.71
N GLU C 14 3.16 -11.14 4.66
CA GLU C 14 3.76 -10.12 5.56
C GLU C 14 2.79 -8.96 5.67
N THR C 15 2.51 -8.51 6.90
CA THR C 15 1.58 -7.38 7.10
C THR C 15 2.49 -6.19 7.17
N LYS C 16 1.91 -4.97 7.14
CA LYS C 16 2.67 -3.76 7.44
C LYS C 16 3.03 -3.84 8.94
N PHE C 17 4.20 -3.32 9.31
CA PHE C 17 4.58 -3.31 10.72
C PHE C 17 4.45 -1.89 11.26
N GLY C 18 3.86 -1.76 12.44
CA GLY C 18 3.67 -0.47 13.10
C GLY C 18 2.72 -0.58 14.27
N LYS C 19 1.95 0.49 14.49
CA LYS C 19 0.94 0.50 15.53
C LYS C 19 -0.37 0.07 14.86
N HIS C 20 -0.88 -1.12 15.24
CA HIS C 20 -2.13 -1.65 14.67
C HIS C 20 -3.32 -1.59 15.63
N THR C 21 -4.51 -1.36 15.08
CA THR C 21 -5.78 -1.31 15.82
C THR C 21 -6.56 -2.62 15.62
N VAL C 22 -6.00 -3.55 14.78
CA VAL C 22 -6.48 -4.92 14.59
C VAL C 22 -5.54 -5.83 15.39
N ASP C 23 -6.10 -6.84 16.08
CA ASP C 23 -5.31 -7.72 16.95
C ASP C 23 -4.45 -8.73 16.19
N PHE C 24 -3.66 -9.50 16.94
CA PHE C 24 -2.71 -10.55 16.51
C PHE C 24 -3.38 -11.58 15.59
N ASP C 25 -4.65 -11.94 15.86
CA ASP C 25 -5.40 -12.94 15.10
C ASP C 25 -5.71 -12.46 13.70
N VAL C 26 -6.11 -11.18 13.54
CA VAL C 26 -6.40 -10.54 12.25
C VAL C 26 -5.10 -10.39 11.45
N LEU C 27 -4.00 -9.96 12.11
CA LEU C 27 -2.69 -9.80 11.45
C LEU C 27 -2.17 -11.14 10.97
N GLY C 28 -2.26 -12.16 11.83
CA GLY C 28 -1.83 -13.53 11.52
C GLY C 28 -2.64 -14.09 10.36
N ARG C 29 -3.94 -13.88 10.39
CA ARG C 29 -4.85 -14.30 9.30
C ARG C 29 -4.43 -13.65 7.96
N GLU C 30 -4.21 -12.31 7.95
CA GLU C 30 -3.78 -11.56 6.77
C GLU C 30 -2.46 -12.16 6.22
N ALA C 31 -1.43 -12.34 7.08
CA ALA C 31 -0.15 -12.95 6.68
C ALA C 31 -0.31 -14.44 6.22
N ALA C 32 -1.09 -15.26 6.92
CA ALA C 32 -1.27 -16.67 6.48
C ALA C 32 -2.01 -16.74 5.10
N LEU C 33 -3.07 -15.93 4.92
CA LEU C 33 -3.83 -15.90 3.67
C LEU C 33 -2.93 -15.48 2.49
N GLN C 34 -2.11 -14.43 2.68
CA GLN C 34 -1.17 -13.97 1.64
C GLN C 34 -0.17 -15.07 1.25
N ALA C 35 0.43 -15.77 2.24
CA ALA C 35 1.36 -16.91 2.04
C ALA C 35 0.67 -18.04 1.28
N MET C 36 -0.59 -18.33 1.62
CA MET C 36 -1.35 -19.37 0.96
C MET C 36 -1.68 -19.02 -0.49
N ASN C 37 -2.15 -17.77 -0.74
CA ASN C 37 -2.45 -17.31 -2.10
C ASN C 37 -1.17 -17.27 -2.96
N GLY C 38 -0.03 -16.99 -2.32
CA GLY C 38 1.28 -16.97 -2.97
C GLY C 38 1.77 -18.36 -3.31
N SER C 39 1.14 -19.40 -2.73
CA SER C 39 1.45 -20.82 -2.94
C SER C 39 0.46 -21.48 -3.86
N ASN C 40 -0.49 -20.69 -4.41
CA ASN C 40 -1.58 -21.14 -5.28
C ASN C 40 -2.51 -22.08 -4.53
N ILE C 41 -2.80 -21.68 -3.26
CA ILE C 41 -3.71 -22.29 -2.27
C ILE C 41 -4.86 -21.29 -2.07
N ASP C 42 -5.99 -21.58 -2.71
CA ASP C 42 -7.21 -20.76 -2.72
C ASP C 42 -8.31 -21.41 -1.84
N ARG C 43 -8.00 -22.57 -1.21
CA ARG C 43 -8.93 -23.38 -0.41
C ARG C 43 -8.34 -23.79 0.97
N PRO C 44 -9.20 -23.88 2.00
CA PRO C 44 -8.70 -24.21 3.36
C PRO C 44 -8.11 -25.59 3.69
N ASP C 45 -8.28 -26.67 2.87
CA ASP C 45 -7.79 -28.01 3.28
C ASP C 45 -6.42 -28.52 2.67
N MET C 46 -5.61 -27.67 1.99
CA MET C 46 -4.32 -28.13 1.41
C MET C 46 -3.18 -28.30 2.47
N ILE C 47 -3.06 -27.35 3.40
CA ILE C 47 -2.05 -27.36 4.47
C ILE C 47 -2.35 -28.49 5.47
N GLN C 48 -1.32 -29.32 5.76
CA GLN C 48 -1.42 -30.48 6.65
C GLN C 48 -1.06 -30.20 8.11
N SER C 49 -0.27 -29.15 8.38
CA SER C 49 0.08 -28.76 9.77
C SER C 49 0.41 -27.30 9.84
N ALA C 50 0.21 -26.70 11.03
CA ALA C 50 0.48 -25.28 11.22
C ALA C 50 1.15 -25.05 12.58
N TYR C 51 2.17 -24.19 12.61
CA TYR C 51 2.89 -23.78 13.81
C TYR C 51 2.89 -22.29 13.89
N VAL C 52 2.48 -21.74 15.03
CA VAL C 52 2.38 -20.29 15.18
C VAL C 52 3.19 -19.78 16.39
N GLY C 53 3.99 -18.75 16.13
CA GLY C 53 4.86 -18.08 17.10
C GLY C 53 4.25 -16.83 17.68
N ASN C 54 4.28 -16.73 19.01
CA ASN C 54 3.71 -15.61 19.78
C ASN C 54 4.46 -15.52 21.08
N GLY C 55 4.43 -14.34 21.68
CA GLY C 55 5.08 -14.10 22.96
C GLY C 55 4.13 -13.87 24.11
N MET C 56 3.22 -12.89 23.97
CA MET C 56 2.33 -12.42 25.06
C MET C 56 0.84 -12.26 24.76
N ASN C 57 0.36 -12.69 23.61
CA ASN C 57 -1.06 -12.45 23.32
C ASN C 57 -2.03 -13.46 23.83
N ASP C 58 -1.73 -14.75 23.59
CA ASP C 58 -2.69 -15.81 23.82
C ASP C 58 -2.01 -17.16 23.93
N MET C 59 -2.66 -18.11 24.59
CA MET C 59 -2.21 -19.49 24.74
C MET C 59 -2.61 -20.32 23.51
N THR C 60 -3.57 -19.82 22.69
CA THR C 60 -4.06 -20.56 21.51
C THR C 60 -4.02 -19.67 20.27
N THR C 61 -2.86 -18.99 20.06
CA THR C 61 -2.64 -18.02 18.98
C THR C 61 -2.99 -18.53 17.58
N GLY C 62 -2.44 -19.68 17.20
CA GLY C 62 -2.67 -20.31 15.91
C GLY C 62 -4.11 -20.65 15.62
N GLN C 63 -4.82 -21.12 16.65
CA GLN C 63 -6.24 -21.49 16.56
C GLN C 63 -7.09 -20.27 16.33
N ALA C 64 -6.76 -19.13 16.99
CA ALA C 64 -7.43 -17.85 16.81
C ALA C 64 -7.06 -17.30 15.43
N VAL C 65 -5.83 -17.54 14.92
CA VAL C 65 -5.39 -17.10 13.58
C VAL C 65 -6.19 -17.83 12.46
N PHE C 66 -6.20 -19.18 12.49
CA PHE C 66 -6.82 -19.98 11.45
C PHE C 66 -8.33 -20.14 11.60
N ARG C 67 -8.91 -19.68 12.73
CA ARG C 67 -10.36 -19.74 12.98
C ARG C 67 -11.18 -19.10 11.83
N GLY C 68 -10.86 -17.85 11.47
CA GLY C 68 -11.55 -17.11 10.41
C GLY C 68 -11.32 -17.58 8.98
N LEU C 69 -10.36 -18.50 8.81
CA LEU C 69 -10.03 -19.06 7.51
C LEU C 69 -10.68 -20.43 7.32
N GLY C 70 -11.46 -20.87 8.32
CA GLY C 70 -12.15 -22.17 8.32
C GLY C 70 -11.21 -23.36 8.24
N MET C 71 -9.96 -23.18 8.74
CA MET C 71 -8.91 -24.19 8.65
C MET C 71 -8.76 -25.06 9.88
N CYS C 72 -9.27 -24.62 11.03
CA CYS C 72 -9.23 -25.41 12.25
C CYS C 72 -10.12 -26.62 12.07
N GLY C 73 -9.60 -27.78 12.44
CA GLY C 73 -10.33 -29.01 12.27
C GLY C 73 -9.44 -30.24 12.39
N PRO C 74 -10.01 -31.43 12.09
CA PRO C 74 -9.24 -32.67 12.21
C PRO C 74 -8.05 -32.82 11.27
N ASN C 75 -8.03 -32.02 10.20
CA ASN C 75 -6.98 -32.06 9.19
C ASN C 75 -5.91 -31.01 9.45
N LEU C 76 -6.06 -30.17 10.50
CA LEU C 76 -5.03 -29.19 10.80
C LEU C 76 -4.54 -29.23 12.26
N PRO C 77 -3.56 -30.12 12.60
CA PRO C 77 -2.99 -30.05 13.94
C PRO C 77 -2.23 -28.70 14.07
N ILE C 78 -2.61 -27.90 15.08
CA ILE C 78 -1.98 -26.59 15.30
C ILE C 78 -1.22 -26.64 16.61
N ILE C 79 0.04 -26.24 16.59
CA ILE C 79 0.89 -26.16 17.80
C ILE C 79 1.46 -24.76 17.87
N ASN C 80 1.28 -24.09 19.02
CA ASN C 80 1.81 -22.74 19.20
C ASN C 80 3.15 -22.85 19.87
N VAL C 81 4.10 -21.99 19.44
CA VAL C 81 5.48 -22.02 19.91
C VAL C 81 5.90 -20.71 20.54
N GLN C 82 6.73 -20.82 21.58
CA GLN C 82 7.38 -19.68 22.27
C GLN C 82 8.87 -19.96 22.41
N SER C 83 9.70 -18.96 22.18
CA SER C 83 11.00 -18.79 22.85
C SER C 83 11.37 -17.33 22.75
N ALA C 84 10.67 -16.46 23.47
CA ALA C 84 10.65 -15.01 23.23
C ALA C 84 10.71 -14.66 21.74
N CYS C 85 11.73 -13.90 21.37
CA CYS C 85 12.02 -13.43 20.02
C CYS C 85 12.24 -14.51 18.95
N SER C 86 12.49 -15.75 19.37
CA SER C 86 12.73 -16.87 18.46
C SER C 86 11.46 -17.44 17.88
N ALA C 87 10.31 -17.24 18.57
CA ALA C 87 9.00 -17.83 18.28
C ALA C 87 8.57 -17.89 16.79
N GLY C 88 8.61 -16.77 16.05
CA GLY C 88 8.21 -16.73 14.63
C GLY C 88 9.09 -17.59 13.74
N ALA C 89 10.40 -17.66 14.08
CA ALA C 89 11.36 -18.48 13.34
C ALA C 89 11.19 -19.93 13.71
N MET C 90 10.92 -20.24 15.01
CA MET C 90 10.69 -21.62 15.46
C MET C 90 9.42 -22.19 14.79
N ALA C 91 8.42 -21.34 14.58
CA ALA C 91 7.17 -21.71 13.87
C ALA C 91 7.52 -22.21 12.46
N VAL C 92 8.38 -21.48 11.74
CA VAL C 92 8.83 -21.86 10.37
C VAL C 92 9.67 -23.13 10.47
N PHE C 93 10.60 -23.21 11.46
CA PHE C 93 11.42 -24.39 11.70
C PHE C 93 10.58 -25.65 11.90
N CYS C 94 9.56 -25.60 12.78
CA CYS C 94 8.65 -26.72 13.04
C CYS C 94 7.92 -27.16 11.77
N ALA C 95 7.49 -26.20 10.92
CA ALA C 95 6.84 -26.50 9.65
C ALA C 95 7.85 -27.22 8.74
N ILE C 96 9.10 -26.71 8.68
CA ILE C 96 10.19 -27.31 7.88
C ILE C 96 10.48 -28.73 8.35
N LYS C 97 10.51 -28.96 9.68
CA LYS C 97 10.76 -30.28 10.25
C LYS C 97 9.68 -31.28 9.81
N ASP C 98 8.40 -30.88 9.83
CA ASP C 98 7.29 -31.74 9.38
C ASP C 98 7.46 -32.20 7.93
N VAL C 99 7.89 -31.27 7.07
CA VAL C 99 8.12 -31.56 5.65
C VAL C 99 9.38 -32.41 5.46
N ALA C 100 10.53 -32.00 6.07
CA ALA C 100 11.82 -32.69 5.96
C ALA C 100 11.77 -34.17 6.36
N THR C 101 10.93 -34.52 7.36
CA THR C 101 10.79 -35.87 7.89
C THR C 101 9.72 -36.71 7.17
N GLY C 102 8.95 -36.06 6.30
CA GLY C 102 7.87 -36.73 5.59
C GLY C 102 6.60 -36.89 6.41
N VAL C 103 6.48 -36.14 7.55
CA VAL C 103 5.25 -36.17 8.37
C VAL C 103 4.14 -35.49 7.54
N THR C 104 4.54 -34.44 6.79
CA THR C 104 3.67 -33.72 5.88
C THR C 104 4.45 -33.44 4.59
N ASP C 105 3.74 -32.97 3.54
CA ASP C 105 4.34 -32.56 2.26
C ASP C 105 4.16 -31.07 2.10
N LEU C 106 3.34 -30.48 2.97
CA LEU C 106 2.98 -29.08 2.95
C LEU C 106 2.48 -28.68 4.33
N SER C 107 3.11 -27.61 4.87
CA SER C 107 2.84 -27.05 6.19
C SER C 107 3.02 -25.54 6.12
N ILE C 108 2.63 -24.83 7.20
CA ILE C 108 2.77 -23.39 7.32
C ILE C 108 3.33 -23.01 8.70
N GLY C 109 4.22 -22.01 8.71
CA GLY C 109 4.80 -21.40 9.90
C GLY C 109 4.34 -19.95 9.98
N VAL C 110 3.65 -19.55 11.08
CA VAL C 110 3.15 -18.18 11.24
C VAL C 110 3.79 -17.52 12.46
N GLY C 111 4.15 -16.26 12.31
CA GLY C 111 4.65 -15.47 13.43
C GLY C 111 3.76 -14.26 13.54
N THR C 112 3.14 -14.01 14.72
CA THR C 112 2.23 -12.87 14.88
C THR C 112 2.27 -12.30 16.29
N GLU C 113 2.09 -10.98 16.39
CA GLU C 113 2.01 -10.26 17.68
C GLU C 113 1.40 -8.89 17.53
N ASN C 114 0.60 -8.51 18.53
CA ASN C 114 0.09 -7.19 18.69
C ASN C 114 0.35 -6.87 20.15
N HIS C 115 1.21 -5.87 20.36
CA HIS C 115 1.58 -5.33 21.66
C HIS C 115 0.80 -4.06 22.03
N THR C 116 0.76 -3.06 21.12
CA THR C 116 0.23 -1.71 21.36
C THR C 116 -1.28 -1.63 21.71
N MET C 117 -2.09 -2.65 21.36
CA MET C 117 -3.51 -2.67 21.71
C MET C 117 -3.74 -3.05 23.18
N HIS C 118 -2.72 -3.61 23.82
CA HIS C 118 -2.82 -4.14 25.18
C HIS C 118 -1.91 -3.45 26.20
N SER C 126 9.26 -8.27 32.04
CA SER C 126 10.01 -9.25 31.25
C SER C 126 10.57 -10.39 32.13
N ALA C 127 11.23 -10.05 33.27
CA ALA C 127 11.79 -11.03 34.22
C ALA C 127 11.33 -10.73 35.65
N ALA C 128 11.20 -11.78 36.47
CA ALA C 128 10.79 -11.68 37.87
C ALA C 128 11.95 -11.09 38.71
N ARG C 129 11.61 -10.47 39.86
CA ARG C 129 12.59 -9.89 40.79
C ARG C 129 13.52 -10.97 41.37
N SER C 130 13.05 -12.24 41.43
CA SER C 130 13.80 -13.42 41.87
C SER C 130 15.04 -13.68 41.00
N ASP C 131 15.04 -13.23 39.72
CA ASP C 131 16.21 -13.31 38.84
C ASP C 131 17.24 -12.34 39.44
N ILE C 132 18.41 -12.85 39.79
CA ILE C 132 19.45 -12.10 40.50
C ILE C 132 19.79 -10.74 39.83
N GLU C 133 20.00 -10.69 38.51
CA GLU C 133 20.32 -9.43 37.81
C GLU C 133 19.16 -8.44 37.84
N THR C 134 17.92 -8.94 37.74
CA THR C 134 16.69 -8.14 37.81
C THR C 134 16.56 -7.53 39.21
N MET C 135 16.85 -8.32 40.25
CA MET C 135 16.87 -7.83 41.64
C MET C 135 17.77 -6.61 41.75
N HIS C 136 18.97 -6.67 41.15
CA HIS C 136 19.98 -5.61 41.17
C HIS C 136 19.74 -4.45 40.17
N GLY C 137 18.59 -4.44 39.50
CA GLY C 137 18.18 -3.36 38.60
C GLY C 137 18.51 -3.48 37.13
N ALA C 138 18.79 -4.70 36.64
CA ALA C 138 19.10 -4.90 35.22
C ALA C 138 17.93 -4.50 34.32
N VAL C 139 18.27 -3.90 33.17
CA VAL C 139 17.36 -3.55 32.07
C VAL C 139 18.06 -4.02 30.79
N MET C 140 17.30 -4.57 29.83
CA MET C 140 17.84 -5.11 28.57
C MET C 140 18.74 -4.10 27.82
N THR C 141 18.34 -2.81 27.76
CA THR C 141 19.15 -1.79 27.08
C THR C 141 20.51 -1.66 27.74
N GLY C 142 20.57 -1.68 29.09
CA GLY C 142 21.80 -1.61 29.85
C GLY C 142 22.70 -2.80 29.63
N LYS C 143 22.10 -4.02 29.53
CA LYS C 143 22.79 -5.28 29.25
C LYS C 143 23.50 -5.18 27.89
N TYR C 144 22.80 -4.69 26.84
CA TYR C 144 23.37 -4.50 25.52
C TYR C 144 24.36 -3.34 25.51
N ALA C 145 24.10 -2.27 26.30
CA ALA C 145 25.00 -1.12 26.39
C ALA C 145 26.35 -1.53 26.98
N MET C 146 26.36 -2.54 27.87
CA MET C 146 27.61 -3.03 28.45
C MET C 146 28.44 -3.72 27.36
N ARG C 147 27.78 -4.37 26.40
CA ARG C 147 28.44 -5.03 25.27
C ARG C 147 29.08 -3.96 24.38
N ALA C 148 28.37 -2.82 24.17
CA ALA C 148 28.86 -1.68 23.39
C ALA C 148 30.04 -0.98 24.06
N THR C 149 29.92 -0.69 25.38
CA THR C 149 31.00 -0.07 26.18
C THR C 149 32.28 -0.91 26.10
N ARG C 150 32.16 -2.26 26.21
CA ARG C 150 33.30 -3.17 26.16
C ARG C 150 33.93 -3.17 24.76
N TYR C 151 33.10 -3.20 23.70
CA TYR C 151 33.54 -3.18 22.31
C TYR C 151 34.27 -1.87 21.97
N MET C 152 33.74 -0.74 22.46
CA MET C 152 34.34 0.60 22.31
C MET C 152 35.71 0.65 22.98
N HIS C 153 35.84 0.02 24.17
CA HIS C 153 37.08 -0.08 24.93
C HIS C 153 38.12 -0.90 24.14
N GLU C 154 37.71 -2.05 23.55
CA GLU C 154 38.59 -2.96 22.82
C GLU C 154 38.97 -2.53 21.39
N THR C 155 38.04 -1.89 20.65
CA THR C 155 38.29 -1.54 19.24
C THR C 155 38.51 -0.06 18.95
N GLY C 156 38.10 0.81 19.86
CA GLY C 156 38.19 2.25 19.67
C GLY C 156 36.97 2.80 18.94
N ALA C 157 35.91 1.96 18.82
CA ALA C 157 34.64 2.32 18.19
C ALA C 157 34.01 3.46 18.98
N THR C 158 33.33 4.38 18.28
CA THR C 158 32.70 5.53 18.93
C THR C 158 31.20 5.37 18.93
N ILE C 159 30.46 6.26 19.62
CA ILE C 159 28.99 6.28 19.63
C ILE C 159 28.47 6.61 18.21
N GLU C 160 29.25 7.35 17.41
CA GLU C 160 28.96 7.72 16.02
C GLU C 160 29.00 6.45 15.14
N ASP C 161 29.97 5.55 15.40
CA ASP C 161 30.09 4.28 14.68
C ASP C 161 28.89 3.41 14.97
N LEU C 162 28.46 3.37 16.25
CA LEU C 162 27.27 2.61 16.66
C LEU C 162 26.02 3.16 15.97
N ALA C 163 25.88 4.50 15.92
CA ALA C 163 24.79 5.24 15.29
C ALA C 163 24.62 4.91 13.80
N MET C 164 25.74 4.59 13.11
CA MET C 164 25.76 4.20 11.69
C MET C 164 24.87 2.99 11.38
N ILE C 165 24.65 2.11 12.37
CA ILE C 165 23.78 0.94 12.21
C ILE C 165 22.31 1.41 11.98
N THR C 166 21.85 2.40 12.78
CA THR C 166 20.50 2.97 12.66
C THR C 166 20.40 3.70 11.33
N VAL C 167 21.42 4.51 11.00
CA VAL C 167 21.46 5.28 9.75
C VAL C 167 21.31 4.35 8.55
N LYS C 168 22.15 3.32 8.47
CA LYS C 168 22.11 2.31 7.41
C LYS C 168 20.80 1.52 7.34
N ASN C 169 20.27 1.08 8.49
CA ASN C 169 19.08 0.22 8.48
C ASN C 169 17.84 1.02 8.14
N ARG C 170 17.78 2.30 8.57
CA ARG C 170 16.65 3.18 8.19
C ARG C 170 16.74 3.51 6.70
N LYS C 171 17.98 3.64 6.18
CA LYS C 171 18.27 3.92 4.76
C LYS C 171 17.74 2.73 3.93
N HIS C 172 18.05 1.50 4.38
CA HIS C 172 17.62 0.25 3.73
C HIS C 172 16.11 0.15 3.65
N ALA C 173 15.42 0.59 4.72
CA ALA C 173 13.97 0.58 4.83
C ALA C 173 13.21 1.71 4.07
N THR C 174 13.91 2.76 3.57
CA THR C 174 13.29 3.93 2.92
C THR C 174 12.14 3.58 1.98
N HIS C 175 12.38 2.70 1.04
CA HIS C 175 11.38 2.38 0.00
C HIS C 175 10.63 1.09 0.35
N ASN C 176 10.73 0.64 1.60
CA ASN C 176 10.02 -0.52 2.09
C ASN C 176 8.69 -0.11 2.72
N PRO C 177 7.54 -0.41 2.06
CA PRO C 177 6.24 -0.02 2.64
C PRO C 177 5.85 -0.79 3.90
N TYR C 178 6.49 -1.96 4.15
CA TYR C 178 6.25 -2.82 5.33
C TYR C 178 6.88 -2.31 6.60
N ALA C 179 7.97 -1.53 6.49
CA ALA C 179 8.70 -0.96 7.62
C ALA C 179 7.90 0.11 8.34
N TRP C 180 8.27 0.36 9.61
CA TRP C 180 7.60 1.34 10.46
C TRP C 180 8.33 2.69 10.37
N PHE C 181 9.61 2.72 10.78
CA PHE C 181 10.48 3.90 10.69
C PHE C 181 11.41 3.67 9.52
N LYS C 182 11.57 4.66 8.66
CA LYS C 182 12.40 4.55 7.47
C LYS C 182 12.88 5.93 7.00
N GLY C 183 13.78 5.93 6.03
CA GLY C 183 14.26 7.17 5.43
C GLY C 183 15.58 7.66 5.95
N ALA C 184 15.84 8.95 5.74
CA ALA C 184 17.08 9.58 6.13
C ALA C 184 17.06 10.08 7.56
N ILE C 185 18.08 9.67 8.30
CA ILE C 185 18.39 10.06 9.68
C ILE C 185 19.92 10.21 9.71
N THR C 186 20.42 11.30 10.31
CA THR C 186 21.86 11.49 10.36
C THR C 186 22.43 10.84 11.62
N VAL C 187 23.75 10.68 11.67
CA VAL C 187 24.45 10.16 12.85
C VAL C 187 24.15 11.06 14.07
N GLU C 188 24.20 12.40 13.85
CA GLU C 188 23.93 13.43 14.85
C GLU C 188 22.57 13.25 15.53
N GLU C 189 21.49 13.01 14.76
CA GLU C 189 20.14 12.81 15.27
C GLU C 189 20.04 11.54 16.14
N VAL C 190 20.74 10.48 15.74
CA VAL C 190 20.79 9.20 16.47
C VAL C 190 21.53 9.41 17.80
N VAL C 191 22.73 10.04 17.74
CA VAL C 191 23.59 10.33 18.90
C VAL C 191 22.91 11.32 19.87
N ASN C 192 22.17 12.32 19.34
CA ASN C 192 21.49 13.36 20.13
C ASN C 192 20.15 12.95 20.69
N SER C 193 19.62 11.76 20.33
CA SER C 193 18.34 11.31 20.88
C SER C 193 18.52 10.93 22.36
N ARG C 194 17.44 10.92 23.14
CA ARG C 194 17.43 10.62 24.57
C ARG C 194 18.28 9.39 24.95
N MET C 195 19.25 9.58 25.86
CA MET C 195 20.10 8.51 26.36
C MET C 195 19.27 7.54 27.19
N VAL C 196 19.38 6.24 26.87
CA VAL C 196 18.64 5.22 27.63
C VAL C 196 19.57 4.62 28.67
N ALA C 197 20.70 4.04 28.21
CA ALA C 197 21.78 3.42 29.00
C ALA C 197 23.04 3.59 28.15
N TYR C 198 23.98 4.49 28.56
CA TYR C 198 25.19 4.79 27.78
C TYR C 198 25.94 3.54 27.27
N PRO C 199 26.27 3.46 25.94
CA PRO C 199 26.07 4.46 24.88
C PRO C 199 24.80 4.29 24.01
N MET C 200 23.77 3.56 24.50
CA MET C 200 22.53 3.33 23.76
C MET C 200 21.52 4.50 23.90
N THR C 201 21.30 5.22 22.81
CA THR C 201 20.34 6.33 22.74
C THR C 201 19.02 5.70 22.25
N LEU C 202 17.91 6.44 22.37
CA LEU C 202 16.57 6.00 21.95
C LEU C 202 16.51 5.51 20.49
N GLN C 203 17.22 6.21 19.59
CA GLN C 203 17.24 5.87 18.17
C GLN C 203 18.09 4.63 17.83
N GLN C 204 18.88 4.12 18.78
CA GLN C 204 19.70 2.91 18.63
C GLN C 204 18.96 1.64 19.10
N CYS C 205 17.77 1.80 19.71
CA CYS C 205 16.97 0.72 20.28
C CYS C 205 15.77 0.44 19.39
N CYS C 206 15.49 -0.85 19.13
CA CYS C 206 14.31 -1.18 18.35
C CYS C 206 13.08 -0.92 19.24
N GLY C 207 11.98 -0.54 18.60
CA GLY C 207 10.75 -0.26 19.32
C GLY C 207 9.84 -1.47 19.41
N ILE C 208 8.77 -1.32 20.18
CA ILE C 208 7.72 -2.34 20.33
C ILE C 208 6.74 -2.07 19.18
N ALA C 209 6.44 -3.08 18.35
CA ALA C 209 5.53 -2.93 17.21
C ALA C 209 4.55 -4.09 17.07
N ASP C 210 3.61 -3.95 16.14
CA ASP C 210 2.63 -4.96 15.83
C ASP C 210 2.83 -5.39 14.38
N GLY C 211 2.61 -6.67 14.12
CA GLY C 211 2.72 -7.21 12.78
C GLY C 211 2.73 -8.71 12.77
N ALA C 212 2.71 -9.29 11.58
CA ALA C 212 2.73 -10.73 11.37
C ALA C 212 3.35 -11.08 10.04
N ALA C 213 3.80 -12.32 9.91
CA ALA C 213 4.35 -12.90 8.69
C ALA C 213 4.08 -14.42 8.67
N ALA C 214 4.06 -15.02 7.49
CA ALA C 214 3.80 -16.46 7.35
C ALA C 214 4.60 -17.01 6.19
N VAL C 215 4.99 -18.27 6.33
CA VAL C 215 5.84 -18.97 5.37
C VAL C 215 5.20 -20.33 5.10
N VAL C 216 4.96 -20.64 3.83
CA VAL C 216 4.43 -21.95 3.45
C VAL C 216 5.62 -22.73 2.93
N VAL C 217 5.82 -23.93 3.50
CA VAL C 217 6.92 -24.84 3.12
C VAL C 217 6.37 -26.11 2.52
N GLY C 218 7.10 -26.67 1.57
CA GLY C 218 6.73 -27.91 0.92
C GLY C 218 7.87 -28.71 0.34
N SER C 219 7.57 -29.99 0.01
CA SER C 219 8.52 -30.92 -0.61
C SER C 219 8.75 -30.45 -2.06
N LYS C 220 9.82 -30.95 -2.72
CA LYS C 220 10.13 -30.63 -4.12
C LYS C 220 8.91 -30.97 -5.02
N GLU C 221 8.28 -32.16 -4.80
CA GLU C 221 7.09 -32.62 -5.53
C GLU C 221 5.89 -31.68 -5.34
N MET C 222 5.71 -31.16 -4.10
CA MET C 222 4.65 -30.21 -3.77
C MET C 222 4.86 -28.88 -4.49
N MET C 223 6.14 -28.48 -4.72
CA MET C 223 6.45 -27.24 -5.46
C MET C 223 5.99 -27.32 -6.91
N LYS C 224 6.16 -28.50 -7.50
CA LYS C 224 5.79 -28.79 -8.87
C LYS C 224 4.28 -28.85 -8.97
N LYS C 225 3.62 -29.54 -8.00
CA LYS C 225 2.16 -29.71 -7.87
C LYS C 225 1.45 -28.36 -7.76
N LEU C 226 1.99 -27.44 -6.94
CA LEU C 226 1.42 -26.11 -6.76
C LEU C 226 1.80 -25.10 -7.86
N GLY C 227 2.76 -25.46 -8.71
CA GLY C 227 3.24 -24.60 -9.79
C GLY C 227 4.01 -23.40 -9.29
N ILE C 228 4.94 -23.63 -8.31
CA ILE C 228 5.75 -22.56 -7.74
C ILE C 228 6.87 -22.23 -8.71
N ALA C 229 6.87 -20.97 -9.21
CA ALA C 229 7.83 -20.48 -10.20
C ALA C 229 9.24 -20.35 -9.66
N LYS C 230 9.35 -19.76 -8.45
CA LYS C 230 10.64 -19.50 -7.79
C LYS C 230 10.71 -20.14 -6.38
N PRO C 231 10.73 -21.49 -6.26
CA PRO C 231 10.79 -22.10 -4.93
C PRO C 231 12.13 -21.80 -4.24
N VAL C 232 12.08 -21.29 -3.01
CA VAL C 232 13.28 -20.96 -2.25
C VAL C 232 13.66 -22.18 -1.41
N LYS C 233 14.84 -22.76 -1.69
CA LYS C 233 15.33 -23.94 -0.99
C LYS C 233 15.80 -23.64 0.44
N VAL C 234 15.39 -24.47 1.41
CA VAL C 234 15.87 -24.36 2.79
C VAL C 234 17.19 -25.14 2.77
N ALA C 235 18.32 -24.44 2.80
CA ALA C 235 19.64 -25.08 2.80
C ALA C 235 19.98 -25.62 4.21
N GLY C 236 19.46 -24.95 5.23
CA GLY C 236 19.65 -25.35 6.61
C GLY C 236 18.84 -24.51 7.57
N VAL C 237 18.67 -25.03 8.78
CA VAL C 237 17.95 -24.40 9.89
C VAL C 237 18.46 -25.01 11.20
N VAL C 238 18.79 -24.16 12.17
CA VAL C 238 19.35 -24.58 13.45
C VAL C 238 18.64 -23.86 14.60
N VAL C 239 18.36 -24.61 15.68
CA VAL C 239 17.78 -24.11 16.92
C VAL C 239 18.76 -24.56 18.02
N GLU C 240 19.12 -23.66 18.95
CA GLU C 240 19.93 -24.00 20.10
C GLU C 240 19.36 -23.29 21.33
N SER C 241 19.81 -23.69 22.53
CA SER C 241 19.49 -23.02 23.79
C SER C 241 20.82 -22.47 24.29
N GLY C 242 20.78 -21.41 25.08
CA GLY C 242 21.98 -20.72 25.52
C GLY C 242 22.69 -21.28 26.73
N PRO C 243 24.03 -21.48 26.67
CA PRO C 243 24.74 -22.02 27.84
C PRO C 243 24.64 -21.10 29.06
N TYR C 244 24.56 -21.70 30.24
CA TYR C 244 24.46 -21.02 31.52
C TYR C 244 25.72 -21.29 32.33
N HIS C 245 26.31 -20.21 32.85
CA HIS C 245 27.47 -20.20 33.73
C HIS C 245 27.69 -18.79 34.26
N ASN C 246 28.45 -18.67 35.39
CA ASN C 246 28.75 -17.39 36.02
C ASN C 246 30.24 -17.05 35.94
N ARG C 247 30.89 -17.52 34.87
CA ARG C 247 32.30 -17.27 34.62
C ARG C 247 32.45 -16.05 33.75
N PRO C 248 33.60 -15.33 33.77
CA PRO C 248 33.77 -14.20 32.85
C PRO C 248 33.67 -14.66 31.39
N ARG C 249 32.94 -13.89 30.61
CA ARG C 249 32.62 -14.16 29.22
C ARG C 249 33.09 -12.96 28.38
N ASP C 250 33.53 -13.20 27.13
CA ASP C 250 33.84 -12.12 26.21
C ASP C 250 32.46 -11.69 25.64
N ILE C 251 31.90 -10.57 26.14
CA ILE C 251 30.54 -10.11 25.74
C ILE C 251 30.54 -9.45 24.33
N THR C 252 31.74 -9.26 23.71
CA THR C 252 31.86 -8.80 22.32
C THR C 252 31.68 -10.01 21.40
N GLY C 253 31.64 -11.18 22.02
CA GLY C 253 31.34 -12.45 21.40
C GLY C 253 29.90 -12.78 21.80
N ASP C 254 29.39 -13.90 21.31
CA ASP C 254 28.04 -14.36 21.60
C ASP C 254 28.13 -15.87 21.54
N ASP C 255 28.14 -16.55 22.69
CA ASP C 255 28.36 -18.01 22.70
C ASP C 255 27.40 -18.76 21.80
N ILE C 256 26.10 -18.56 21.98
CA ILE C 256 25.03 -19.21 21.21
C ILE C 256 24.98 -18.80 19.73
N THR C 257 25.16 -17.50 19.39
CA THR C 257 25.16 -17.06 17.98
C THR C 257 26.35 -17.69 17.22
N GLU C 258 27.52 -17.78 17.85
CA GLU C 258 28.71 -18.39 17.25
C GLU C 258 28.49 -19.89 16.95
N THR C 259 27.98 -20.65 17.96
CA THR C 259 27.72 -22.08 17.80
C THR C 259 26.53 -22.35 16.82
N THR C 260 25.44 -21.50 16.86
CA THR C 260 24.30 -21.67 15.93
C THR C 260 24.74 -21.49 14.46
N SER C 261 25.43 -20.38 14.18
CA SER C 261 25.96 -20.05 12.85
C SER C 261 26.91 -21.12 12.36
N GLU C 262 27.91 -21.55 13.18
CA GLU C 262 28.84 -22.61 12.76
C GLU C 262 28.12 -23.95 12.45
N LYS C 263 27.11 -24.32 13.26
CA LYS C 263 26.31 -25.53 13.02
C LYS C 263 25.51 -25.37 11.69
N LEU C 264 25.00 -24.14 11.41
CA LEU C 264 24.26 -23.83 10.19
C LEU C 264 25.16 -23.95 8.96
N TYR C 265 26.42 -23.50 9.06
CA TYR C 265 27.42 -23.61 7.97
C TYR C 265 27.80 -25.07 7.72
N GLU C 266 28.06 -25.83 8.79
CA GLU C 266 28.42 -27.25 8.69
C GLU C 266 27.30 -28.08 8.04
N GLU C 267 26.05 -27.95 8.53
CA GLU C 267 24.88 -28.68 8.00
C GLU C 267 24.52 -28.30 6.57
N SER C 268 24.47 -27.00 6.25
CA SER C 268 24.12 -26.53 4.91
C SER C 268 25.24 -26.63 3.86
N GLY C 269 26.52 -26.63 4.25
CA GLY C 269 27.62 -26.65 3.28
C GLY C 269 27.87 -25.26 2.70
N ILE C 270 27.24 -24.23 3.31
CA ILE C 270 27.37 -22.83 2.90
C ILE C 270 28.06 -22.03 3.98
N GLY C 271 29.18 -21.40 3.62
CA GLY C 271 29.99 -20.58 4.51
C GLY C 271 29.47 -19.16 4.66
N PRO C 272 29.92 -18.44 5.71
CA PRO C 272 29.44 -17.05 5.92
C PRO C 272 29.82 -16.06 4.81
N LYS C 273 30.95 -16.31 4.11
CA LYS C 273 31.40 -15.44 3.02
C LYS C 273 30.54 -15.55 1.75
N GLU C 274 29.67 -16.59 1.68
CA GLU C 274 28.78 -16.82 0.53
C GLU C 274 27.42 -16.16 0.73
N VAL C 275 27.11 -15.71 1.97
CA VAL C 275 25.84 -15.07 2.35
C VAL C 275 25.78 -13.67 1.69
N ASN C 276 24.76 -13.44 0.86
CA ASN C 276 24.55 -12.17 0.14
C ASN C 276 23.74 -11.17 0.94
N ILE C 277 22.74 -11.67 1.70
CA ILE C 277 21.89 -10.83 2.54
C ILE C 277 21.68 -11.50 3.87
N LEU C 278 21.49 -10.69 4.91
CA LEU C 278 21.35 -11.21 6.25
C LEU C 278 20.41 -10.36 7.06
N GLU C 279 19.43 -11.02 7.67
CA GLU C 279 18.48 -10.42 8.59
C GLU C 279 18.84 -10.96 9.94
N LEU C 280 19.14 -10.09 10.89
CA LEU C 280 19.58 -10.57 12.21
C LEU C 280 18.81 -9.89 13.34
N HIS C 281 19.12 -10.24 14.59
CA HIS C 281 18.45 -9.67 15.75
C HIS C 281 19.06 -8.30 16.12
N ASP C 282 18.77 -7.26 15.32
CA ASP C 282 19.29 -5.92 15.60
C ASP C 282 18.34 -5.16 16.56
N ALA C 283 18.16 -5.69 17.78
CA ALA C 283 17.31 -5.02 18.78
C ALA C 283 18.00 -3.75 19.27
N PHE C 284 19.32 -3.70 19.08
CA PHE C 284 20.23 -2.62 19.45
C PHE C 284 21.30 -2.53 18.36
N THR C 285 21.80 -1.33 18.08
CA THR C 285 22.84 -1.13 17.06
C THR C 285 24.06 -2.04 17.27
N ILE C 286 24.50 -2.16 18.55
CA ILE C 286 25.66 -2.97 18.95
C ILE C 286 25.49 -4.45 18.60
N ALA C 287 24.28 -5.00 18.77
CA ALA C 287 23.99 -6.39 18.47
C ALA C 287 24.40 -6.70 17.03
N GLU C 288 23.95 -5.89 16.06
CA GLU C 288 24.29 -6.07 14.65
C GLU C 288 25.80 -6.06 14.41
N LEU C 289 26.45 -5.02 14.91
CA LEU C 289 27.90 -4.83 14.76
C LEU C 289 28.69 -5.99 15.31
N LEU C 290 28.31 -6.52 16.51
CA LEU C 290 28.97 -7.67 17.14
C LEU C 290 28.72 -8.93 16.33
N TYR C 291 27.49 -9.07 15.76
CA TYR C 291 27.11 -10.26 14.99
C TYR C 291 27.87 -10.41 13.68
N TYR C 292 28.50 -9.33 13.12
CA TYR C 292 29.33 -9.48 11.90
C TYR C 292 30.46 -10.47 12.24
N GLU C 293 31.03 -10.33 13.45
CA GLU C 293 32.11 -11.18 13.96
C GLU C 293 31.63 -12.53 14.41
N CYS C 294 30.56 -12.55 15.26
CA CYS C 294 30.00 -13.78 15.82
C CYS C 294 29.56 -14.75 14.75
N MET C 295 29.06 -14.24 13.62
CA MET C 295 28.62 -15.05 12.48
C MET C 295 29.72 -15.37 11.46
N GLY C 296 30.91 -14.80 11.66
CA GLY C 296 32.03 -15.07 10.78
C GLY C 296 31.99 -14.34 9.45
N LEU C 297 31.26 -13.18 9.37
CA LEU C 297 31.24 -12.34 8.17
C LEU C 297 32.60 -11.65 8.03
N CYS C 298 33.30 -11.44 9.17
CA CYS C 298 34.64 -10.87 9.31
C CYS C 298 35.34 -11.55 10.49
N LYS C 299 36.64 -11.28 10.68
CA LYS C 299 37.45 -11.84 11.78
C LYS C 299 37.09 -11.17 13.10
N LYS C 300 37.54 -11.80 14.21
CA LYS C 300 37.25 -11.43 15.59
C LYS C 300 37.21 -9.91 15.95
N GLY C 301 38.18 -9.03 15.75
CA GLY C 301 37.92 -7.63 16.13
C GLY C 301 37.66 -6.69 14.96
N ASP C 302 37.24 -7.24 13.80
CA ASP C 302 37.10 -6.51 12.54
C ASP C 302 35.71 -6.00 12.17
N GLY C 303 34.74 -6.14 13.08
CA GLY C 303 33.36 -5.71 12.86
C GLY C 303 33.27 -4.22 12.60
N LEU C 304 34.06 -3.42 13.36
CA LEU C 304 34.11 -1.96 13.20
C LEU C 304 34.61 -1.57 11.79
N LYS C 305 35.70 -2.20 11.32
CA LYS C 305 36.27 -1.97 9.98
C LYS C 305 35.26 -2.40 8.90
N PHE C 306 34.57 -3.54 9.11
CA PHE C 306 33.56 -4.10 8.21
C PHE C 306 32.40 -3.09 7.97
N LEU C 307 31.94 -2.44 9.06
CA LEU C 307 30.89 -1.43 9.04
C LEU C 307 31.39 -0.16 8.34
N ARG C 308 32.55 0.35 8.78
CA ARG C 308 33.19 1.57 8.26
C ARG C 308 33.49 1.47 6.78
N ASP C 309 33.86 0.26 6.28
CA ASP C 309 34.17 0.05 4.86
C ASP C 309 32.92 -0.19 3.96
N GLY C 310 31.73 -0.14 4.54
CA GLY C 310 30.47 -0.30 3.84
C GLY C 310 30.18 -1.73 3.40
N GLN C 311 30.80 -2.69 4.08
CA GLN C 311 30.67 -4.12 3.76
C GLN C 311 29.34 -4.73 4.19
N SER C 312 28.56 -4.05 5.05
CA SER C 312 27.24 -4.53 5.50
C SER C 312 26.05 -3.77 4.84
N THR C 313 26.33 -2.99 3.79
CA THR C 313 25.33 -2.26 3.00
C THR C 313 25.50 -2.59 1.50
N TYR C 314 24.71 -1.90 0.63
CA TYR C 314 24.66 -2.03 -0.82
C TYR C 314 26.04 -2.02 -1.50
N GLY C 315 26.31 -3.08 -2.22
CA GLY C 315 27.59 -3.18 -2.87
C GLY C 315 28.69 -3.81 -2.04
N GLY C 316 28.40 -4.09 -0.75
CA GLY C 316 29.37 -4.73 0.14
C GLY C 316 29.33 -6.25 0.02
N GLN C 317 30.09 -6.93 0.89
CA GLN C 317 30.19 -8.39 0.94
C GLN C 317 28.83 -9.02 1.24
N CYS C 318 28.09 -8.40 2.18
CA CYS C 318 26.80 -8.88 2.62
C CYS C 318 25.90 -7.71 3.01
N VAL C 319 24.75 -7.54 2.30
CA VAL C 319 23.80 -6.49 2.66
C VAL C 319 23.11 -6.99 3.93
N VAL C 320 23.35 -6.29 5.04
CA VAL C 320 22.77 -6.70 6.33
C VAL C 320 21.61 -5.81 6.68
N SER C 321 20.53 -6.43 7.15
CA SER C 321 19.25 -5.77 7.43
C SER C 321 18.69 -5.05 6.15
N PRO C 322 18.66 -5.69 4.94
CA PRO C 322 18.12 -4.99 3.75
C PRO C 322 16.63 -4.59 3.87
N ARG C 323 15.88 -5.26 4.78
CA ARG C 323 14.48 -4.92 5.04
C ARG C 323 14.39 -3.65 5.92
N GLY C 324 15.49 -3.38 6.61
CA GLY C 324 15.63 -2.31 7.57
C GLY C 324 15.80 -2.85 8.99
N GLY C 325 15.71 -4.17 9.12
CA GLY C 325 15.82 -4.88 10.39
C GLY C 325 14.79 -4.46 11.44
N LEU C 326 15.05 -4.85 12.72
CA LEU C 326 14.23 -4.53 13.89
C LEU C 326 14.25 -3.04 14.15
N LEU C 327 15.37 -2.35 13.81
CA LEU C 327 15.52 -0.89 13.98
C LEU C 327 14.55 -0.08 13.10
N SER C 328 14.03 -0.71 12.02
CA SER C 328 13.07 -0.02 11.14
C SER C 328 11.66 -0.58 11.25
N TYR C 329 11.53 -1.92 11.46
CA TYR C 329 10.19 -2.52 11.56
C TYR C 329 9.60 -2.40 12.98
N GLY C 330 10.47 -2.29 13.97
CA GLY C 330 10.06 -2.42 15.37
C GLY C 330 10.07 -3.91 15.63
N HIS C 331 9.65 -4.36 16.82
CA HIS C 331 9.75 -5.77 17.15
C HIS C 331 8.51 -6.40 17.80
N PRO C 332 7.60 -6.98 16.99
CA PRO C 332 6.49 -7.75 17.56
C PRO C 332 7.14 -9.13 17.84
N ILE C 333 7.29 -9.47 19.11
CA ILE C 333 8.03 -10.65 19.59
C ILE C 333 7.77 -11.90 18.74
N GLY C 334 6.50 -12.30 18.60
CA GLY C 334 6.14 -13.48 17.86
C GLY C 334 6.34 -13.43 16.36
N ALA C 335 6.38 -12.21 15.78
CA ALA C 335 6.44 -12.03 14.34
C ALA C 335 7.83 -11.88 13.68
N SER C 336 8.81 -11.29 14.36
CA SER C 336 10.10 -10.96 13.76
C SER C 336 10.83 -12.10 13.09
N GLY C 337 10.83 -13.28 13.70
CA GLY C 337 11.48 -14.47 13.16
C GLY C 337 10.91 -14.92 11.84
N ALA C 338 9.58 -14.85 11.72
CA ALA C 338 8.91 -15.21 10.48
C ALA C 338 9.06 -14.13 9.42
N ALA C 339 8.98 -12.84 9.85
CA ALA C 339 9.06 -11.69 8.95
C ALA C 339 10.41 -11.59 8.23
N GLN C 340 11.49 -12.01 8.88
CA GLN C 340 12.85 -12.01 8.34
C GLN C 340 12.94 -12.94 7.16
N ILE C 341 12.30 -14.13 7.29
CA ILE C 341 12.28 -15.18 6.26
C ILE C 341 11.42 -14.70 5.05
N ALA C 342 10.24 -14.12 5.31
CA ALA C 342 9.32 -13.60 4.26
C ALA C 342 10.06 -12.55 3.41
N GLN C 343 10.80 -11.62 4.06
CA GLN C 343 11.56 -10.59 3.34
C GLN C 343 12.76 -11.16 2.59
N ASN C 344 13.47 -12.15 3.18
CA ASN C 344 14.62 -12.80 2.56
C ASN C 344 14.19 -13.51 1.28
N VAL C 345 13.03 -14.15 1.31
CA VAL C 345 12.44 -14.86 0.16
C VAL C 345 12.13 -13.89 -0.99
N LYS C 346 11.55 -12.73 -0.66
CA LYS C 346 11.19 -11.75 -1.68
C LYS C 346 12.40 -11.12 -2.36
N GLN C 347 13.51 -10.94 -1.61
CA GLN C 347 14.81 -10.44 -2.09
C GLN C 347 15.47 -11.48 -3.05
N LEU C 348 15.40 -12.78 -2.69
CA LEU C 348 15.88 -13.87 -3.55
C LEU C 348 15.10 -13.93 -4.87
N ARG C 349 13.81 -13.61 -4.79
CA ARG C 349 12.89 -13.60 -5.96
C ARG C 349 12.93 -12.31 -6.78
N GLY C 350 13.78 -11.36 -6.37
CA GLY C 350 13.91 -10.06 -7.00
C GLY C 350 12.62 -9.23 -6.96
N GLU C 351 11.79 -9.40 -5.92
CA GLU C 351 10.46 -8.77 -5.80
C GLU C 351 10.37 -7.56 -4.86
N CYS C 352 11.50 -6.99 -4.46
CA CYS C 352 11.50 -5.90 -3.48
C CYS C 352 11.61 -4.48 -4.05
N GLY C 353 11.28 -4.32 -5.33
CA GLY C 353 11.27 -3.02 -6.02
C GLY C 353 12.35 -2.02 -5.64
N GLY C 354 11.92 -0.92 -5.01
CA GLY C 354 12.74 0.22 -4.58
C GLY C 354 13.81 -0.06 -3.56
N TYR C 355 13.73 -1.20 -2.83
CA TYR C 355 14.71 -1.59 -1.80
C TYR C 355 15.28 -2.99 -2.11
N GLN C 356 15.12 -3.43 -3.38
CA GLN C 356 15.67 -4.69 -3.87
C GLN C 356 17.21 -4.61 -3.88
N VAL C 357 17.89 -5.60 -3.30
CA VAL C 357 19.35 -5.67 -3.27
C VAL C 357 19.87 -5.96 -4.68
N GLY C 358 20.81 -5.11 -5.08
CA GLY C 358 21.57 -4.97 -6.32
C GLY C 358 21.76 -6.23 -7.09
N PRO C 359 22.96 -6.86 -7.16
CA PRO C 359 22.97 -8.17 -7.79
C PRO C 359 22.00 -9.00 -6.96
N THR C 360 20.92 -9.49 -7.58
CA THR C 360 19.92 -10.28 -6.87
C THR C 360 20.62 -11.30 -5.96
N PRO C 361 20.36 -11.28 -4.63
CA PRO C 361 21.00 -12.28 -3.75
C PRO C 361 20.59 -13.71 -4.12
N LYS C 362 21.50 -14.68 -3.89
CA LYS C 362 21.22 -16.10 -4.16
C LYS C 362 21.26 -16.89 -2.85
N VAL C 363 21.89 -16.31 -1.80
CA VAL C 363 22.05 -16.88 -0.47
C VAL C 363 21.57 -15.86 0.59
N ALA C 364 20.56 -16.23 1.39
CA ALA C 364 19.95 -15.39 2.41
C ALA C 364 19.95 -16.08 3.76
N MET C 365 20.48 -15.39 4.78
CA MET C 365 20.54 -15.94 6.14
C MET C 365 19.68 -15.05 7.07
N SER C 366 19.07 -15.66 8.10
CA SER C 366 18.26 -14.98 9.10
C SER C 366 18.60 -15.52 10.47
N HIS C 367 18.43 -14.67 11.51
CA HIS C 367 18.79 -14.93 12.91
C HIS C 367 17.94 -14.12 13.85
N VAL C 368 17.37 -14.81 14.82
CA VAL C 368 16.73 -14.21 16.01
C VAL C 368 17.27 -14.94 17.24
N THR C 369 17.23 -14.29 18.39
CA THR C 369 17.63 -14.92 19.66
C THR C 369 16.41 -14.98 20.58
N GLY C 370 16.47 -14.35 21.74
CA GLY C 370 15.27 -14.29 22.58
C GLY C 370 15.55 -14.74 24.00
N GLY C 371 15.05 -14.00 24.98
CA GLY C 371 15.18 -14.29 26.39
C GLY C 371 16.61 -14.24 26.88
N GLY C 372 16.83 -14.88 28.01
CA GLY C 372 18.15 -14.95 28.59
C GLY C 372 18.20 -14.42 30.00
N LEU C 373 18.16 -15.34 30.95
CA LEU C 373 18.24 -15.03 32.36
C LEU C 373 19.73 -14.73 32.71
N SER C 374 19.97 -14.32 33.96
CA SER C 374 21.34 -14.10 34.47
C SER C 374 22.14 -15.37 34.19
N GLY C 375 23.38 -15.23 33.73
CA GLY C 375 24.24 -16.38 33.42
C GLY C 375 24.19 -16.90 31.99
N THR C 376 23.22 -16.43 31.20
CA THR C 376 23.04 -16.82 29.80
C THR C 376 23.12 -15.56 28.93
N GLU C 377 23.71 -15.66 27.72
CA GLU C 377 23.79 -14.58 26.72
C GLU C 377 22.37 -14.39 26.12
N HIS C 378 21.71 -15.49 25.70
CA HIS C 378 20.31 -15.55 25.24
C HIS C 378 19.80 -16.93 25.62
N ALA C 379 18.47 -17.09 25.77
CA ALA C 379 17.86 -18.36 26.15
C ALA C 379 17.79 -19.28 24.92
N ALA C 380 17.58 -18.69 23.73
CA ALA C 380 17.41 -19.40 22.47
C ALA C 380 18.03 -18.67 21.29
N CYS C 381 18.24 -19.41 20.19
CA CYS C 381 18.71 -18.89 18.89
C CYS C 381 18.17 -19.77 17.80
N THR C 382 17.63 -19.14 16.75
CA THR C 382 17.09 -19.80 15.55
C THR C 382 17.70 -19.11 14.33
N MET C 383 18.33 -19.88 13.46
CA MET C 383 18.95 -19.35 12.23
C MET C 383 18.57 -20.20 11.02
N HIS C 384 18.18 -19.55 9.89
CA HIS C 384 17.83 -20.22 8.64
C HIS C 384 18.84 -19.82 7.55
N MET C 385 19.20 -20.78 6.67
CA MET C 385 20.01 -20.53 5.48
C MET C 385 19.12 -20.85 4.31
N LEU C 386 18.81 -19.84 3.50
CA LEU C 386 17.93 -20.01 2.32
C LEU C 386 18.69 -19.70 1.03
N VAL C 387 18.43 -20.48 -0.02
CA VAL C 387 19.07 -20.29 -1.33
C VAL C 387 18.07 -20.29 -2.50
N LYS C 388 18.53 -19.79 -3.65
CA LYS C 388 17.79 -19.83 -4.93
C LYS C 388 17.54 -21.33 -5.23
N GLY C 389 16.29 -21.70 -5.49
CA GLY C 389 15.93 -23.08 -5.78
C GLY C 389 15.40 -23.29 -7.18
N TRP C 390 15.63 -22.33 -8.09
CA TRP C 390 15.23 -22.40 -9.50
C TRP C 390 16.43 -22.04 -10.41
N GLY C 391 16.28 -22.29 -11.72
CA GLY C 391 17.31 -22.01 -12.72
C GLY C 391 17.95 -23.26 -13.26
N MET D 1 -1.11 -38.66 14.44
CA MET D 1 0.12 -38.74 13.66
C MET D 1 0.67 -40.17 13.70
N LYS D 2 0.83 -40.78 12.51
CA LYS D 2 1.36 -42.13 12.41
C LYS D 2 2.85 -42.11 12.75
N LEU D 3 3.29 -43.09 13.58
CA LEU D 3 4.66 -43.19 14.02
C LEU D 3 5.45 -43.98 12.94
N GLN D 4 6.46 -43.33 12.33
CA GLN D 4 7.31 -43.92 11.29
C GLN D 4 8.16 -45.09 11.83
N ARG D 5 8.49 -45.04 13.13
CA ARG D 5 9.16 -46.10 13.87
C ARG D 5 8.61 -46.07 15.29
N GLU D 6 8.89 -47.13 16.05
CA GLU D 6 8.42 -47.27 17.43
C GLU D 6 9.04 -46.26 18.39
N VAL D 7 8.23 -45.78 19.32
CA VAL D 7 8.64 -44.82 20.35
C VAL D 7 8.19 -45.38 21.70
N TYR D 8 9.11 -45.36 22.67
CA TYR D 8 8.83 -45.86 24.01
C TYR D 8 9.11 -44.77 25.04
N ILE D 9 8.42 -44.83 26.17
CA ILE D 9 8.60 -43.92 27.30
C ILE D 9 9.55 -44.62 28.29
N ALA D 10 10.65 -43.92 28.64
CA ALA D 10 11.63 -44.40 29.62
C ALA D 10 11.16 -43.89 30.99
N GLY D 11 11.90 -42.98 31.62
CA GLY D 11 11.51 -42.46 32.91
C GLY D 11 10.47 -41.36 32.83
N VAL D 12 9.71 -41.18 33.91
CA VAL D 12 8.70 -40.13 34.08
C VAL D 12 8.98 -39.36 35.37
N GLY D 13 8.56 -38.10 35.38
CA GLY D 13 8.71 -37.20 36.52
C GLY D 13 7.40 -36.57 36.88
N GLU D 14 7.14 -36.33 38.18
CA GLU D 14 5.88 -35.74 38.62
C GLU D 14 6.10 -35.09 39.96
N THR D 15 5.67 -33.83 40.12
CA THR D 15 5.79 -33.17 41.42
C THR D 15 4.44 -33.33 42.11
N LYS D 16 4.39 -32.95 43.40
CA LYS D 16 3.13 -32.91 44.11
C LYS D 16 2.34 -31.73 43.47
N PHE D 17 1.01 -31.88 43.36
CA PHE D 17 0.17 -30.82 42.79
C PHE D 17 -0.59 -30.14 43.92
N GLY D 18 -0.54 -28.81 43.95
CA GLY D 18 -1.21 -28.01 44.96
C GLY D 18 -0.78 -26.57 44.93
N LYS D 19 -0.74 -25.93 46.10
CA LYS D 19 -0.32 -24.55 46.22
C LYS D 19 1.20 -24.59 46.52
N HIS D 20 2.03 -24.18 45.55
CA HIS D 20 3.50 -24.17 45.67
C HIS D 20 4.12 -22.77 45.81
N THR D 21 5.16 -22.66 46.65
CA THR D 21 5.92 -21.44 46.91
C THR D 21 7.21 -21.41 46.08
N VAL D 22 7.44 -22.48 45.31
CA VAL D 22 8.54 -22.60 44.35
C VAL D 22 7.92 -22.41 42.96
N ASP D 23 8.58 -21.64 42.08
CA ASP D 23 8.02 -21.32 40.78
C ASP D 23 8.05 -22.49 39.77
N PHE D 24 7.49 -22.26 38.57
CA PHE D 24 7.36 -23.16 37.44
C PHE D 24 8.71 -23.79 37.04
N ASP D 25 9.80 -23.01 37.13
CA ASP D 25 11.13 -23.44 36.74
C ASP D 25 11.68 -24.52 37.68
N VAL D 26 11.49 -24.34 39.01
CA VAL D 26 11.90 -25.28 40.05
C VAL D 26 11.07 -26.58 39.92
N LEU D 27 9.73 -26.42 39.72
CA LEU D 27 8.80 -27.54 39.58
C LEU D 27 9.16 -28.38 38.36
N GLY D 28 9.42 -27.71 37.24
CA GLY D 28 9.81 -28.31 35.97
C GLY D 28 11.13 -29.02 36.06
N ARG D 29 12.12 -28.38 36.72
CA ARG D 29 13.44 -28.99 36.98
C ARG D 29 13.31 -30.30 37.79
N GLU D 30 12.53 -30.27 38.90
CA GLU D 30 12.27 -31.44 39.75
C GLU D 30 11.69 -32.56 38.91
N ALA D 31 10.68 -32.26 38.07
CA ALA D 31 10.02 -33.20 37.17
C ALA D 31 10.98 -33.79 36.13
N ALA D 32 11.73 -32.92 35.43
CA ALA D 32 12.75 -33.27 34.42
C ALA D 32 13.79 -34.22 34.98
N LEU D 33 14.39 -33.86 36.15
CA LEU D 33 15.42 -34.63 36.85
C LEU D 33 14.93 -36.04 37.26
N GLN D 34 13.73 -36.13 37.86
CA GLN D 34 13.06 -37.36 38.29
C GLN D 34 12.90 -38.34 37.10
N ALA D 35 12.48 -37.81 35.92
CA ALA D 35 12.30 -38.51 34.64
C ALA D 35 13.63 -38.96 34.03
N MET D 36 14.66 -38.11 34.09
CA MET D 36 16.02 -38.43 33.63
C MET D 36 16.66 -39.56 34.46
N ASN D 37 16.59 -39.45 35.81
CA ASN D 37 17.09 -40.48 36.73
C ASN D 37 16.33 -41.80 36.52
N GLY D 38 15.04 -41.68 36.19
CA GLY D 38 14.14 -42.81 35.90
C GLY D 38 14.48 -43.50 34.60
N SER D 39 15.26 -42.82 33.74
CA SER D 39 15.72 -43.31 32.44
C SER D 39 17.15 -43.76 32.48
N ASN D 40 17.78 -43.78 33.69
CA ASN D 40 19.19 -44.14 33.94
C ASN D 40 20.13 -43.21 33.17
N ILE D 41 19.76 -41.91 33.14
CA ILE D 41 20.56 -40.91 32.42
C ILE D 41 21.63 -40.34 33.35
N ASP D 42 22.89 -40.72 33.04
CA ASP D 42 24.11 -40.31 33.73
C ASP D 42 24.89 -39.24 32.94
N ARG D 43 24.66 -39.18 31.62
CA ARG D 43 25.22 -38.18 30.71
C ARG D 43 23.98 -37.39 30.19
N PRO D 44 23.70 -36.15 30.67
CA PRO D 44 22.50 -35.43 30.18
C PRO D 44 22.50 -35.21 28.67
N ASP D 45 23.71 -35.05 28.07
CA ASP D 45 24.01 -34.87 26.64
C ASP D 45 23.32 -35.90 25.73
N MET D 46 22.83 -37.01 26.33
CA MET D 46 22.09 -38.09 25.65
C MET D 46 20.74 -37.57 25.14
N ILE D 47 20.09 -36.67 25.91
CA ILE D 47 18.83 -36.00 25.51
C ILE D 47 19.18 -35.01 24.40
N GLN D 48 18.54 -35.19 23.24
CA GLN D 48 18.87 -34.45 22.04
C GLN D 48 17.92 -33.29 21.74
N SER D 49 16.71 -33.30 22.32
CA SER D 49 15.73 -32.21 22.16
C SER D 49 14.81 -32.16 23.36
N ALA D 50 14.30 -30.96 23.66
CA ALA D 50 13.39 -30.73 24.77
C ALA D 50 12.22 -29.85 24.33
N TYR D 51 11.02 -30.21 24.76
CA TYR D 51 9.79 -29.45 24.49
C TYR D 51 9.08 -29.23 25.80
N VAL D 52 8.75 -27.97 26.08
CA VAL D 52 8.13 -27.64 27.35
C VAL D 52 6.82 -26.89 27.15
N GLY D 53 5.76 -27.39 27.80
CA GLY D 53 4.44 -26.79 27.79
C GLY D 53 4.23 -25.86 28.96
N ASN D 54 3.56 -24.75 28.71
CA ASN D 54 3.26 -23.71 29.70
C ASN D 54 2.12 -22.88 29.14
N GLY D 55 1.40 -22.22 30.01
CA GLY D 55 0.31 -21.36 29.60
C GLY D 55 0.55 -19.88 29.83
N MET D 56 0.91 -19.50 31.08
CA MET D 56 0.99 -18.10 31.51
C MET D 56 2.23 -17.65 32.27
N ASN D 57 3.25 -18.50 32.42
CA ASN D 57 4.41 -18.09 33.22
C ASN D 57 5.47 -17.30 32.52
N ASP D 58 5.89 -17.76 31.34
CA ASP D 58 7.07 -17.25 30.67
C ASP D 58 7.09 -17.61 29.19
N MET D 59 7.83 -16.83 28.40
CA MET D 59 8.03 -17.03 26.97
C MET D 59 9.16 -18.02 26.72
N THR D 60 10.01 -18.29 27.73
CA THR D 60 11.18 -19.16 27.62
C THR D 60 11.19 -20.19 28.77
N THR D 61 10.02 -20.84 29.00
CA THR D 61 9.79 -21.78 30.09
C THR D 61 10.85 -22.90 30.19
N GLY D 62 11.10 -23.62 29.10
CA GLY D 62 12.02 -24.74 29.05
C GLY D 62 13.45 -24.34 29.34
N GLN D 63 13.84 -23.18 28.82
CA GLN D 63 15.19 -22.65 29.01
C GLN D 63 15.42 -22.36 30.49
N ALA D 64 14.39 -21.80 31.18
CA ALA D 64 14.39 -21.54 32.62
C ALA D 64 14.37 -22.87 33.40
N VAL D 65 13.65 -23.89 32.87
CA VAL D 65 13.59 -25.24 33.48
C VAL D 65 14.97 -25.95 33.45
N PHE D 66 15.59 -26.05 32.24
CA PHE D 66 16.86 -26.77 32.06
C PHE D 66 18.11 -25.96 32.43
N ARG D 67 17.96 -24.66 32.73
CA ARG D 67 19.06 -23.78 33.12
C ARG D 67 19.88 -24.36 34.34
N GLY D 68 19.17 -24.71 35.43
CA GLY D 68 19.78 -25.23 36.65
C GLY D 68 20.31 -26.65 36.54
N LEU D 69 20.00 -27.33 35.43
CA LEU D 69 20.49 -28.69 35.21
C LEU D 69 21.74 -28.68 34.31
N GLY D 70 22.20 -27.50 33.92
CA GLY D 70 23.36 -27.33 33.04
C GLY D 70 23.19 -27.95 31.67
N MET D 71 21.92 -28.06 31.20
CA MET D 71 21.56 -28.74 29.96
C MET D 71 21.40 -27.83 28.75
N CYS D 72 21.15 -26.53 28.97
CA CYS D 72 21.01 -25.56 27.90
C CYS D 72 22.34 -25.43 27.18
N GLY D 73 22.28 -25.41 25.85
CA GLY D 73 23.50 -25.32 25.05
C GLY D 73 23.34 -25.80 23.64
N PRO D 74 24.46 -25.95 22.88
CA PRO D 74 24.37 -26.40 21.47
C PRO D 74 23.82 -27.79 21.25
N ASN D 75 23.80 -28.62 22.29
CA ASN D 75 23.32 -30.00 22.23
C ASN D 75 21.86 -30.13 22.62
N LEU D 76 21.25 -29.04 23.11
CA LEU D 76 19.84 -29.12 23.50
C LEU D 76 18.96 -28.04 22.86
N PRO D 77 18.43 -28.24 21.62
CA PRO D 77 17.46 -27.28 21.10
C PRO D 77 16.16 -27.37 21.93
N ILE D 78 15.76 -26.26 22.55
CA ILE D 78 14.54 -26.22 23.37
C ILE D 78 13.46 -25.42 22.63
N ILE D 79 12.24 -25.98 22.54
CA ILE D 79 11.08 -25.30 21.94
C ILE D 79 9.94 -25.34 22.95
N ASN D 80 9.38 -24.18 23.30
CA ASN D 80 8.26 -24.13 24.23
C ASN D 80 6.97 -24.14 23.45
N VAL D 81 5.97 -24.86 23.97
CA VAL D 81 4.67 -25.04 23.30
C VAL D 81 3.51 -24.52 24.15
N GLN D 82 2.46 -24.05 23.48
CA GLN D 82 1.18 -23.57 24.08
C GLN D 82 0.02 -24.05 23.21
N SER D 83 -1.05 -24.50 23.83
CA SER D 83 -2.42 -24.52 23.28
C SER D 83 -3.37 -24.62 24.49
N ALA D 84 -3.26 -23.65 25.40
CA ALA D 84 -3.92 -23.75 26.72
C ALA D 84 -3.59 -25.12 27.36
N CYS D 85 -4.62 -25.86 27.76
CA CYS D 85 -4.51 -27.12 28.56
C CYS D 85 -3.89 -28.27 27.75
N SER D 86 -3.68 -28.10 26.46
CA SER D 86 -3.05 -29.11 25.65
C SER D 86 -1.55 -29.07 25.73
N ALA D 87 -0.96 -27.94 26.18
CA ALA D 87 0.49 -27.66 26.22
C ALA D 87 1.38 -28.80 26.76
N GLY D 88 1.05 -29.39 27.92
CA GLY D 88 1.84 -30.44 28.56
C GLY D 88 1.92 -31.69 27.72
N ALA D 89 0.80 -32.04 27.09
CA ALA D 89 0.70 -33.21 26.23
C ALA D 89 1.35 -32.94 24.87
N MET D 90 1.26 -31.70 24.36
CA MET D 90 1.88 -31.33 23.08
C MET D 90 3.41 -31.39 23.22
N ALA D 91 3.91 -31.04 24.41
CA ALA D 91 5.34 -31.11 24.72
C ALA D 91 5.82 -32.57 24.54
N VAL D 92 5.08 -33.53 25.07
CA VAL D 92 5.50 -34.94 24.89
C VAL D 92 5.20 -35.43 23.46
N PHE D 93 4.13 -34.95 22.81
CA PHE D 93 3.89 -35.27 21.40
C PHE D 93 5.06 -34.83 20.50
N CYS D 94 5.55 -33.54 20.67
CA CYS D 94 6.70 -33.01 19.93
C CYS D 94 7.97 -33.87 20.18
N ALA D 95 8.19 -34.32 21.44
CA ALA D 95 9.31 -35.19 21.77
C ALA D 95 9.14 -36.53 21.04
N ILE D 96 7.91 -37.09 21.05
CA ILE D 96 7.59 -38.36 20.37
C ILE D 96 7.85 -38.23 18.86
N LYS D 97 7.44 -37.09 18.27
CA LYS D 97 7.63 -36.84 16.84
C LYS D 97 9.11 -36.83 16.47
N ASP D 98 9.96 -36.18 17.27
CA ASP D 98 11.43 -36.18 17.05
C ASP D 98 12.01 -37.58 16.98
N VAL D 99 11.58 -38.44 17.91
CA VAL D 99 12.03 -39.83 17.97
C VAL D 99 11.44 -40.67 16.82
N ALA D 100 10.10 -40.60 16.59
CA ALA D 100 9.38 -41.36 15.56
C ALA D 100 9.92 -41.15 14.16
N THR D 101 10.38 -39.91 13.91
CA THR D 101 10.90 -39.47 12.61
C THR D 101 12.36 -39.78 12.38
N GLY D 102 13.07 -40.11 13.46
CA GLY D 102 14.51 -40.35 13.42
C GLY D 102 15.32 -39.06 13.52
N VAL D 103 14.69 -37.93 13.91
CA VAL D 103 15.41 -36.64 14.10
C VAL D 103 16.33 -36.81 15.32
N THR D 104 15.82 -37.52 16.33
CA THR D 104 16.55 -37.85 17.56
C THR D 104 16.24 -39.31 17.90
N ASP D 105 16.99 -39.85 18.86
CA ASP D 105 16.79 -41.20 19.39
C ASP D 105 16.32 -41.10 20.84
N LEU D 106 16.51 -39.93 21.48
CA LEU D 106 16.14 -39.71 22.88
C LEU D 106 15.75 -38.25 23.10
N SER D 107 14.48 -38.01 23.48
CA SER D 107 13.90 -36.69 23.71
C SER D 107 13.12 -36.61 25.01
N ILE D 108 12.78 -35.37 25.44
CA ILE D 108 12.03 -35.11 26.67
C ILE D 108 10.90 -34.10 26.43
N GLY D 109 9.79 -34.37 27.10
CA GLY D 109 8.63 -33.50 27.10
C GLY D 109 8.37 -33.13 28.55
N VAL D 110 8.32 -31.82 28.85
CA VAL D 110 8.05 -31.31 30.20
C VAL D 110 6.81 -30.38 30.16
N GLY D 111 5.89 -30.56 31.10
CA GLY D 111 4.74 -29.69 31.28
C GLY D 111 4.86 -29.08 32.67
N THR D 112 4.83 -27.74 32.77
CA THR D 112 4.98 -27.06 34.07
C THR D 112 4.18 -25.77 34.17
N GLU D 113 3.69 -25.48 35.38
CA GLU D 113 2.96 -24.25 35.67
C GLU D 113 2.89 -23.95 37.16
N ASN D 114 3.02 -22.67 37.48
CA ASN D 114 2.75 -22.15 38.79
C ASN D 114 1.85 -20.95 38.57
N HIS D 115 0.63 -21.04 39.08
CA HIS D 115 -0.39 -20.01 39.02
C HIS D 115 -0.47 -19.19 40.33
N THR D 116 -0.54 -19.87 41.50
CA THR D 116 -0.79 -19.26 42.82
C THR D 116 0.28 -18.27 43.34
N MET D 117 1.52 -18.31 42.81
CA MET D 117 2.56 -17.35 43.21
C MET D 117 2.38 -16.00 42.49
N HIS D 118 1.51 -15.96 41.47
CA HIS D 118 1.35 -14.76 40.65
C HIS D 118 -0.08 -14.21 40.64
N ARG D 119 -0.17 -12.86 40.52
CA ARG D 119 -1.44 -12.13 40.44
C ARG D 119 -1.91 -12.23 39.01
N GLN D 120 -2.86 -13.13 38.78
CA GLN D 120 -3.40 -13.41 37.45
C GLN D 120 -4.91 -13.19 37.42
N ALA D 127 -10.30 -14.51 27.83
CA ALA D 127 -10.57 -13.95 26.50
C ALA D 127 -10.83 -12.45 26.52
N ALA D 128 -10.56 -11.77 25.38
CA ALA D 128 -10.80 -10.33 25.23
C ALA D 128 -12.31 -10.07 25.07
N ARG D 129 -12.75 -8.84 25.42
CA ARG D 129 -14.15 -8.41 25.32
C ARG D 129 -14.64 -8.44 23.85
N SER D 130 -13.70 -8.30 22.89
CA SER D 130 -13.94 -8.37 21.44
C SER D 130 -14.55 -9.73 21.03
N ASP D 131 -14.26 -10.82 21.79
CA ASP D 131 -14.86 -12.14 21.55
C ASP D 131 -16.34 -11.99 21.88
N ILE D 132 -17.21 -12.28 20.89
CA ILE D 132 -18.67 -12.07 21.00
C ILE D 132 -19.28 -12.67 22.29
N GLU D 133 -18.98 -13.93 22.64
CA GLU D 133 -19.53 -14.56 23.85
C GLU D 133 -19.04 -13.89 25.13
N THR D 134 -17.78 -13.45 25.15
CA THR D 134 -17.17 -12.74 26.28
C THR D 134 -17.85 -11.38 26.46
N MET D 135 -18.14 -10.68 25.34
CA MET D 135 -18.87 -9.41 25.37
C MET D 135 -20.20 -9.60 26.11
N HIS D 136 -20.92 -10.72 25.82
CA HIS D 136 -22.22 -11.04 26.39
C HIS D 136 -22.18 -11.66 27.80
N GLY D 137 -20.99 -11.72 28.41
CA GLY D 137 -20.78 -12.20 29.77
C GLY D 137 -20.51 -13.69 29.94
N ALA D 138 -19.99 -14.37 28.90
CA ALA D 138 -19.67 -15.80 29.01
C ALA D 138 -18.57 -16.05 30.02
N VAL D 139 -18.69 -17.15 30.79
CA VAL D 139 -17.69 -17.66 31.74
C VAL D 139 -17.57 -19.15 31.46
N MET D 140 -16.36 -19.72 31.57
CA MET D 140 -16.10 -21.15 31.29
C MET D 140 -17.03 -22.10 32.05
N THR D 141 -17.29 -21.83 33.35
CA THR D 141 -18.18 -22.67 34.16
C THR D 141 -19.60 -22.70 33.57
N GLY D 142 -20.08 -21.55 33.13
CA GLY D 142 -21.39 -21.43 32.50
C GLY D 142 -21.48 -22.15 31.18
N LYS D 143 -20.39 -22.12 30.37
CA LYS D 143 -20.28 -22.81 29.09
C LYS D 143 -20.42 -24.32 29.31
N TYR D 144 -19.71 -24.87 30.32
CA TYR D 144 -19.80 -26.28 30.68
C TYR D 144 -21.12 -26.62 31.35
N ALA D 145 -21.69 -25.68 32.15
CA ALA D 145 -22.98 -25.88 32.83
C ALA D 145 -24.11 -26.00 31.81
N MET D 146 -23.99 -25.32 30.64
CA MET D 146 -24.97 -25.44 29.56
C MET D 146 -24.95 -26.86 28.99
N ARG D 147 -23.76 -27.48 28.93
CA ARG D 147 -23.61 -28.86 28.46
C ARG D 147 -24.31 -29.81 29.44
N ALA D 148 -24.18 -29.54 30.76
CA ALA D 148 -24.82 -30.32 31.84
C ALA D 148 -26.34 -30.18 31.81
N THR D 149 -26.85 -28.93 31.72
CA THR D 149 -28.29 -28.63 31.63
C THR D 149 -28.93 -29.39 30.45
N ARG D 150 -28.26 -29.37 29.28
CA ARG D 150 -28.75 -30.05 28.08
C ARG D 150 -28.77 -31.56 28.26
N TYR D 151 -27.70 -32.13 28.85
CA TYR D 151 -27.57 -33.56 29.11
C TYR D 151 -28.63 -34.05 30.10
N MET D 152 -28.89 -33.24 31.16
CA MET D 152 -29.92 -33.50 32.18
C MET D 152 -31.30 -33.52 31.53
N HIS D 153 -31.55 -32.60 30.58
CA HIS D 153 -32.80 -32.51 29.83
C HIS D 153 -33.00 -33.76 28.96
N GLU D 154 -31.94 -34.21 28.26
CA GLU D 154 -31.98 -35.34 27.35
C GLU D 154 -31.95 -36.74 27.99
N THR D 155 -31.24 -36.91 29.11
CA THR D 155 -31.08 -38.24 29.75
C THR D 155 -31.83 -38.44 31.07
N GLY D 156 -32.21 -37.33 31.73
CA GLY D 156 -32.87 -37.38 33.03
C GLY D 156 -31.86 -37.41 34.16
N ALA D 157 -30.57 -37.13 33.83
CA ALA D 157 -29.47 -37.08 34.79
C ALA D 157 -29.74 -35.97 35.80
N THR D 158 -29.38 -36.19 37.07
CA THR D 158 -29.59 -35.21 38.14
C THR D 158 -28.28 -34.56 38.53
N ILE D 159 -28.34 -33.52 39.39
CA ILE D 159 -27.16 -32.84 39.94
C ILE D 159 -26.37 -33.82 40.83
N GLU D 160 -27.07 -34.80 41.44
CA GLU D 160 -26.49 -35.88 42.27
C GLU D 160 -25.63 -36.80 41.39
N ASP D 161 -26.10 -37.09 40.16
CA ASP D 161 -25.37 -37.92 39.21
C ASP D 161 -24.10 -37.22 38.77
N LEU D 162 -24.18 -35.91 38.52
CA LEU D 162 -23.02 -35.09 38.16
C LEU D 162 -21.99 -35.08 39.33
N ALA D 163 -22.48 -34.92 40.57
CA ALA D 163 -21.70 -34.91 41.80
C ALA D 163 -20.88 -36.20 42.00
N MET D 164 -21.40 -37.36 41.49
CA MET D 164 -20.76 -38.68 41.57
C MET D 164 -19.37 -38.69 40.91
N ILE D 165 -19.13 -37.80 39.91
CA ILE D 165 -17.83 -37.69 39.25
C ILE D 165 -16.78 -37.18 40.26
N THR D 166 -17.12 -36.16 41.08
CA THR D 166 -16.23 -35.61 42.10
C THR D 166 -16.00 -36.67 43.18
N VAL D 167 -17.09 -37.33 43.64
CA VAL D 167 -17.05 -38.37 44.66
C VAL D 167 -16.08 -39.49 44.20
N LYS D 168 -16.25 -39.98 42.95
CA LYS D 168 -15.40 -41.04 42.39
C LYS D 168 -13.94 -40.62 42.22
N ASN D 169 -13.68 -39.46 41.62
CA ASN D 169 -12.32 -38.96 41.40
C ASN D 169 -11.54 -38.73 42.70
N ARG D 170 -12.21 -38.16 43.73
CA ARG D 170 -11.61 -37.95 45.04
C ARG D 170 -11.39 -39.29 45.75
N LYS D 171 -12.22 -40.31 45.43
CA LYS D 171 -12.09 -41.67 45.97
C LYS D 171 -10.82 -42.30 45.34
N HIS D 172 -10.66 -42.14 44.01
CA HIS D 172 -9.52 -42.63 43.24
C HIS D 172 -8.19 -42.06 43.75
N ALA D 173 -8.22 -40.76 44.08
CA ALA D 173 -7.07 -40.02 44.58
C ALA D 173 -6.70 -40.25 46.06
N THR D 174 -7.57 -40.90 46.88
CA THR D 174 -7.37 -41.10 48.33
C THR D 174 -5.93 -41.44 48.73
N HIS D 175 -5.35 -42.50 48.15
CA HIS D 175 -4.00 -42.93 48.49
C HIS D 175 -2.93 -42.38 47.55
N ASN D 176 -3.29 -41.36 46.75
CA ASN D 176 -2.36 -40.71 45.83
C ASN D 176 -1.70 -39.49 46.51
N PRO D 177 -0.38 -39.58 46.86
CA PRO D 177 0.27 -38.44 47.51
C PRO D 177 0.48 -37.21 46.61
N TYR D 178 0.41 -37.41 45.28
CA TYR D 178 0.61 -36.36 44.27
C TYR D 178 -0.61 -35.46 44.12
N ALA D 179 -1.82 -36.00 44.36
CA ALA D 179 -3.09 -35.24 44.23
C ALA D 179 -3.19 -34.17 45.32
N TRP D 180 -3.98 -33.11 45.06
CA TRP D 180 -4.18 -32.01 46.01
C TRP D 180 -5.34 -32.36 46.95
N PHE D 181 -6.54 -32.55 46.39
CA PHE D 181 -7.73 -32.90 47.15
C PHE D 181 -8.02 -34.37 46.93
N LYS D 182 -8.50 -35.07 47.97
CA LYS D 182 -8.77 -36.51 47.86
C LYS D 182 -9.65 -37.03 49.00
N GLY D 183 -9.78 -38.35 49.06
CA GLY D 183 -10.53 -39.01 50.13
C GLY D 183 -12.03 -39.03 49.94
N ALA D 184 -12.73 -39.17 51.06
CA ALA D 184 -14.18 -39.26 51.10
C ALA D 184 -14.86 -37.89 51.13
N ILE D 185 -15.77 -37.70 50.19
CA ILE D 185 -16.66 -36.56 50.01
C ILE D 185 -18.01 -37.16 49.57
N THR D 186 -19.11 -36.75 50.19
CA THR D 186 -20.41 -37.28 49.82
C THR D 186 -21.02 -36.49 48.70
N VAL D 187 -22.04 -37.04 48.04
CA VAL D 187 -22.79 -36.38 46.98
C VAL D 187 -23.39 -35.07 47.55
N GLU D 188 -23.96 -35.14 48.77
CA GLU D 188 -24.56 -34.01 49.51
C GLU D 188 -23.62 -32.82 49.64
N GLU D 189 -22.34 -33.05 50.05
CA GLU D 189 -21.31 -32.01 50.20
C GLU D 189 -20.97 -31.34 48.88
N VAL D 190 -20.95 -32.11 47.79
CA VAL D 190 -20.66 -31.63 46.43
C VAL D 190 -21.84 -30.77 45.96
N VAL D 191 -23.08 -31.30 46.11
CA VAL D 191 -24.32 -30.63 45.71
C VAL D 191 -24.57 -29.35 46.54
N ASN D 192 -24.21 -29.37 47.84
CA ASN D 192 -24.41 -28.25 48.75
C ASN D 192 -23.34 -27.16 48.67
N SER D 193 -22.22 -27.41 47.96
CA SER D 193 -21.17 -26.41 47.83
C SER D 193 -21.66 -25.23 46.98
N ARG D 194 -21.03 -24.06 47.14
CA ARG D 194 -21.40 -22.81 46.46
C ARG D 194 -21.67 -22.97 44.97
N MET D 195 -22.89 -22.58 44.54
CA MET D 195 -23.30 -22.66 43.13
C MET D 195 -22.51 -21.63 42.33
N VAL D 196 -21.91 -22.07 41.23
CA VAL D 196 -21.14 -21.18 40.35
C VAL D 196 -22.06 -20.76 39.18
N ALA D 197 -22.50 -21.75 38.39
CA ALA D 197 -23.39 -21.60 37.24
C ALA D 197 -24.17 -22.91 37.19
N TYR D 198 -25.50 -22.87 37.53
CA TYR D 198 -26.35 -24.08 37.59
C TYR D 198 -26.19 -25.00 36.37
N PRO D 199 -25.93 -26.32 36.57
CA PRO D 199 -25.84 -27.06 37.84
C PRO D 199 -24.41 -27.28 38.40
N MET D 200 -23.43 -26.47 37.96
CA MET D 200 -22.03 -26.58 38.42
C MET D 200 -21.79 -25.89 39.76
N THR D 201 -21.56 -26.72 40.80
CA THR D 201 -21.24 -26.26 42.14
C THR D 201 -19.70 -26.18 42.22
N LEU D 202 -19.16 -25.42 43.22
CA LEU D 202 -17.72 -25.26 43.43
C LEU D 202 -16.95 -26.59 43.47
N GLN D 203 -17.53 -27.63 44.10
CA GLN D 203 -16.88 -28.94 44.22
C GLN D 203 -16.90 -29.77 42.91
N GLN D 204 -17.65 -29.28 41.90
CA GLN D 204 -17.78 -29.89 40.56
C GLN D 204 -16.83 -29.26 39.53
N CYS D 205 -16.05 -28.25 39.96
CA CYS D 205 -15.11 -27.49 39.13
C CYS D 205 -13.69 -27.80 39.59
N CYS D 206 -12.77 -28.04 38.64
CA CYS D 206 -11.39 -28.26 39.01
C CYS D 206 -10.81 -26.91 39.45
N GLY D 207 -9.89 -26.95 40.40
CA GLY D 207 -9.26 -25.73 40.90
C GLY D 207 -8.01 -25.34 40.14
N ILE D 208 -7.49 -24.15 40.43
CA ILE D 208 -6.25 -23.65 39.86
C ILE D 208 -5.15 -24.19 40.78
N ALA D 209 -4.20 -24.93 40.21
CA ALA D 209 -3.10 -25.53 40.97
C ALA D 209 -1.75 -25.29 40.32
N ASP D 210 -0.66 -25.66 41.04
CA ASP D 210 0.74 -25.60 40.62
C ASP D 210 1.31 -27.01 40.64
N GLY D 211 2.11 -27.29 39.62
CA GLY D 211 2.77 -28.58 39.51
C GLY D 211 3.46 -28.75 38.18
N ALA D 212 4.18 -29.87 38.04
CA ALA D 212 4.89 -30.19 36.81
C ALA D 212 5.01 -31.69 36.65
N ALA D 213 5.25 -32.12 35.39
CA ALA D 213 5.49 -33.51 35.03
C ALA D 213 6.38 -33.57 33.80
N ALA D 214 7.08 -34.68 33.62
CA ALA D 214 7.98 -34.86 32.49
C ALA D 214 7.96 -36.28 32.00
N VAL D 215 8.26 -36.47 30.71
CA VAL D 215 8.22 -37.77 30.05
C VAL D 215 9.44 -37.87 29.14
N VAL D 216 10.18 -38.96 29.29
CA VAL D 216 11.35 -39.22 28.47
C VAL D 216 10.93 -40.26 27.41
N VAL D 217 11.26 -39.94 26.16
CA VAL D 217 10.91 -40.79 25.06
C VAL D 217 12.16 -41.16 24.28
N GLY D 218 12.18 -42.39 23.80
CA GLY D 218 13.31 -42.89 23.04
C GLY D 218 12.89 -44.00 22.13
N SER D 219 13.81 -44.39 21.23
CA SER D 219 13.57 -45.50 20.31
C SER D 219 13.70 -46.81 21.11
N LYS D 220 13.40 -47.98 20.48
CA LYS D 220 13.55 -49.29 21.13
C LYS D 220 15.06 -49.56 21.39
N GLU D 221 15.94 -49.18 20.44
CA GLU D 221 17.39 -49.35 20.64
C GLU D 221 17.85 -48.54 21.86
N MET D 222 17.27 -47.34 22.05
CA MET D 222 17.56 -46.45 23.18
C MET D 222 17.08 -47.08 24.51
N MET D 223 15.96 -47.83 24.51
CA MET D 223 15.47 -48.52 25.72
C MET D 223 16.42 -49.64 26.16
N LYS D 224 17.06 -50.32 25.18
CA LYS D 224 18.04 -51.39 25.44
C LYS D 224 19.32 -50.73 25.98
N LYS D 225 19.79 -49.65 25.33
CA LYS D 225 20.98 -48.84 25.66
C LYS D 225 20.87 -48.29 27.09
N LEU D 226 19.69 -47.76 27.48
CA LEU D 226 19.48 -47.22 28.82
C LEU D 226 19.14 -48.27 29.89
N GLY D 227 18.87 -49.50 29.46
CA GLY D 227 18.50 -50.60 30.35
C GLY D 227 17.14 -50.40 31.01
N ILE D 228 16.12 -49.95 30.22
CA ILE D 228 14.78 -49.72 30.73
C ILE D 228 14.07 -51.04 30.89
N ALA D 229 13.69 -51.37 32.15
CA ALA D 229 13.04 -52.61 32.54
C ALA D 229 11.61 -52.74 32.01
N LYS D 230 10.82 -51.66 32.13
CA LYS D 230 9.43 -51.62 31.70
C LYS D 230 9.16 -50.48 30.69
N PRO D 231 9.72 -50.52 29.45
CA PRO D 231 9.45 -49.42 28.50
C PRO D 231 7.99 -49.41 28.05
N VAL D 232 7.33 -48.25 28.17
CA VAL D 232 5.93 -48.07 27.81
C VAL D 232 5.84 -47.64 26.34
N LYS D 233 5.25 -48.47 25.47
CA LYS D 233 5.08 -48.18 24.02
C LYS D 233 4.08 -47.07 23.74
N VAL D 234 4.41 -46.20 22.78
CA VAL D 234 3.55 -45.13 22.29
C VAL D 234 2.79 -45.76 21.13
N ALA D 235 1.57 -46.25 21.41
CA ALA D 235 0.78 -46.95 20.39
C ALA D 235 0.20 -45.94 19.37
N GLY D 236 -0.03 -44.72 19.85
CA GLY D 236 -0.51 -43.63 19.05
C GLY D 236 -0.56 -42.33 19.81
N VAL D 237 -0.63 -41.24 19.05
CA VAL D 237 -0.73 -39.87 19.55
C VAL D 237 -1.35 -39.00 18.43
N VAL D 238 -2.36 -38.22 18.78
CA VAL D 238 -3.11 -37.38 17.84
C VAL D 238 -3.27 -35.96 18.41
N VAL D 239 -3.11 -34.95 17.55
CA VAL D 239 -3.31 -33.53 17.85
C VAL D 239 -4.29 -33.03 16.79
N GLU D 240 -5.33 -32.28 17.21
CA GLU D 240 -6.26 -31.65 16.30
C GLU D 240 -6.55 -30.24 16.80
N SER D 241 -7.20 -29.42 15.97
CA SER D 241 -7.68 -28.08 16.30
C SER D 241 -9.17 -28.17 16.14
N GLY D 242 -9.89 -27.31 16.84
CA GLY D 242 -11.35 -27.39 16.88
C GLY D 242 -12.08 -26.73 15.73
N PRO D 243 -13.04 -27.43 15.06
CA PRO D 243 -13.81 -26.77 13.98
C PRO D 243 -14.57 -25.54 14.46
N TYR D 244 -14.64 -24.51 13.59
CA TYR D 244 -15.32 -23.25 13.87
C TYR D 244 -16.51 -23.11 12.95
N HIS D 245 -17.68 -22.78 13.55
CA HIS D 245 -18.94 -22.50 12.86
C HIS D 245 -19.95 -21.97 13.87
N ASN D 246 -21.02 -21.32 13.37
CA ASN D 246 -22.09 -20.74 14.18
C ASN D 246 -23.41 -21.46 14.01
N ARG D 247 -23.34 -22.76 13.68
CA ARG D 247 -24.51 -23.61 13.49
C ARG D 247 -24.83 -24.33 14.79
N PRO D 248 -26.09 -24.79 14.99
CA PRO D 248 -26.38 -25.58 16.18
C PRO D 248 -25.54 -26.85 16.20
N ARG D 249 -25.01 -27.17 17.36
CA ARG D 249 -24.27 -28.40 17.57
C ARG D 249 -24.77 -29.06 18.83
N ASP D 250 -24.75 -30.41 18.84
CA ASP D 250 -25.11 -31.20 20.00
C ASP D 250 -23.95 -31.04 21.02
N ILE D 251 -24.18 -30.20 22.04
CA ILE D 251 -23.15 -29.90 23.06
C ILE D 251 -22.94 -31.05 24.08
N THR D 252 -23.76 -32.13 24.00
CA THR D 252 -23.56 -33.34 24.84
C THR D 252 -22.48 -34.18 24.12
N GLY D 253 -22.27 -33.86 22.83
CA GLY D 253 -21.21 -34.38 22.00
C GLY D 253 -20.04 -33.42 22.11
N ASP D 254 -18.92 -33.70 21.42
CA ASP D 254 -17.72 -32.86 21.44
C ASP D 254 -17.04 -33.15 20.11
N ASP D 255 -17.22 -32.27 19.12
CA ASP D 255 -16.75 -32.52 17.75
C ASP D 255 -15.30 -32.96 17.68
N ILE D 256 -14.40 -32.20 18.30
CA ILE D 256 -12.96 -32.43 18.33
C ILE D 256 -12.57 -33.68 19.13
N THR D 257 -13.18 -33.91 20.33
CA THR D 257 -12.85 -35.11 21.10
C THR D 257 -13.24 -36.38 20.32
N GLU D 258 -14.41 -36.38 19.65
CA GLU D 258 -14.90 -37.51 18.86
C GLU D 258 -13.94 -37.86 17.72
N THR D 259 -13.47 -36.83 16.98
CA THR D 259 -12.58 -37.05 15.83
C THR D 259 -11.14 -37.38 16.26
N THR D 260 -10.59 -36.70 17.32
CA THR D 260 -9.24 -37.00 17.85
C THR D 260 -9.24 -38.46 18.29
N SER D 261 -10.25 -38.84 19.12
CA SER D 261 -10.50 -40.21 19.62
C SER D 261 -10.44 -41.21 18.47
N GLU D 262 -11.36 -41.07 17.49
CA GLU D 262 -11.48 -41.96 16.34
C GLU D 262 -10.19 -42.08 15.52
N LYS D 263 -9.46 -40.96 15.33
CA LYS D 263 -8.18 -40.96 14.62
C LYS D 263 -7.13 -41.77 15.41
N LEU D 264 -7.17 -41.66 16.76
CA LEU D 264 -6.27 -42.37 17.68
C LEU D 264 -6.52 -43.87 17.60
N TYR D 265 -7.79 -44.29 17.52
CA TYR D 265 -8.16 -45.70 17.37
C TYR D 265 -7.75 -46.25 16.01
N GLU D 266 -7.99 -45.50 14.93
CA GLU D 266 -7.60 -45.91 13.57
C GLU D 266 -6.06 -46.11 13.45
N GLU D 267 -5.28 -45.08 13.81
CA GLU D 267 -3.81 -45.12 13.75
C GLU D 267 -3.18 -46.20 14.62
N SER D 268 -3.58 -46.27 15.91
CA SER D 268 -3.13 -47.29 16.83
C SER D 268 -4.28 -48.24 16.66
N GLY D 269 -4.06 -49.46 16.17
CA GLY D 269 -5.14 -50.42 15.94
C GLY D 269 -5.86 -50.90 17.19
N ILE D 270 -5.99 -50.00 18.19
CA ILE D 270 -6.58 -50.18 19.51
C ILE D 270 -7.87 -49.39 19.62
N GLY D 271 -8.95 -50.10 19.94
CA GLY D 271 -10.30 -49.58 20.10
C GLY D 271 -10.60 -49.10 21.51
N PRO D 272 -11.69 -48.32 21.71
CA PRO D 272 -11.99 -47.77 23.05
C PRO D 272 -12.33 -48.83 24.11
N LYS D 273 -12.88 -49.97 23.69
CA LYS D 273 -13.24 -51.06 24.61
C LYS D 273 -12.02 -51.82 25.17
N GLU D 274 -10.82 -51.58 24.58
CA GLU D 274 -9.57 -52.20 25.00
C GLU D 274 -8.83 -51.34 26.04
N VAL D 275 -9.23 -50.07 26.20
CA VAL D 275 -8.64 -49.09 27.13
C VAL D 275 -8.97 -49.51 28.58
N ASN D 276 -7.94 -49.73 29.40
CA ASN D 276 -8.09 -50.16 30.80
C ASN D 276 -8.21 -48.98 31.75
N ILE D 277 -7.43 -47.91 31.48
CA ILE D 277 -7.42 -46.67 32.27
C ILE D 277 -7.46 -45.49 31.35
N LEU D 278 -8.11 -44.41 31.80
CA LEU D 278 -8.22 -43.20 31.03
C LEU D 278 -8.12 -41.97 31.90
N GLU D 279 -7.22 -41.04 31.52
CA GLU D 279 -7.03 -39.75 32.17
C GLU D 279 -7.64 -38.77 31.21
N LEU D 280 -8.63 -38.02 31.70
CA LEU D 280 -9.47 -37.11 30.93
C LEU D 280 -9.32 -35.65 31.31
N HIS D 281 -9.89 -34.76 30.48
CA HIS D 281 -9.91 -33.34 30.81
C HIS D 281 -11.16 -33.08 31.68
N ASP D 282 -11.16 -33.60 32.93
CA ASP D 282 -12.29 -33.42 33.86
C ASP D 282 -12.22 -32.07 34.57
N ALA D 283 -12.27 -30.96 33.81
CA ALA D 283 -12.23 -29.61 34.39
C ALA D 283 -13.55 -29.33 35.11
N PHE D 284 -14.58 -30.09 34.72
CA PHE D 284 -15.95 -30.06 35.25
C PHE D 284 -16.47 -31.48 35.23
N THR D 285 -17.30 -31.84 36.20
CA THR D 285 -17.86 -33.20 36.32
C THR D 285 -18.53 -33.66 35.02
N ILE D 286 -19.33 -32.79 34.40
CA ILE D 286 -20.05 -33.08 33.15
C ILE D 286 -19.11 -33.42 31.98
N ALA D 287 -17.92 -32.76 31.89
CA ALA D 287 -16.93 -33.06 30.85
C ALA D 287 -16.60 -34.56 30.85
N GLU D 288 -16.25 -35.12 32.04
CA GLU D 288 -15.95 -36.56 32.16
C GLU D 288 -17.11 -37.44 31.69
N LEU D 289 -18.32 -37.17 32.22
CA LEU D 289 -19.56 -37.89 31.91
C LEU D 289 -19.87 -37.89 30.41
N LEU D 290 -19.71 -36.73 29.75
CA LEU D 290 -19.94 -36.59 28.30
C LEU D 290 -18.86 -37.34 27.51
N TYR D 291 -17.60 -37.30 28.01
CA TYR D 291 -16.48 -37.94 27.33
C TYR D 291 -16.56 -39.48 27.28
N TYR D 292 -17.36 -40.14 28.17
CA TYR D 292 -17.55 -41.59 28.10
C TYR D 292 -18.13 -41.91 26.72
N GLU D 293 -19.09 -41.08 26.27
CA GLU D 293 -19.78 -41.20 24.99
C GLU D 293 -18.92 -40.73 23.84
N CYS D 294 -18.35 -39.52 23.95
CA CYS D 294 -17.54 -38.90 22.91
C CYS D 294 -16.37 -39.76 22.50
N MET D 295 -15.77 -40.49 23.46
CA MET D 295 -14.64 -41.39 23.23
C MET D 295 -15.05 -42.83 22.83
N GLY D 296 -16.36 -43.12 22.84
CA GLY D 296 -16.87 -44.43 22.43
C GLY D 296 -16.82 -45.54 23.45
N LEU D 297 -16.49 -45.20 24.72
CA LEU D 297 -16.46 -46.12 25.88
C LEU D 297 -17.84 -46.76 26.09
N CYS D 298 -18.91 -46.04 25.70
CA CYS D 298 -20.32 -46.46 25.70
C CYS D 298 -21.00 -45.76 24.50
N LYS D 299 -22.25 -46.18 24.18
CA LYS D 299 -23.01 -45.57 23.07
C LYS D 299 -23.54 -44.17 23.45
N LYS D 300 -23.94 -43.40 22.42
CA LYS D 300 -24.55 -42.07 22.54
C LYS D 300 -25.77 -42.20 23.46
N GLY D 301 -25.80 -41.40 24.52
CA GLY D 301 -26.90 -41.37 25.47
C GLY D 301 -26.76 -42.26 26.68
N ASP D 302 -25.77 -43.18 26.66
CA ASP D 302 -25.57 -44.18 27.72
C ASP D 302 -24.50 -43.85 28.77
N GLY D 303 -23.92 -42.63 28.72
CA GLY D 303 -22.91 -42.16 29.67
C GLY D 303 -23.40 -42.19 31.10
N LEU D 304 -24.66 -41.75 31.32
CA LEU D 304 -25.31 -41.76 32.64
C LEU D 304 -25.39 -43.18 33.20
N LYS D 305 -25.85 -44.17 32.38
CA LYS D 305 -25.96 -45.58 32.77
C LYS D 305 -24.56 -46.16 33.08
N PHE D 306 -23.55 -45.79 32.25
CA PHE D 306 -22.15 -46.20 32.38
C PHE D 306 -21.58 -45.80 33.76
N LEU D 307 -21.86 -44.55 34.20
CA LEU D 307 -21.43 -44.01 35.48
C LEU D 307 -22.19 -44.67 36.63
N ARG D 308 -23.53 -44.74 36.53
CA ARG D 308 -24.43 -45.34 37.53
C ARG D 308 -24.11 -46.81 37.78
N ASP D 309 -23.69 -47.56 36.73
CA ASP D 309 -23.35 -48.98 36.84
C ASP D 309 -21.91 -49.25 37.33
N GLY D 310 -21.17 -48.19 37.63
CA GLY D 310 -19.79 -48.26 38.12
C GLY D 310 -18.78 -48.73 37.08
N GLN D 311 -19.10 -48.57 35.80
CA GLN D 311 -18.26 -48.97 34.67
C GLN D 311 -17.06 -48.04 34.42
N SER D 312 -16.99 -46.91 35.15
CA SER D 312 -15.90 -45.95 35.00
C SER D 312 -14.98 -45.89 36.23
N THR D 313 -15.18 -46.82 37.16
CA THR D 313 -14.40 -47.00 38.39
C THR D 313 -13.83 -48.43 38.43
N TYR D 314 -13.16 -48.78 39.55
CA TYR D 314 -12.42 -50.03 39.81
C TYR D 314 -13.04 -51.37 39.29
N GLY D 315 -14.32 -51.67 39.46
CA GLY D 315 -14.86 -52.95 38.97
C GLY D 315 -15.32 -52.95 37.53
N GLY D 316 -15.28 -51.79 36.88
CA GLY D 316 -15.78 -51.60 35.53
C GLY D 316 -14.84 -51.84 34.37
N GLN D 317 -15.35 -51.50 33.17
CA GLN D 317 -14.75 -51.60 31.83
C GLN D 317 -13.46 -50.79 31.70
N CYS D 318 -13.45 -49.58 32.26
CA CYS D 318 -12.34 -48.65 32.17
C CYS D 318 -12.31 -47.75 33.41
N VAL D 319 -11.21 -47.77 34.18
CA VAL D 319 -11.05 -46.92 35.36
C VAL D 319 -10.71 -45.53 34.84
N VAL D 320 -11.67 -44.61 34.92
CA VAL D 320 -11.48 -43.26 34.41
C VAL D 320 -11.02 -42.37 35.58
N SER D 321 -10.00 -41.54 35.33
CA SER D 321 -9.36 -40.66 36.32
C SER D 321 -8.77 -41.46 37.52
N PRO D 322 -8.01 -42.59 37.31
CA PRO D 322 -7.46 -43.33 38.46
C PRO D 322 -6.49 -42.54 39.35
N ARG D 323 -5.86 -41.48 38.82
CA ARG D 323 -4.95 -40.63 39.62
C ARG D 323 -5.82 -39.67 40.47
N GLY D 324 -7.06 -39.48 40.04
CA GLY D 324 -8.04 -38.57 40.64
C GLY D 324 -8.43 -37.43 39.72
N GLY D 325 -7.80 -37.39 38.54
CA GLY D 325 -8.03 -36.38 37.50
C GLY D 325 -7.78 -34.96 37.94
N LEU D 326 -8.27 -33.99 37.14
CA LEU D 326 -8.18 -32.54 37.39
C LEU D 326 -8.97 -32.15 38.64
N LEU D 327 -10.06 -32.90 38.94
CA LEU D 327 -10.90 -32.66 40.12
C LEU D 327 -10.19 -32.95 41.43
N SER D 328 -9.09 -33.74 41.41
CA SER D 328 -8.30 -34.02 42.60
C SER D 328 -6.93 -33.33 42.58
N TYR D 329 -6.30 -33.20 41.40
CA TYR D 329 -4.98 -32.58 41.29
C TYR D 329 -5.04 -31.06 41.19
N GLY D 330 -6.16 -30.55 40.70
CA GLY D 330 -6.28 -29.14 40.36
C GLY D 330 -5.71 -29.05 38.96
N HIS D 331 -5.60 -27.83 38.40
CA HIS D 331 -5.18 -27.73 37.01
C HIS D 331 -4.12 -26.66 36.70
N PRO D 332 -2.82 -27.04 36.74
CA PRO D 332 -1.77 -26.12 36.27
C PRO D 332 -1.78 -26.30 34.75
N ILE D 333 -2.23 -25.27 34.02
CA ILE D 333 -2.47 -25.31 32.56
C ILE D 333 -1.38 -26.09 31.79
N GLY D 334 -0.13 -25.67 31.93
CA GLY D 334 0.98 -26.29 31.22
C GLY D 334 1.36 -27.69 31.64
N ALA D 335 0.97 -28.11 32.85
CA ALA D 335 1.38 -29.38 33.43
C ALA D 335 0.43 -30.57 33.24
N SER D 336 -0.89 -30.38 33.33
CA SER D 336 -1.85 -31.49 33.34
C SER D 336 -1.69 -32.52 32.20
N GLY D 337 -1.48 -32.08 30.94
CA GLY D 337 -1.28 -32.95 29.78
C GLY D 337 -0.12 -33.92 29.96
N ALA D 338 1.00 -33.42 30.54
CA ALA D 338 2.16 -34.26 30.80
C ALA D 338 1.91 -35.13 32.02
N ALA D 339 1.21 -34.58 33.05
CA ALA D 339 0.89 -35.23 34.34
C ALA D 339 0.00 -36.46 34.21
N GLN D 340 -0.88 -36.43 33.19
CA GLN D 340 -1.74 -37.57 32.86
C GLN D 340 -0.85 -38.70 32.33
N ILE D 341 0.12 -38.39 31.43
CA ILE D 341 1.02 -39.38 30.84
C ILE D 341 1.95 -40.04 31.91
N ALA D 342 2.53 -39.24 32.80
CA ALA D 342 3.40 -39.73 33.87
C ALA D 342 2.65 -40.71 34.78
N GLN D 343 1.41 -40.39 35.18
CA GLN D 343 0.59 -41.25 36.02
C GLN D 343 0.07 -42.52 35.30
N ASN D 344 -0.23 -42.42 33.98
CA ASN D 344 -0.65 -43.58 33.19
C ASN D 344 0.50 -44.59 33.09
N VAL D 345 1.74 -44.09 32.94
CA VAL D 345 2.96 -44.90 32.85
C VAL D 345 3.19 -45.67 34.17
N LYS D 346 3.04 -45.00 35.34
CA LYS D 346 3.19 -45.61 36.66
C LYS D 346 2.10 -46.66 36.94
N GLN D 347 0.89 -46.52 36.34
CA GLN D 347 -0.20 -47.48 36.48
C GLN D 347 0.11 -48.77 35.71
N LEU D 348 0.61 -48.61 34.45
CA LEU D 348 1.01 -49.71 33.58
C LEU D 348 2.21 -50.47 34.18
N ARG D 349 3.06 -49.74 34.91
CA ARG D 349 4.22 -50.34 35.58
C ARG D 349 3.86 -51.00 36.91
N GLY D 350 2.64 -50.77 37.39
CA GLY D 350 2.14 -51.34 38.65
C GLY D 350 2.82 -50.70 39.85
N GLU D 351 3.12 -49.37 39.73
CA GLU D 351 3.85 -48.58 40.72
C GLU D 351 3.00 -47.62 41.58
N CYS D 352 1.68 -47.68 41.46
CA CYS D 352 0.80 -46.76 42.19
C CYS D 352 0.20 -47.33 43.50
N GLY D 353 0.96 -48.13 44.24
CA GLY D 353 0.59 -48.72 45.53
C GLY D 353 -0.34 -47.89 46.40
N GLY D 354 -1.53 -48.42 46.63
CA GLY D 354 -2.59 -47.78 47.40
C GLY D 354 -3.72 -47.38 46.46
N TYR D 355 -3.35 -46.81 45.31
CA TYR D 355 -4.29 -46.36 44.29
C TYR D 355 -4.04 -47.07 42.94
N GLN D 356 -3.29 -48.19 42.99
CA GLN D 356 -2.97 -49.03 41.84
C GLN D 356 -4.22 -49.71 41.34
N VAL D 357 -4.49 -49.57 40.03
CA VAL D 357 -5.65 -50.18 39.37
C VAL D 357 -5.45 -51.70 39.31
N GLY D 358 -6.50 -52.38 39.80
CA GLY D 358 -6.74 -53.81 39.99
C GLY D 358 -5.98 -54.70 39.04
N PRO D 359 -6.61 -55.33 38.02
CA PRO D 359 -5.77 -56.06 37.08
C PRO D 359 -4.89 -54.95 36.49
N THR D 360 -3.55 -55.07 36.66
CA THR D 360 -2.61 -54.06 36.16
C THR D 360 -3.00 -53.67 34.73
N PRO D 361 -3.31 -52.38 34.47
CA PRO D 361 -3.69 -51.99 33.10
C PRO D 361 -2.59 -52.29 32.08
N LYS D 362 -2.98 -52.61 30.84
CA LYS D 362 -2.03 -52.86 29.75
C LYS D 362 -2.20 -51.81 28.65
N VAL D 363 -3.35 -51.09 28.65
CA VAL D 363 -3.71 -50.03 27.69
C VAL D 363 -4.16 -48.78 28.49
N ALA D 364 -3.47 -47.66 28.30
CA ALA D 364 -3.73 -46.38 28.97
C ALA D 364 -3.92 -45.27 27.97
N MET D 365 -5.07 -44.57 28.05
CA MET D 365 -5.40 -43.46 27.19
C MET D 365 -5.39 -42.19 28.02
N SER D 366 -5.01 -41.07 27.41
CA SER D 366 -4.96 -39.77 28.04
C SER D 366 -5.60 -38.75 27.11
N HIS D 367 -6.19 -37.67 27.67
CA HIS D 367 -6.91 -36.62 26.93
C HIS D 367 -6.93 -35.28 27.66
N VAL D 368 -6.45 -34.25 26.95
CA VAL D 368 -6.59 -32.82 27.37
C VAL D 368 -7.04 -32.02 26.16
N THR D 369 -7.89 -31.03 26.40
CA THR D 369 -8.37 -30.15 25.31
C THR D 369 -7.64 -28.81 25.39
N GLY D 370 -8.34 -27.75 25.78
CA GLY D 370 -7.74 -26.42 25.97
C GLY D 370 -8.33 -25.36 25.07
N GLY D 371 -8.65 -24.22 25.65
CA GLY D 371 -9.18 -23.02 25.00
C GLY D 371 -10.50 -23.21 24.30
N GLY D 372 -10.73 -22.31 23.34
CA GLY D 372 -11.93 -22.36 22.53
C GLY D 372 -12.72 -21.08 22.61
N LEU D 373 -12.57 -20.26 21.58
CA LEU D 373 -13.30 -19.01 21.39
C LEU D 373 -14.73 -19.35 20.95
N SER D 374 -15.58 -18.31 20.81
CA SER D 374 -16.97 -18.47 20.32
C SER D 374 -16.92 -19.26 19.01
N GLY D 375 -17.88 -20.14 18.85
CA GLY D 375 -17.99 -20.97 17.65
C GLY D 375 -17.10 -22.20 17.59
N THR D 376 -16.32 -22.48 18.64
CA THR D 376 -15.49 -23.69 18.71
C THR D 376 -15.87 -24.40 19.99
N GLU D 377 -15.78 -25.72 19.99
CA GLU D 377 -16.05 -26.49 21.21
C GLU D 377 -14.78 -26.42 22.10
N HIS D 378 -13.60 -26.49 21.46
CA HIS D 378 -12.27 -26.45 22.06
C HIS D 378 -11.32 -25.94 21.00
N ALA D 379 -10.22 -25.29 21.41
CA ALA D 379 -9.25 -24.81 20.43
C ALA D 379 -8.38 -25.95 19.97
N ALA D 380 -8.04 -26.87 20.90
CA ALA D 380 -7.12 -27.96 20.66
C ALA D 380 -7.50 -29.22 21.42
N CYS D 381 -6.98 -30.36 20.96
CA CYS D 381 -7.12 -31.67 21.60
C CYS D 381 -5.88 -32.48 21.30
N THR D 382 -5.34 -33.10 22.37
CA THR D 382 -4.18 -33.99 22.30
C THR D 382 -4.53 -35.26 23.07
N MET D 383 -4.38 -36.41 22.42
CA MET D 383 -4.67 -37.73 22.98
C MET D 383 -3.55 -38.70 22.70
N HIS D 384 -3.11 -39.46 23.73
CA HIS D 384 -2.07 -40.48 23.62
C HIS D 384 -2.67 -41.85 23.95
N MET D 385 -2.24 -42.89 23.21
CA MET D 385 -2.58 -44.27 23.49
C MET D 385 -1.27 -44.97 23.88
N LEU D 386 -1.18 -45.43 25.13
CA LEU D 386 0.03 -46.07 25.65
C LEU D 386 -0.25 -47.52 26.00
N VAL D 387 0.71 -48.42 25.70
CA VAL D 387 0.57 -49.86 25.94
C VAL D 387 1.81 -50.47 26.55
N LYS D 388 1.64 -51.59 27.28
CA LYS D 388 2.72 -52.39 27.88
C LYS D 388 3.74 -52.71 26.76
N GLY D 389 5.01 -52.39 26.99
CA GLY D 389 6.06 -52.61 26.00
C GLY D 389 7.12 -53.61 26.42
N TRP D 390 6.80 -54.44 27.43
CA TRP D 390 7.67 -55.50 27.93
C TRP D 390 6.88 -56.82 28.05
N GLY D 391 7.58 -57.93 28.26
CA GLY D 391 6.98 -59.25 28.39
C GLY D 391 6.88 -59.72 29.82
N LYS E 14 26.81 29.72 -33.13
CA LYS E 14 26.55 28.28 -33.15
C LYS E 14 27.68 27.51 -32.44
N GLU E 15 27.43 27.12 -31.17
CA GLU E 15 28.37 26.35 -30.35
C GLU E 15 28.49 24.94 -30.98
N PRO E 16 29.72 24.40 -31.18
CA PRO E 16 29.83 23.05 -31.79
C PRO E 16 29.14 21.99 -30.94
N ASP E 17 28.37 21.13 -31.60
CA ASP E 17 27.61 20.06 -30.96
C ASP E 17 28.54 18.96 -30.40
N ILE E 18 28.03 18.23 -29.39
CA ILE E 18 28.72 17.13 -28.72
C ILE E 18 29.12 16.05 -29.74
N THR E 19 30.29 15.44 -29.52
CA THR E 19 30.80 14.33 -30.33
C THR E 19 30.88 13.08 -29.45
N PHE E 20 30.30 13.20 -28.23
CA PHE E 20 30.31 12.17 -27.21
C PHE E 20 29.08 12.23 -26.30
N PHE E 21 28.55 11.06 -25.99
CA PHE E 21 27.42 10.92 -25.08
C PHE E 21 27.75 9.81 -24.07
N HIS E 22 28.02 10.14 -22.81
CA HIS E 22 27.98 11.46 -22.17
C HIS E 22 29.01 11.41 -21.04
N PRO E 23 29.78 12.49 -20.75
CA PRO E 23 30.77 12.43 -19.65
C PRO E 23 30.21 11.97 -18.30
N ASP E 24 28.93 12.25 -18.02
CA ASP E 24 28.24 11.86 -16.78
C ASP E 24 27.86 10.37 -16.70
N ILE E 25 27.71 9.70 -17.86
CA ILE E 25 27.27 8.30 -17.90
C ILE E 25 28.39 7.34 -18.34
N LEU E 26 29.28 7.81 -19.22
CA LEU E 26 30.35 6.99 -19.76
C LEU E 26 31.71 7.56 -19.36
N GLU E 27 32.50 6.74 -18.65
CA GLU E 27 33.86 7.12 -18.26
C GLU E 27 34.84 6.46 -19.21
N VAL E 28 35.71 7.27 -19.82
CA VAL E 28 36.76 6.79 -20.71
C VAL E 28 38.11 7.12 -20.05
N PRO E 29 38.76 6.13 -19.39
CA PRO E 29 40.02 6.43 -18.68
C PRO E 29 41.14 6.97 -19.55
N LYS E 30 41.78 8.09 -19.10
CA LYS E 30 42.92 8.76 -19.74
C LYS E 30 44.11 7.83 -19.93
N ASP E 31 44.31 6.91 -18.96
CA ASP E 31 45.39 5.91 -18.92
C ASP E 31 45.27 4.82 -20.00
N GLY E 32 44.16 4.84 -20.75
CA GLY E 32 43.91 3.87 -21.82
C GLY E 32 43.12 2.66 -21.37
N GLY E 33 42.80 2.61 -20.08
CA GLY E 33 42.03 1.54 -19.44
C GLY E 33 40.64 1.37 -20.02
N LEU E 34 40.01 0.21 -19.74
CA LEU E 34 38.69 -0.15 -20.26
C LEU E 34 37.57 0.82 -19.83
N PRO E 35 36.83 1.38 -20.81
CA PRO E 35 35.73 2.30 -20.46
C PRO E 35 34.63 1.62 -19.65
N TYR E 36 33.84 2.40 -18.91
CA TYR E 36 32.75 1.84 -18.10
C TYR E 36 31.60 2.79 -17.93
N LEU E 37 30.40 2.23 -17.70
CA LEU E 37 29.20 3.01 -17.43
C LEU E 37 29.28 3.43 -15.98
N LYS E 38 28.82 4.64 -15.68
CA LYS E 38 28.81 5.21 -14.35
C LYS E 38 27.40 5.20 -13.79
N GLY E 39 27.26 4.62 -12.61
CA GLY E 39 26.01 4.62 -11.87
C GLY E 39 26.20 5.59 -10.72
N TYR E 40 25.10 6.12 -10.19
CA TYR E 40 25.13 7.05 -9.07
C TYR E 40 24.25 6.53 -7.94
N ARG E 41 24.86 6.25 -6.77
CA ARG E 41 24.08 5.79 -5.65
C ARG E 41 23.70 6.98 -4.78
N CYS E 42 22.39 7.12 -4.48
CA CYS E 42 21.92 8.21 -3.62
C CYS E 42 22.49 7.96 -2.22
N LYS E 43 23.13 8.98 -1.64
CA LYS E 43 23.74 8.89 -0.30
C LYS E 43 22.69 8.79 0.81
N LYS E 44 21.45 9.25 0.54
CA LYS E 44 20.39 9.28 1.56
C LYS E 44 19.52 8.04 1.60
N CYS E 45 19.11 7.51 0.44
CA CYS E 45 18.22 6.34 0.41
C CYS E 45 18.92 5.07 -0.12
N GLY E 46 20.12 5.22 -0.68
CA GLY E 46 20.90 4.12 -1.21
C GLY E 46 20.49 3.59 -2.55
N GLN E 47 19.62 4.33 -3.24
CA GLN E 47 19.13 3.89 -4.56
C GLN E 47 20.19 4.12 -5.62
N LEU E 48 20.39 3.11 -6.46
CA LEU E 48 21.34 3.17 -7.57
C LEU E 48 20.57 3.50 -8.85
N ASP E 49 21.12 4.41 -9.63
CA ASP E 49 20.47 4.88 -10.87
C ASP E 49 21.55 5.45 -11.79
N PHE E 50 21.12 5.97 -12.92
CA PHE E 50 22.00 6.69 -13.83
C PHE E 50 21.99 8.15 -13.37
N LYS E 51 22.95 8.98 -13.86
CA LYS E 51 23.09 10.40 -13.49
C LYS E 51 21.74 11.15 -13.47
N THR E 52 21.47 11.88 -12.37
CA THR E 52 20.30 12.74 -12.13
C THR E 52 20.70 13.89 -11.23
N GLU E 53 19.98 15.02 -11.34
CA GLU E 53 20.16 16.21 -10.50
C GLU E 53 19.63 15.93 -9.08
N MET E 54 18.52 15.17 -8.99
CA MET E 54 17.91 14.79 -7.71
C MET E 54 17.40 13.37 -7.73
N CYS E 55 17.44 12.69 -6.57
CA CYS E 55 17.00 11.31 -6.47
C CYS E 55 15.48 11.23 -6.70
N THR E 56 15.06 10.43 -7.68
CA THR E 56 13.66 10.25 -8.06
C THR E 56 12.83 9.74 -6.92
N ASN E 57 13.40 9.02 -5.97
CA ASN E 57 12.47 8.53 -5.00
C ASN E 57 12.59 9.20 -3.61
N CYS E 58 13.76 9.81 -3.23
CA CYS E 58 13.77 10.54 -1.94
C CYS E 58 14.06 12.06 -2.09
N TRP E 59 14.40 12.52 -3.32
CA TRP E 59 14.64 13.93 -3.69
C TRP E 59 15.96 14.51 -3.19
N SER E 60 16.85 13.65 -2.65
CA SER E 60 18.16 14.12 -2.20
C SER E 60 18.98 14.55 -3.43
N GLU E 61 19.95 15.45 -3.25
CA GLU E 61 20.83 15.89 -4.34
C GLU E 61 22.28 15.45 -4.09
N GLU E 62 22.49 14.53 -3.14
CA GLU E 62 23.81 14.01 -2.73
C GLU E 62 24.02 12.57 -3.22
N PHE E 63 25.01 12.38 -4.10
CA PHE E 63 25.30 11.08 -4.70
C PHE E 63 26.77 10.65 -4.55
N GLU E 64 27.06 9.37 -4.84
CA GLU E 64 28.39 8.76 -4.89
C GLU E 64 28.47 7.97 -6.19
N MET E 65 29.52 8.17 -6.98
CA MET E 65 29.69 7.47 -8.25
C MET E 65 30.05 6.00 -7.98
N VAL E 66 29.34 5.07 -8.63
CA VAL E 66 29.56 3.63 -8.55
C VAL E 66 29.78 3.06 -9.97
N PRO E 67 31.00 2.56 -10.27
CA PRO E 67 31.24 2.00 -11.63
C PRO E 67 30.36 0.76 -11.84
N LEU E 68 29.74 0.66 -13.00
CA LEU E 68 28.83 -0.45 -13.35
C LEU E 68 29.56 -1.51 -14.19
N SER E 69 29.02 -2.76 -14.13
CA SER E 69 29.56 -3.91 -14.87
C SER E 69 29.62 -3.64 -16.37
N ARG E 70 30.74 -4.03 -17.00
CA ARG E 70 30.96 -3.89 -18.43
C ARG E 70 30.19 -4.98 -19.19
N ARG E 71 29.81 -6.08 -18.50
CA ARG E 71 29.04 -7.17 -19.09
C ARG E 71 27.59 -7.19 -18.66
N GLY E 72 26.73 -7.53 -19.62
CA GLY E 72 25.29 -7.62 -19.41
C GLY E 72 24.67 -8.69 -20.26
N LYS E 73 23.34 -8.80 -20.19
CA LYS E 73 22.54 -9.75 -20.93
C LYS E 73 21.56 -9.00 -21.80
N VAL E 74 21.37 -9.46 -23.04
CA VAL E 74 20.37 -8.88 -23.93
C VAL E 74 19.02 -9.37 -23.41
N TYR E 75 18.27 -8.52 -22.70
CA TYR E 75 16.96 -8.91 -22.19
C TYR E 75 16.02 -9.10 -23.40
N SER E 76 16.05 -8.13 -24.31
CA SER E 76 15.34 -8.15 -25.58
C SER E 76 16.03 -7.20 -26.53
N PHE E 77 15.71 -7.30 -27.84
CA PHE E 77 16.32 -6.49 -28.88
C PHE E 77 15.37 -6.45 -30.08
N SER E 78 15.71 -5.59 -31.04
CA SER E 78 14.98 -5.49 -32.30
C SER E 78 15.91 -5.00 -33.41
N ASP E 79 15.81 -5.66 -34.56
CA ASP E 79 16.50 -5.33 -35.82
C ASP E 79 15.61 -4.28 -36.47
N ILE E 80 16.12 -3.04 -36.57
CA ILE E 80 15.41 -1.85 -37.06
C ILE E 80 15.67 -1.62 -38.55
N TYR E 81 14.59 -1.68 -39.36
CA TYR E 81 14.69 -1.47 -40.80
C TYR E 81 14.20 -0.07 -41.19
N ILE E 82 13.19 0.42 -40.46
CA ILE E 82 12.65 1.76 -40.61
C ILE E 82 12.85 2.38 -39.23
N GLY E 83 13.90 3.19 -39.10
CA GLY E 83 14.32 3.79 -37.84
C GLY E 83 14.14 5.28 -37.75
N GLN E 84 14.89 5.88 -36.82
CA GLN E 84 14.85 7.33 -36.57
C GLN E 84 15.39 8.09 -37.76
N GLN E 85 14.84 9.29 -38.02
CA GLN E 85 15.24 10.14 -39.15
C GLN E 85 16.72 10.47 -39.09
N GLY E 86 17.41 10.21 -40.19
CA GLY E 86 18.84 10.46 -40.33
C GLY E 86 19.74 9.28 -40.05
N LEU E 87 19.26 8.31 -39.24
CA LEU E 87 20.03 7.13 -38.85
C LEU E 87 20.11 6.09 -39.98
N ALA E 88 21.33 5.61 -40.31
CA ALA E 88 21.54 4.60 -41.37
C ALA E 88 20.94 3.26 -40.95
N THR E 89 20.18 2.64 -41.86
CA THR E 89 19.49 1.37 -41.61
C THR E 89 20.06 0.20 -42.43
N PRO E 90 19.99 -1.05 -41.93
CA PRO E 90 19.46 -1.46 -40.63
C PRO E 90 20.39 -1.21 -39.44
N TYR E 91 19.79 -1.09 -38.25
CA TYR E 91 20.51 -0.97 -36.98
C TYR E 91 19.79 -1.78 -35.92
N ILE E 92 20.46 -2.06 -34.79
CA ILE E 92 19.91 -2.87 -33.71
C ILE E 92 19.99 -2.10 -32.40
N PHE E 93 18.93 -2.20 -31.58
CA PHE E 93 18.91 -1.65 -30.23
C PHE E 93 18.35 -2.70 -29.28
N ALA E 94 18.59 -2.53 -27.98
CA ALA E 94 18.19 -3.52 -26.99
C ALA E 94 18.07 -2.98 -25.59
N TYR E 95 17.47 -3.80 -24.71
CA TYR E 95 17.45 -3.60 -23.27
C TYR E 95 18.55 -4.55 -22.79
N VAL E 96 19.61 -3.96 -22.22
CA VAL E 96 20.74 -4.70 -21.67
C VAL E 96 20.65 -4.65 -20.15
N ASP E 97 20.46 -5.81 -19.54
CA ASP E 97 20.36 -5.89 -18.10
C ASP E 97 21.72 -6.16 -17.49
N LEU E 98 22.10 -5.29 -16.56
CA LEU E 98 23.36 -5.35 -15.85
C LEU E 98 23.14 -6.07 -14.51
N PRO E 99 24.17 -6.78 -13.95
CA PRO E 99 23.98 -7.49 -12.67
C PRO E 99 23.53 -6.64 -11.49
N GLU E 100 23.80 -5.32 -11.53
CA GLU E 100 23.40 -4.35 -10.48
C GLU E 100 21.87 -4.07 -10.50
N ASN E 101 21.09 -4.84 -11.32
CA ASN E 101 19.63 -4.74 -11.52
C ASN E 101 19.25 -3.35 -12.08
N LEU E 102 19.98 -2.97 -13.13
CA LEU E 102 19.85 -1.71 -13.85
C LEU E 102 19.75 -2.08 -15.34
N ARG E 103 18.70 -1.60 -16.01
CA ARG E 103 18.46 -1.83 -17.42
C ARG E 103 18.99 -0.65 -18.21
N VAL E 104 19.79 -0.92 -19.24
CA VAL E 104 20.38 0.08 -20.14
C VAL E 104 19.85 -0.13 -21.55
N PHE E 105 19.31 0.92 -22.15
CA PHE E 105 18.91 0.88 -23.54
C PHE E 105 20.18 1.27 -24.33
N ALA E 106 20.51 0.49 -25.35
CA ALA E 106 21.69 0.74 -26.17
C ALA E 106 21.59 0.03 -27.52
N GLN E 107 22.37 0.51 -28.50
CA GLN E 107 22.49 -0.10 -29.80
C GLN E 107 23.41 -1.30 -29.65
N LEU E 108 23.20 -2.33 -30.48
CA LEU E 108 24.03 -3.53 -30.45
C LEU E 108 24.86 -3.54 -31.71
N GLU E 109 26.19 -3.81 -31.58
CA GLU E 109 27.06 -3.92 -32.75
C GLU E 109 26.88 -5.27 -33.41
N GLY E 110 26.94 -5.29 -34.75
CA GLY E 110 26.80 -6.52 -35.50
C GLY E 110 25.69 -6.53 -36.53
N GLU E 111 25.36 -7.72 -37.01
CA GLU E 111 24.38 -7.93 -38.07
C GLU E 111 22.99 -8.29 -37.57
N VAL E 112 22.00 -8.01 -38.43
CA VAL E 112 20.59 -8.36 -38.26
C VAL E 112 20.45 -9.90 -38.25
N ASP E 113 19.46 -10.43 -37.48
CA ASP E 113 19.17 -11.85 -37.31
C ASP E 113 20.38 -12.66 -36.76
N THR E 114 21.10 -12.09 -35.77
CA THR E 114 22.23 -12.79 -35.13
C THR E 114 22.11 -12.81 -33.61
N TYR E 115 21.33 -11.87 -33.02
CA TYR E 115 21.15 -11.81 -31.58
C TYR E 115 20.00 -12.68 -31.12
N ARG E 116 20.04 -13.09 -29.85
CA ARG E 116 19.01 -13.88 -29.18
C ARG E 116 18.77 -13.34 -27.75
N CYS E 117 17.56 -13.55 -27.19
CA CYS E 117 17.23 -13.11 -25.82
C CYS E 117 18.11 -13.89 -24.83
N ASP E 118 18.60 -13.21 -23.77
CA ASP E 118 19.44 -13.73 -22.66
C ASP E 118 20.92 -13.96 -23.07
N GLU E 119 21.32 -13.45 -24.25
CA GLU E 119 22.69 -13.55 -24.77
C GLU E 119 23.59 -12.55 -24.04
N GLU E 120 24.78 -13.02 -23.59
CA GLU E 120 25.79 -12.23 -22.89
C GLU E 120 26.43 -11.21 -23.86
N VAL E 121 26.57 -9.95 -23.40
CA VAL E 121 27.13 -8.85 -24.18
C VAL E 121 28.09 -8.05 -23.33
N GLU E 122 29.00 -7.32 -24.00
CA GLU E 122 30.05 -6.51 -23.39
C GLU E 122 30.02 -5.08 -23.91
N LEU E 123 30.37 -4.11 -23.04
CA LEU E 123 30.38 -2.69 -23.33
C LEU E 123 31.45 -2.36 -24.37
N THR E 124 31.09 -1.51 -25.36
CA THR E 124 31.97 -1.06 -26.42
C THR E 124 31.62 0.37 -26.84
N LEU E 125 32.54 1.05 -27.51
CA LEU E 125 32.33 2.40 -28.00
C LEU E 125 32.13 2.44 -29.50
N GLY E 126 31.14 3.23 -29.94
CA GLY E 126 30.82 3.40 -31.34
C GLY E 126 29.94 4.59 -31.64
N PRO E 127 29.83 4.99 -32.94
CA PRO E 127 28.92 6.12 -33.29
C PRO E 127 27.46 5.70 -33.19
N ILE E 128 26.64 6.50 -32.49
CA ILE E 128 25.22 6.17 -32.31
C ILE E 128 24.30 6.94 -33.25
N ARG E 129 24.76 8.14 -33.71
CA ARG E 129 24.04 9.05 -34.60
C ARG E 129 24.91 10.25 -35.02
N MET E 130 24.46 11.02 -36.02
CA MET E 130 25.15 12.24 -36.46
C MET E 130 24.64 13.39 -35.62
N ASN E 131 25.50 14.33 -35.23
CA ASN E 131 25.09 15.49 -34.43
C ASN E 131 24.53 16.61 -35.32
N ASN E 132 24.38 17.82 -34.75
CA ASN E 132 23.83 18.94 -35.52
C ASN E 132 24.81 19.53 -36.53
N ASP E 133 26.12 19.24 -36.38
CA ASP E 133 27.16 19.69 -37.29
C ASP E 133 27.52 18.57 -38.29
N ASN E 134 26.68 17.49 -38.32
CA ASN E 134 26.78 16.29 -39.15
C ASN E 134 28.08 15.53 -38.92
N LEU E 135 28.44 15.40 -37.64
CA LEU E 135 29.62 14.68 -37.18
C LEU E 135 29.12 13.58 -36.26
N PRO E 136 29.70 12.36 -36.26
CA PRO E 136 29.18 11.31 -35.37
C PRO E 136 29.36 11.59 -33.87
N ILE E 137 28.35 11.20 -33.05
CA ILE E 137 28.35 11.27 -31.58
C ILE E 137 28.76 9.87 -31.15
N ILE E 138 29.85 9.79 -30.36
CA ILE E 138 30.39 8.54 -29.83
C ILE E 138 29.74 8.24 -28.50
N SER E 139 29.22 7.03 -28.37
CA SER E 139 28.59 6.64 -27.13
C SER E 139 28.85 5.17 -26.85
N TYR E 140 28.20 4.65 -25.81
CA TYR E 140 28.27 3.26 -25.45
C TYR E 140 27.31 2.47 -26.33
N LYS E 141 27.69 1.22 -26.57
CA LYS E 141 26.93 0.23 -27.27
C LYS E 141 27.34 -1.08 -26.62
N PHE E 142 26.67 -2.17 -27.00
CA PHE E 142 27.02 -3.50 -26.51
C PHE E 142 27.33 -4.39 -27.69
N LYS E 143 28.22 -5.36 -27.50
CA LYS E 143 28.61 -6.31 -28.55
C LYS E 143 28.71 -7.73 -28.03
N LYS E 144 28.67 -8.73 -28.94
CA LYS E 144 28.83 -10.14 -28.62
C LYS E 144 30.22 -10.34 -28.04
N ILE E 145 30.35 -11.23 -27.05
CA ILE E 145 31.62 -11.54 -26.39
C ILE E 145 32.43 -12.52 -27.27
N ALA E 146 33.72 -12.22 -27.48
CA ALA E 146 34.65 -13.02 -28.28
C ALA E 146 35.13 -14.23 -27.48
N PRO F 16 -4.03 25.97 -57.90
CA PRO F 16 -3.83 27.43 -57.78
C PRO F 16 -4.64 28.00 -56.64
N ASP F 17 -4.00 28.90 -55.85
CA ASP F 17 -4.61 29.53 -54.70
C ASP F 17 -5.71 30.52 -55.10
N ILE F 18 -6.65 30.79 -54.17
CA ILE F 18 -7.78 31.72 -54.37
C ILE F 18 -7.28 33.11 -54.69
N THR F 19 -8.00 33.81 -55.58
CA THR F 19 -7.71 35.19 -55.98
C THR F 19 -8.92 36.04 -55.59
N PHE F 20 -9.92 35.41 -54.96
CA PHE F 20 -11.14 36.07 -54.52
C PHE F 20 -11.62 35.48 -53.17
N PHE F 21 -12.07 36.36 -52.27
CA PHE F 21 -12.60 35.96 -50.97
C PHE F 21 -13.91 36.75 -50.71
N HIS F 22 -15.06 36.10 -50.58
CA HIS F 22 -15.35 34.66 -50.70
C HIS F 22 -16.76 34.62 -51.33
N PRO F 23 -17.04 33.69 -52.28
CA PRO F 23 -18.38 33.67 -52.93
C PRO F 23 -19.61 33.65 -52.00
N ASP F 24 -19.48 33.05 -50.80
CA ASP F 24 -20.55 32.95 -49.79
C ASP F 24 -20.87 34.27 -49.05
N ILE F 25 -19.90 35.19 -48.98
CA ILE F 25 -20.04 36.49 -48.28
C ILE F 25 -20.15 37.66 -49.26
N LEU F 26 -19.37 37.62 -50.33
CA LEU F 26 -19.33 38.71 -51.27
C LEU F 26 -19.93 38.39 -52.62
N GLU F 27 -21.02 39.08 -52.98
CA GLU F 27 -21.64 38.92 -54.29
C GLU F 27 -21.12 40.01 -55.21
N VAL F 28 -20.56 39.59 -56.35
CA VAL F 28 -20.06 40.52 -57.37
C VAL F 28 -20.91 40.27 -58.63
N PRO F 29 -21.93 41.12 -58.88
CA PRO F 29 -22.81 40.89 -60.06
C PRO F 29 -22.08 40.86 -61.41
N LYS F 30 -22.38 39.81 -62.22
CA LYS F 30 -21.86 39.58 -63.58
C LYS F 30 -22.15 40.74 -64.51
N ASP F 31 -23.32 41.37 -64.33
CA ASP F 31 -23.85 42.50 -65.11
C ASP F 31 -23.06 43.81 -64.88
N GLY F 32 -22.12 43.80 -63.92
CA GLY F 32 -21.32 44.96 -63.60
C GLY F 32 -21.88 45.81 -62.48
N GLY F 33 -23.07 45.43 -61.99
CA GLY F 33 -23.79 46.07 -60.88
C GLY F 33 -23.01 46.13 -59.59
N LEU F 34 -23.45 46.99 -58.66
CA LEU F 34 -22.76 47.23 -57.39
C LEU F 34 -22.64 46.00 -56.50
N PRO F 35 -21.39 45.63 -56.10
CA PRO F 35 -21.21 44.44 -55.24
C PRO F 35 -21.86 44.63 -53.86
N TYR F 36 -22.17 43.53 -53.19
CA TYR F 36 -22.76 43.60 -51.85
C TYR F 36 -22.39 42.41 -50.98
N LEU F 37 -22.39 42.62 -49.68
CA LEU F 37 -22.18 41.59 -48.69
C LEU F 37 -23.50 40.85 -48.56
N LYS F 38 -23.44 39.53 -48.45
CA LYS F 38 -24.68 38.77 -48.32
C LYS F 38 -24.82 38.19 -46.92
N GLY F 39 -26.00 38.41 -46.36
CA GLY F 39 -26.38 37.95 -45.04
C GLY F 39 -27.36 36.80 -45.18
N TYR F 40 -27.57 36.05 -44.11
CA TYR F 40 -28.48 34.91 -44.13
C TYR F 40 -29.38 34.96 -42.93
N ARG F 41 -30.68 34.92 -43.16
CA ARG F 41 -31.65 34.93 -42.07
C ARG F 41 -32.19 33.51 -41.87
N CYS F 42 -32.12 33.03 -40.63
CA CYS F 42 -32.64 31.70 -40.32
C CYS F 42 -34.16 31.75 -40.47
N LYS F 43 -34.72 30.80 -41.22
CA LYS F 43 -36.17 30.72 -41.48
C LYS F 43 -36.94 30.26 -40.24
N LYS F 44 -36.24 29.61 -39.27
CA LYS F 44 -36.90 29.07 -38.08
C LYS F 44 -36.91 30.02 -36.88
N CYS F 45 -35.81 30.70 -36.60
CA CYS F 45 -35.75 31.61 -35.45
C CYS F 45 -35.64 33.11 -35.84
N GLY F 46 -35.39 33.38 -37.12
CA GLY F 46 -35.27 34.74 -37.62
C GLY F 46 -33.94 35.44 -37.40
N GLN F 47 -32.92 34.71 -36.85
CA GLN F 47 -31.59 35.28 -36.63
C GLN F 47 -30.87 35.57 -37.95
N LEU F 48 -30.29 36.77 -38.06
CA LEU F 48 -29.49 37.17 -39.21
C LEU F 48 -28.02 36.95 -38.86
N ASP F 49 -27.27 36.35 -39.78
CA ASP F 49 -25.85 36.07 -39.59
C ASP F 49 -25.17 35.97 -40.96
N PHE F 50 -23.85 35.80 -40.97
CA PHE F 50 -23.11 35.54 -42.21
C PHE F 50 -23.29 34.05 -42.49
N LYS F 51 -22.87 33.59 -43.69
CA LYS F 51 -23.01 32.20 -44.14
C LYS F 51 -22.59 31.18 -43.10
N THR F 52 -23.47 30.19 -42.82
CA THR F 52 -23.25 29.08 -41.91
C THR F 52 -24.01 27.84 -42.42
N GLU F 53 -23.53 26.66 -42.05
CA GLU F 53 -24.16 25.38 -42.38
C GLU F 53 -25.41 25.21 -41.51
N MET F 54 -25.34 25.66 -40.24
CA MET F 54 -26.45 25.59 -39.28
C MET F 54 -26.53 26.83 -38.41
N CYS F 55 -27.76 27.20 -38.00
CA CYS F 55 -28.02 28.39 -37.18
C CYS F 55 -27.42 28.21 -35.79
N THR F 56 -26.57 29.17 -35.35
CA THR F 56 -25.92 29.10 -34.02
C THR F 56 -26.95 29.21 -32.88
N ASN F 57 -28.09 29.85 -33.14
CA ASN F 57 -29.14 30.03 -32.15
C ASN F 57 -30.08 28.81 -31.99
N CYS F 58 -30.58 28.22 -33.10
CA CYS F 58 -31.57 27.14 -33.00
C CYS F 58 -31.16 25.85 -33.71
N TRP F 59 -30.03 25.85 -34.45
CA TRP F 59 -29.48 24.69 -35.17
C TRP F 59 -30.24 24.30 -36.45
N SER F 60 -31.13 25.17 -36.93
CA SER F 60 -31.84 24.94 -38.19
C SER F 60 -30.84 25.07 -39.34
N GLU F 61 -31.11 24.41 -40.47
CA GLU F 61 -30.24 24.46 -41.65
C GLU F 61 -30.94 25.16 -42.82
N GLU F 62 -32.09 25.82 -42.54
CA GLU F 62 -32.91 26.51 -43.54
C GLU F 62 -32.78 28.03 -43.43
N PHE F 63 -32.24 28.65 -44.49
CA PHE F 63 -31.98 30.09 -44.52
C PHE F 63 -32.47 30.77 -45.79
N GLU F 64 -32.64 32.10 -45.72
CA GLU F 64 -33.00 32.99 -46.82
C GLU F 64 -31.88 34.02 -46.92
N MET F 65 -31.32 34.23 -48.13
CA MET F 65 -30.24 35.20 -48.33
C MET F 65 -30.81 36.62 -48.25
N VAL F 66 -30.17 37.50 -47.48
CA VAL F 66 -30.58 38.89 -47.29
C VAL F 66 -29.40 39.80 -47.73
N PRO F 67 -29.53 40.60 -48.81
CA PRO F 67 -28.41 41.48 -49.19
C PRO F 67 -28.24 42.56 -48.12
N LEU F 68 -26.99 42.81 -47.72
CA LEU F 68 -26.65 43.77 -46.67
C LEU F 68 -26.28 45.13 -47.24
N SER F 69 -26.47 46.19 -46.42
CA SER F 69 -26.16 47.59 -46.75
C SER F 69 -24.70 47.73 -47.15
N ARG F 70 -24.46 48.51 -48.22
CA ARG F 70 -23.15 48.83 -48.76
C ARG F 70 -22.46 49.86 -47.88
N ARG F 71 -23.22 50.62 -47.07
CA ARG F 71 -22.63 51.59 -46.15
C ARG F 71 -22.70 51.16 -44.69
N GLY F 72 -21.62 51.45 -43.98
CA GLY F 72 -21.51 51.20 -42.56
C GLY F 72 -20.79 52.34 -41.84
N LYS F 73 -20.46 52.09 -40.58
CA LYS F 73 -19.76 53.02 -39.70
C LYS F 73 -18.53 52.31 -39.16
N VAL F 74 -17.40 53.04 -39.04
CA VAL F 74 -16.16 52.50 -38.50
C VAL F 74 -16.35 52.50 -36.99
N TYR F 75 -16.72 51.35 -36.42
CA TYR F 75 -16.93 51.28 -34.97
C TYR F 75 -15.59 51.53 -34.28
N SER F 76 -14.53 50.88 -34.77
CA SER F 76 -13.15 51.05 -34.35
C SER F 76 -12.22 50.58 -35.45
N PHE F 77 -10.95 50.95 -35.36
CA PHE F 77 -9.94 50.65 -36.37
C PHE F 77 -8.57 50.69 -35.73
N SER F 78 -7.56 50.28 -36.50
CA SER F 78 -6.17 50.36 -36.08
C SER F 78 -5.28 50.42 -37.32
N ASP F 79 -4.29 51.32 -37.27
CA ASP F 79 -3.23 51.51 -38.26
C ASP F 79 -2.16 50.49 -37.84
N ILE F 80 -1.96 49.46 -38.67
CA ILE F 80 -1.05 48.33 -38.44
C ILE F 80 0.33 48.56 -39.05
N TYR F 81 1.38 48.60 -38.18
CA TYR F 81 2.75 48.82 -38.63
C TYR F 81 3.54 47.51 -38.63
N ILE F 82 3.23 46.62 -37.69
CA ILE F 82 3.82 45.29 -37.60
C ILE F 82 2.58 44.38 -37.69
N GLY F 83 2.35 43.83 -38.88
CA GLY F 83 1.18 43.03 -39.19
C GLY F 83 1.45 41.57 -39.43
N GLN F 84 0.51 40.93 -40.15
CA GLN F 84 0.58 39.51 -40.47
C GLN F 84 1.76 39.25 -41.42
N GLN F 85 2.39 38.07 -41.27
CA GLN F 85 3.56 37.69 -42.09
C GLN F 85 3.22 37.70 -43.57
N GLY F 86 4.05 38.42 -44.33
CA GLY F 86 3.92 38.56 -45.77
C GLY F 86 3.15 39.79 -46.24
N LEU F 87 2.26 40.36 -45.38
CA LEU F 87 1.44 41.52 -45.71
C LEU F 87 2.25 42.82 -45.71
N ALA F 88 2.13 43.62 -46.80
CA ALA F 88 2.81 44.93 -46.91
C ALA F 88 2.27 45.89 -45.86
N THR F 89 3.19 46.55 -45.12
CA THR F 89 2.84 47.49 -44.07
C THR F 89 3.24 48.93 -44.44
N PRO F 90 2.51 49.95 -43.95
CA PRO F 90 1.33 49.87 -43.07
C PRO F 90 0.02 49.51 -43.78
N TYR F 91 -0.92 48.95 -43.02
CA TYR F 91 -2.27 48.64 -43.49
C TYR F 91 -3.26 48.94 -42.36
N ILE F 92 -4.55 49.03 -42.68
CA ILE F 92 -5.59 49.38 -41.71
C ILE F 92 -6.70 48.34 -41.73
N PHE F 93 -7.22 47.99 -40.56
CA PHE F 93 -8.37 47.08 -40.42
C PHE F 93 -9.33 47.65 -39.41
N ALA F 94 -10.57 47.20 -39.43
CA ALA F 94 -11.61 47.79 -38.61
C ALA F 94 -12.80 46.89 -38.38
N TYR F 95 -13.63 47.28 -37.41
CA TYR F 95 -14.93 46.71 -37.16
C TYR F 95 -15.87 47.69 -37.86
N VAL F 96 -16.61 47.22 -38.87
CA VAL F 96 -17.56 48.04 -39.62
C VAL F 96 -18.96 47.59 -39.27
N ASP F 97 -19.71 48.47 -38.62
CA ASP F 97 -21.07 48.14 -38.21
C ASP F 97 -22.05 48.53 -39.28
N LEU F 98 -22.88 47.56 -39.67
CA LEU F 98 -23.90 47.73 -40.69
C LEU F 98 -25.26 48.00 -40.00
N PRO F 99 -26.18 48.75 -40.65
CA PRO F 99 -27.51 49.04 -40.04
C PRO F 99 -28.35 47.82 -39.66
N GLU F 100 -28.09 46.66 -40.29
CA GLU F 100 -28.78 45.40 -40.00
C GLU F 100 -28.31 44.78 -38.64
N ASN F 101 -27.51 45.52 -37.83
CA ASN F 101 -26.98 45.06 -36.54
C ASN F 101 -26.01 43.87 -36.74
N LEU F 102 -25.11 44.01 -37.73
CA LEU F 102 -24.10 42.99 -38.07
C LEU F 102 -22.76 43.72 -38.16
N ARG F 103 -21.74 43.19 -37.49
CA ARG F 103 -20.40 43.74 -37.50
C ARG F 103 -19.56 42.95 -38.51
N VAL F 104 -18.87 43.68 -39.38
CA VAL F 104 -17.95 43.11 -40.37
C VAL F 104 -16.48 43.52 -40.07
N PHE F 105 -15.56 42.56 -39.98
CA PHE F 105 -14.15 42.88 -39.86
C PHE F 105 -13.64 43.04 -41.31
N ALA F 106 -12.96 44.14 -41.59
CA ALA F 106 -12.43 44.39 -42.93
C ALA F 106 -11.27 45.40 -42.89
N GLN F 107 -10.46 45.40 -43.96
CA GLN F 107 -9.41 46.36 -44.14
C GLN F 107 -10.04 47.66 -44.62
N LEU F 108 -9.40 48.79 -44.29
CA LEU F 108 -9.90 50.10 -44.72
C LEU F 108 -8.94 50.64 -45.75
N GLU F 109 -9.48 51.17 -46.86
CA GLU F 109 -8.63 51.75 -47.90
C GLU F 109 -8.23 53.16 -47.51
N GLY F 110 -6.99 53.53 -47.82
CA GLY F 110 -6.48 54.86 -47.50
C GLY F 110 -5.21 54.84 -46.66
N GLU F 111 -4.89 56.01 -46.13
CA GLU F 111 -3.66 56.26 -45.38
C GLU F 111 -3.87 56.19 -43.87
N VAL F 112 -2.76 55.93 -43.17
CA VAL F 112 -2.63 55.88 -41.72
C VAL F 112 -2.89 57.28 -41.18
N ASP F 113 -3.46 57.35 -39.95
CA ASP F 113 -3.79 58.60 -39.24
C ASP F 113 -4.81 59.49 -40.02
N THR F 114 -5.83 58.87 -40.64
CA THR F 114 -6.88 59.62 -41.36
C THR F 114 -8.27 59.18 -40.92
N TYR F 115 -8.41 57.94 -40.35
CA TYR F 115 -9.73 57.47 -39.91
C TYR F 115 -10.06 57.92 -38.49
N ARG F 116 -11.36 57.92 -38.16
CA ARG F 116 -11.88 58.23 -36.83
C ARG F 116 -13.01 57.24 -36.53
N CYS F 117 -13.33 57.05 -35.24
CA CYS F 117 -14.44 56.20 -34.78
C CYS F 117 -15.77 56.88 -35.15
N ASP F 118 -16.78 56.10 -35.58
CA ASP F 118 -18.14 56.50 -36.00
C ASP F 118 -18.19 57.15 -37.39
N GLU F 119 -17.08 57.08 -38.16
CA GLU F 119 -17.01 57.63 -39.52
C GLU F 119 -17.76 56.72 -40.54
N GLU F 120 -18.57 57.32 -41.41
CA GLU F 120 -19.34 56.63 -42.45
C GLU F 120 -18.42 56.12 -43.55
N VAL F 121 -18.59 54.86 -43.93
CA VAL F 121 -17.76 54.19 -44.94
C VAL F 121 -18.62 53.39 -45.92
N GLU F 122 -18.03 53.00 -47.04
CA GLU F 122 -18.73 52.34 -48.13
C GLU F 122 -17.97 51.11 -48.61
N LEU F 123 -18.72 50.07 -49.02
CA LEU F 123 -18.17 48.81 -49.51
C LEU F 123 -17.39 49.02 -50.80
N THR F 124 -16.24 48.35 -50.91
CA THR F 124 -15.36 48.50 -52.06
C THR F 124 -14.62 47.17 -52.27
N LEU F 125 -14.07 46.97 -53.47
CA LEU F 125 -13.32 45.77 -53.80
C LEU F 125 -11.87 46.17 -53.92
N GLY F 126 -11.00 45.34 -53.37
CA GLY F 126 -9.56 45.60 -53.41
C GLY F 126 -8.73 44.43 -52.96
N PRO F 127 -7.39 44.51 -53.11
CA PRO F 127 -6.53 43.41 -52.65
C PRO F 127 -6.36 43.39 -51.12
N ILE F 128 -6.52 42.19 -50.52
CA ILE F 128 -6.40 42.10 -49.07
C ILE F 128 -5.04 41.51 -48.63
N ARG F 129 -4.44 40.69 -49.54
CA ARG F 129 -3.16 39.99 -49.32
C ARG F 129 -2.72 39.30 -50.61
N MET F 130 -1.47 38.88 -50.68
CA MET F 130 -0.96 38.11 -51.80
C MET F 130 -1.24 36.64 -51.42
N ASN F 131 -1.77 35.85 -52.38
CA ASN F 131 -2.04 34.42 -52.20
C ASN F 131 -0.70 33.63 -52.24
N ASN F 132 -0.75 32.28 -52.16
CA ASN F 132 0.43 31.40 -52.15
C ASN F 132 1.19 31.35 -53.49
N ASP F 133 0.56 31.83 -54.57
CA ASP F 133 1.15 31.94 -55.91
C ASP F 133 1.64 33.39 -56.15
N ASN F 134 1.66 34.20 -55.07
CA ASN F 134 2.04 35.63 -55.01
C ASN F 134 1.23 36.50 -55.99
N LEU F 135 -0.10 36.26 -56.01
CA LEU F 135 -1.05 37.00 -56.80
C LEU F 135 -2.06 37.59 -55.80
N PRO F 136 -2.59 38.82 -55.99
CA PRO F 136 -3.50 39.38 -54.98
C PRO F 136 -4.84 38.68 -54.83
N ILE F 137 -5.33 38.58 -53.58
CA ILE F 137 -6.65 38.06 -53.28
C ILE F 137 -7.56 39.30 -53.22
N ILE F 138 -8.60 39.32 -54.08
CA ILE F 138 -9.56 40.40 -54.12
C ILE F 138 -10.67 40.07 -53.13
N SER F 139 -10.99 41.00 -52.26
CA SER F 139 -12.07 40.82 -51.30
C SER F 139 -12.75 42.14 -51.02
N TYR F 140 -13.68 42.14 -50.06
CA TYR F 140 -14.38 43.35 -49.65
C TYR F 140 -13.48 44.13 -48.69
N LYS F 141 -13.55 45.46 -48.81
CA LYS F 141 -12.82 46.42 -47.99
C LYS F 141 -13.80 47.58 -47.85
N PHE F 142 -13.54 48.50 -46.95
CA PHE F 142 -14.39 49.68 -46.78
C PHE F 142 -13.56 50.93 -47.02
N LYS F 143 -14.18 51.99 -47.56
CA LYS F 143 -13.47 53.23 -47.87
C LYS F 143 -14.29 54.46 -47.48
N LYS F 144 -13.63 55.62 -47.31
CA LYS F 144 -14.25 56.88 -47.01
C LYS F 144 -15.18 57.24 -48.16
N ILE F 145 -16.33 57.84 -47.84
CA ILE F 145 -17.33 58.28 -48.82
C ILE F 145 -16.90 59.64 -49.41
N ALA F 146 -16.97 59.77 -50.76
CA ALA F 146 -16.59 60.98 -51.49
C ALA F 146 -17.66 62.05 -51.37
N MET G 1 -18.13 27.88 -10.26
CA MET G 1 -18.51 26.57 -9.70
C MET G 1 -18.63 26.67 -8.19
N LYS G 2 -19.83 26.35 -7.65
CA LYS G 2 -20.09 26.36 -6.20
C LYS G 2 -19.23 25.30 -5.53
N LEU G 3 -18.58 25.64 -4.39
CA LEU G 3 -17.75 24.68 -3.68
C LEU G 3 -18.64 23.92 -2.69
N GLN G 4 -18.76 22.60 -2.86
CA GLN G 4 -19.57 21.73 -2.00
C GLN G 4 -19.04 21.67 -0.55
N ARG G 5 -17.73 21.87 -0.38
CA ARG G 5 -17.04 22.01 0.90
C ARG G 5 -15.89 22.98 0.71
N GLU G 6 -15.31 23.45 1.82
CA GLU G 6 -14.21 24.40 1.82
C GLU G 6 -12.92 23.85 1.24
N VAL G 7 -12.22 24.69 0.46
CA VAL G 7 -10.92 24.34 -0.13
C VAL G 7 -9.92 25.42 0.27
N TYR G 8 -8.75 24.99 0.72
CA TYR G 8 -7.69 25.89 1.14
C TYR G 8 -6.42 25.62 0.38
N ILE G 9 -5.64 26.66 0.21
CA ILE G 9 -4.34 26.55 -0.43
C ILE G 9 -3.31 26.41 0.70
N ALA G 10 -2.41 25.43 0.53
CA ALA G 10 -1.29 25.16 1.42
C ALA G 10 -0.08 25.82 0.78
N GLY G 11 0.86 25.03 0.28
CA GLY G 11 2.06 25.58 -0.33
C GLY G 11 1.91 25.95 -1.80
N VAL G 12 2.68 26.97 -2.18
CA VAL G 12 2.78 27.50 -3.53
C VAL G 12 4.24 27.43 -3.99
N GLY G 13 4.41 27.28 -5.30
CA GLY G 13 5.71 27.20 -5.97
C GLY G 13 5.73 28.16 -7.12
N GLU G 14 6.90 28.74 -7.39
CA GLU G 14 7.03 29.70 -8.47
C GLU G 14 8.46 29.74 -8.89
N THR G 15 8.72 29.62 -10.20
CA THR G 15 10.09 29.76 -10.69
C THR G 15 10.26 31.22 -11.07
N LYS G 16 11.51 31.59 -11.37
CA LYS G 16 11.83 32.90 -11.95
C LYS G 16 11.21 32.85 -13.34
N PHE G 17 10.70 33.99 -13.85
CA PHE G 17 10.14 34.07 -15.21
C PHE G 17 11.12 34.84 -16.07
N GLY G 18 11.41 34.32 -17.25
CA GLY G 18 12.34 34.97 -18.16
C GLY G 18 12.73 34.05 -19.29
N LYS G 19 13.97 34.19 -19.79
CA LYS G 19 14.49 33.31 -20.83
C LYS G 19 15.21 32.16 -20.11
N HIS G 20 14.64 30.93 -20.16
CA HIS G 20 15.26 29.76 -19.52
C HIS G 20 15.91 28.77 -20.50
N THR G 21 17.00 28.13 -20.06
CA THR G 21 17.74 27.10 -20.83
C THR G 21 17.39 25.70 -20.32
N VAL G 22 16.53 25.63 -19.28
CA VAL G 22 15.95 24.38 -18.76
C VAL G 22 14.51 24.32 -19.27
N ASP G 23 14.07 23.14 -19.72
CA ASP G 23 12.76 23.01 -20.33
C ASP G 23 11.60 23.06 -19.31
N PHE G 24 10.36 23.00 -19.83
CA PHE G 24 9.07 23.07 -19.13
C PHE G 24 8.98 22.05 -18.00
N ASP G 25 9.58 20.84 -18.21
CA ASP G 25 9.51 19.73 -17.25
C ASP G 25 10.31 20.03 -16.01
N VAL G 26 11.52 20.62 -16.18
CA VAL G 26 12.44 21.04 -15.09
C VAL G 26 11.80 22.22 -14.30
N LEU G 27 11.22 23.22 -15.02
CA LEU G 27 10.56 24.37 -14.40
C LEU G 27 9.34 23.92 -13.59
N GLY G 28 8.52 23.04 -14.19
CA GLY G 28 7.34 22.47 -13.55
C GLY G 28 7.71 21.69 -12.30
N ARG G 29 8.76 20.85 -12.40
CA ARG G 29 9.29 20.07 -11.27
C ARG G 29 9.75 21.01 -10.12
N GLU G 30 10.52 22.08 -10.45
CA GLU G 30 11.00 23.04 -9.46
C GLU G 30 9.80 23.67 -8.72
N ALA G 31 8.74 24.08 -9.48
CA ALA G 31 7.53 24.71 -8.93
C ALA G 31 6.76 23.74 -8.08
N ALA G 32 6.53 22.52 -8.58
CA ALA G 32 5.80 21.52 -7.81
C ALA G 32 6.60 21.16 -6.52
N LEU G 33 7.90 20.92 -6.64
CA LEU G 33 8.79 20.60 -5.49
C LEU G 33 8.67 21.69 -4.37
N GLN G 34 8.63 23.01 -4.76
CA GLN G 34 8.47 24.15 -3.85
C GLN G 34 7.10 24.18 -3.19
N ALA G 35 6.02 23.97 -3.94
CA ALA G 35 4.64 23.96 -3.40
C ALA G 35 4.44 22.78 -2.41
N MET G 36 5.05 21.63 -2.71
CA MET G 36 4.97 20.49 -1.80
C MET G 36 5.72 20.78 -0.51
N ASN G 37 6.95 21.31 -0.60
CA ASN G 37 7.75 21.63 0.60
C ASN G 37 7.07 22.72 1.45
N GLY G 38 6.36 23.64 0.78
CA GLY G 38 5.57 24.70 1.39
C GLY G 38 4.32 24.17 2.08
N SER G 39 3.92 22.93 1.76
CA SER G 39 2.75 22.24 2.32
C SER G 39 3.16 21.22 3.37
N ASN G 40 4.47 21.17 3.71
CA ASN G 40 5.06 20.18 4.63
C ASN G 40 4.83 18.74 4.10
N ILE G 41 4.97 18.57 2.78
CA ILE G 41 4.86 17.30 2.07
C ILE G 41 6.30 16.90 1.68
N ASP G 42 6.77 15.78 2.21
CA ASP G 42 8.10 15.27 1.90
C ASP G 42 8.06 13.96 1.09
N ARG G 43 6.83 13.47 0.78
CA ARG G 43 6.54 12.21 0.08
C ARG G 43 5.63 12.32 -1.21
N PRO G 44 5.65 11.30 -2.12
CA PRO G 44 4.73 11.32 -3.29
C PRO G 44 3.25 11.09 -2.93
N ASP G 45 3.04 10.05 -2.11
CA ASP G 45 1.86 9.42 -1.53
C ASP G 45 0.65 10.32 -1.23
N MET G 46 0.89 11.42 -0.52
CA MET G 46 -0.08 12.38 -0.02
C MET G 46 -0.98 13.01 -1.09
N ILE G 47 -0.36 13.61 -2.14
CA ILE G 47 -1.09 14.24 -3.25
C ILE G 47 -1.86 13.11 -3.96
N GLN G 48 -3.16 13.30 -4.09
CA GLN G 48 -4.08 12.29 -4.65
C GLN G 48 -4.45 12.52 -6.09
N SER G 49 -4.17 13.69 -6.65
CA SER G 49 -4.41 13.98 -8.06
C SER G 49 -3.60 15.19 -8.46
N ALA G 50 -3.23 15.26 -9.74
CA ALA G 50 -2.44 16.38 -10.27
C ALA G 50 -2.99 16.80 -11.62
N TYR G 51 -3.08 18.13 -11.85
CA TYR G 51 -3.53 18.75 -13.09
C TYR G 51 -2.50 19.73 -13.53
N VAL G 52 -2.06 19.62 -14.78
CA VAL G 52 -1.01 20.49 -15.29
C VAL G 52 -1.47 21.22 -16.56
N GLY G 53 -1.29 22.54 -16.57
CA GLY G 53 -1.59 23.40 -17.70
C GLY G 53 -0.38 23.64 -18.57
N ASN G 54 -0.59 23.67 -19.87
CA ASN G 54 0.46 23.89 -20.88
C ASN G 54 -0.23 24.31 -22.15
N GLY G 55 0.49 24.97 -23.03
CA GLY G 55 -0.04 25.37 -24.32
C GLY G 55 0.59 24.64 -25.49
N MET G 56 1.93 24.65 -25.59
CA MET G 56 2.65 24.17 -26.78
C MET G 56 3.84 23.24 -26.58
N ASN G 57 4.10 22.79 -25.36
CA ASN G 57 5.28 21.96 -25.17
C ASN G 57 5.14 20.49 -25.43
N ASP G 58 4.10 19.88 -24.87
CA ASP G 58 3.98 18.41 -24.88
C ASP G 58 2.56 17.99 -24.63
N MET G 59 2.22 16.76 -25.04
CA MET G 59 0.90 16.18 -24.85
C MET G 59 0.78 15.53 -23.45
N THR G 60 1.93 15.29 -22.79
CA THR G 60 1.99 14.63 -21.49
C THR G 60 2.83 15.44 -20.51
N THR G 61 2.57 16.76 -20.46
CA THR G 61 3.32 17.74 -19.65
C THR G 61 3.47 17.34 -18.18
N GLY G 62 2.36 17.05 -17.51
CA GLY G 62 2.33 16.67 -16.11
C GLY G 62 3.11 15.42 -15.79
N GLN G 63 3.03 14.42 -16.67
CA GLN G 63 3.74 13.14 -16.51
C GLN G 63 5.26 13.37 -16.61
N ALA G 64 5.69 14.28 -17.51
CA ALA G 64 7.10 14.67 -17.68
C ALA G 64 7.53 15.50 -16.47
N VAL G 65 6.62 16.32 -15.90
CA VAL G 65 6.88 17.13 -14.70
C VAL G 65 7.11 16.23 -13.46
N PHE G 66 6.16 15.32 -13.16
CA PHE G 66 6.22 14.47 -11.96
C PHE G 66 7.10 13.23 -12.10
N ARG G 67 7.60 12.93 -13.32
CA ARG G 67 8.47 11.77 -13.57
C ARG G 67 9.72 11.79 -12.63
N GLY G 68 10.44 12.92 -12.60
CA GLY G 68 11.67 13.07 -11.81
C GLY G 68 11.47 13.18 -10.31
N LEU G 69 10.23 13.28 -9.87
CA LEU G 69 9.86 13.35 -8.46
C LEU G 69 9.36 11.98 -7.97
N GLY G 70 9.40 10.97 -8.84
CA GLY G 70 8.97 9.60 -8.53
C GLY G 70 7.52 9.51 -8.09
N MET G 71 6.68 10.45 -8.58
CA MET G 71 5.27 10.54 -8.17
C MET G 71 4.28 9.89 -9.12
N CYS G 72 4.67 9.67 -10.37
CA CYS G 72 3.84 8.99 -11.36
C CYS G 72 3.59 7.58 -10.89
N GLY G 73 2.35 7.14 -11.01
CA GLY G 73 1.99 5.80 -10.58
C GLY G 73 0.51 5.64 -10.33
N PRO G 74 0.11 4.48 -9.74
CA PRO G 74 -1.33 4.24 -9.49
C PRO G 74 -2.02 5.18 -8.50
N ASN G 75 -1.25 5.90 -7.71
CA ASN G 75 -1.75 6.80 -6.70
C ASN G 75 -1.82 8.23 -7.21
N LEU G 76 -1.31 8.48 -8.43
CA LEU G 76 -1.36 9.86 -8.96
C LEU G 76 -2.00 9.95 -10.36
N PRO G 77 -3.34 10.00 -10.48
CA PRO G 77 -3.92 10.25 -11.81
C PRO G 77 -3.54 11.68 -12.25
N ILE G 78 -2.86 11.79 -13.39
CA ILE G 78 -2.42 13.08 -13.93
C ILE G 78 -3.28 13.40 -15.20
N ILE G 79 -3.85 14.61 -15.25
CA ILE G 79 -4.60 15.07 -16.41
C ILE G 79 -4.02 16.42 -16.80
N ASN G 80 -3.64 16.58 -18.07
CA ASN G 80 -3.13 17.85 -18.58
C ASN G 80 -4.28 18.65 -19.17
N VAL G 81 -4.25 19.97 -18.95
CA VAL G 81 -5.30 20.86 -19.40
C VAL G 81 -4.77 21.95 -20.34
N GLN G 82 -5.61 22.36 -21.30
CA GLN G 82 -5.39 23.51 -22.21
C GLN G 82 -6.67 24.34 -22.32
N SER G 83 -6.54 25.66 -22.36
CA SER G 83 -7.45 26.60 -23.03
C SER G 83 -6.67 27.89 -23.29
N ALA G 84 -5.65 27.80 -24.14
CA ALA G 84 -4.55 28.78 -24.26
C ALA G 84 -4.13 29.31 -22.88
N CYS G 85 -4.14 30.63 -22.72
CA CYS G 85 -3.76 31.37 -21.52
C CYS G 85 -4.47 30.98 -20.23
N SER G 86 -5.64 30.36 -20.33
CA SER G 86 -6.40 29.89 -19.16
C SER G 86 -5.83 28.61 -18.51
N ALA G 87 -5.02 27.83 -19.25
CA ALA G 87 -4.49 26.50 -18.83
C ALA G 87 -3.94 26.40 -17.40
N GLY G 88 -3.06 27.32 -16.97
CA GLY G 88 -2.46 27.20 -15.62
C GLY G 88 -3.49 27.40 -14.52
N ALA G 89 -4.47 28.29 -14.75
CA ALA G 89 -5.56 28.55 -13.80
C ALA G 89 -6.55 27.40 -13.82
N MET G 90 -6.82 26.80 -15.00
CA MET G 90 -7.72 25.64 -15.09
C MET G 90 -7.11 24.43 -14.36
N ALA G 91 -5.78 24.31 -14.38
CA ALA G 91 -5.06 23.23 -13.63
C ALA G 91 -5.38 23.37 -12.13
N VAL G 92 -5.30 24.60 -11.59
CA VAL G 92 -5.61 24.87 -10.16
C VAL G 92 -7.12 24.64 -9.92
N PHE G 93 -7.99 25.11 -10.86
CA PHE G 93 -9.43 24.90 -10.76
C PHE G 93 -9.80 23.42 -10.67
N CYS G 94 -9.21 22.57 -11.54
CA CYS G 94 -9.45 21.10 -11.55
C CYS G 94 -9.02 20.48 -10.23
N ALA G 95 -7.87 20.93 -9.66
CA ALA G 95 -7.40 20.44 -8.37
C ALA G 95 -8.43 20.86 -7.27
N ILE G 96 -8.90 22.12 -7.32
CA ILE G 96 -9.89 22.65 -6.38
C ILE G 96 -11.19 21.83 -6.45
N LYS G 97 -11.63 21.51 -7.68
CA LYS G 97 -12.85 20.74 -7.91
C LYS G 97 -12.76 19.37 -7.26
N ASP G 98 -11.60 18.67 -7.42
CA ASP G 98 -11.38 17.34 -6.80
C ASP G 98 -11.53 17.40 -5.27
N VAL G 99 -10.99 18.46 -4.65
CA VAL G 99 -11.08 18.64 -3.20
C VAL G 99 -12.51 19.03 -2.78
N ALA G 100 -13.11 20.06 -3.43
CA ALA G 100 -14.46 20.56 -3.12
C ALA G 100 -15.54 19.50 -3.16
N THR G 101 -15.41 18.52 -4.05
CA THR G 101 -16.38 17.44 -4.25
C THR G 101 -16.13 16.21 -3.36
N GLY G 102 -14.99 16.18 -2.66
CA GLY G 102 -14.59 15.06 -1.84
C GLY G 102 -13.98 13.91 -2.61
N VAL G 103 -13.60 14.12 -3.92
CA VAL G 103 -12.94 13.08 -4.73
C VAL G 103 -11.54 12.86 -4.10
N THR G 104 -10.91 13.95 -3.67
CA THR G 104 -9.62 13.93 -2.99
C THR G 104 -9.70 14.89 -1.78
N ASP G 105 -8.71 14.79 -0.89
CA ASP G 105 -8.55 15.68 0.26
C ASP G 105 -7.37 16.58 0.04
N LEU G 106 -6.53 16.23 -0.96
CA LEU G 106 -5.33 17.02 -1.28
C LEU G 106 -4.94 16.75 -2.72
N SER G 107 -4.78 17.84 -3.48
CA SER G 107 -4.47 17.78 -4.89
C SER G 107 -3.47 18.88 -5.22
N ILE G 108 -2.91 18.87 -6.43
CA ILE G 108 -1.95 19.89 -6.90
C ILE G 108 -2.31 20.36 -8.33
N GLY G 109 -2.19 21.67 -8.55
CA GLY G 109 -2.37 22.31 -9.84
C GLY G 109 -1.02 22.89 -10.22
N VAL G 110 -0.54 22.65 -11.44
CA VAL G 110 0.76 23.18 -11.91
C VAL G 110 0.49 23.81 -13.29
N GLY G 111 1.13 24.94 -13.52
CA GLY G 111 1.12 25.62 -14.81
C GLY G 111 2.57 25.73 -15.20
N THR G 112 2.95 25.27 -16.42
CA THR G 112 4.34 25.36 -16.87
C THR G 112 4.45 25.58 -18.38
N GLU G 113 5.49 26.31 -18.79
CA GLU G 113 5.80 26.55 -20.20
C GLU G 113 7.20 27.02 -20.44
N ASN G 114 7.80 26.51 -21.52
CA ASN G 114 9.05 27.05 -22.01
C ASN G 114 8.82 27.25 -23.50
N HIS G 115 8.87 28.51 -23.92
CA HIS G 115 8.73 28.94 -25.30
C HIS G 115 10.11 29.16 -26.00
N THR G 116 11.02 29.93 -25.37
CA THR G 116 12.28 30.41 -25.96
C THR G 116 13.31 29.32 -26.36
N MET G 117 13.20 28.10 -25.78
CA MET G 117 14.11 27.00 -26.16
C MET G 117 13.68 26.35 -27.49
N HIS G 118 12.47 26.66 -27.96
CA HIS G 118 11.91 26.01 -29.14
C HIS G 118 11.58 26.99 -30.26
N ARG G 119 11.74 26.52 -31.52
CA ARG G 119 11.45 27.26 -32.75
C ARG G 119 9.94 27.11 -32.96
N GLN G 120 9.21 28.16 -32.56
CA GLN G 120 7.76 28.19 -32.60
C GLN G 120 7.29 29.28 -33.57
N SER G 121 7.28 28.90 -34.85
CA SER G 121 7.06 29.81 -36.00
C SER G 121 5.56 30.00 -36.26
N GLY G 122 5.25 30.62 -37.39
CA GLY G 122 3.87 30.88 -37.77
C GLY G 122 3.03 29.63 -37.98
N ALA G 123 3.70 28.47 -38.23
CA ALA G 123 3.08 27.15 -38.44
C ALA G 123 1.97 26.87 -37.41
N ALA G 124 2.24 27.15 -36.10
CA ALA G 124 1.28 27.01 -35.01
C ALA G 124 1.56 27.95 -33.82
N PHE G 125 1.09 29.22 -33.92
CA PHE G 125 1.13 30.24 -32.85
C PHE G 125 -0.15 31.05 -32.90
N SER G 126 -0.51 31.52 -34.09
CA SER G 126 -1.75 32.22 -34.38
C SER G 126 -2.64 31.31 -35.24
N ALA G 127 -3.89 31.75 -35.43
CA ALA G 127 -4.96 31.13 -36.19
C ALA G 127 -4.62 30.87 -37.67
N ALA G 128 -5.34 29.92 -38.29
CA ALA G 128 -5.22 29.56 -39.71
C ALA G 128 -5.83 30.68 -40.58
N ARG G 129 -5.41 30.77 -41.85
CA ARG G 129 -5.91 31.73 -42.84
C ARG G 129 -7.42 31.55 -43.09
N SER G 130 -7.94 30.32 -42.88
CA SER G 130 -9.36 29.97 -42.99
C SER G 130 -10.24 30.77 -42.00
N ASP G 131 -9.67 31.23 -40.86
CA ASP G 131 -10.38 32.09 -39.91
C ASP G 131 -10.58 33.44 -40.63
N ILE G 132 -11.82 33.86 -40.80
CA ILE G 132 -12.21 35.05 -41.56
C ILE G 132 -11.39 36.32 -41.20
N GLU G 133 -11.22 36.66 -39.92
CA GLU G 133 -10.44 37.86 -39.54
C GLU G 133 -8.96 37.72 -39.89
N THR G 134 -8.41 36.50 -39.76
CA THR G 134 -7.01 36.19 -40.09
C THR G 134 -6.82 36.33 -41.60
N MET G 135 -7.81 35.87 -42.40
CA MET G 135 -7.77 36.05 -43.85
C MET G 135 -7.59 37.53 -44.18
N HIS G 136 -8.32 38.40 -43.48
CA HIS G 136 -8.28 39.86 -43.72
C HIS G 136 -7.09 40.60 -43.05
N GLY G 137 -6.14 39.84 -42.51
CA GLY G 137 -4.92 40.39 -41.92
C GLY G 137 -4.94 40.73 -40.44
N ALA G 138 -5.90 40.20 -39.65
CA ALA G 138 -5.94 40.44 -38.20
C ALA G 138 -4.67 39.97 -37.48
N VAL G 139 -4.22 40.74 -36.52
CA VAL G 139 -3.12 40.42 -35.60
C VAL G 139 -3.65 40.74 -34.18
N MET G 140 -3.28 39.95 -33.16
CA MET G 140 -3.76 40.15 -31.78
C MET G 140 -3.53 41.57 -31.25
N THR G 141 -2.38 42.18 -31.53
CA THR G 141 -2.08 43.54 -31.07
C THR G 141 -3.07 44.55 -31.69
N GLY G 142 -3.41 44.38 -32.99
CA GLY G 142 -4.39 45.19 -33.68
C GLY G 142 -5.78 45.05 -33.09
N LYS G 143 -6.17 43.81 -32.71
CA LYS G 143 -7.45 43.49 -32.09
C LYS G 143 -7.59 44.26 -30.77
N TYR G 144 -6.56 44.20 -29.92
CA TYR G 144 -6.54 44.94 -28.67
C TYR G 144 -6.41 46.45 -28.88
N ALA G 145 -5.66 46.88 -29.93
CA ALA G 145 -5.48 48.32 -30.26
C ALA G 145 -6.82 48.95 -30.68
N MET G 146 -7.72 48.13 -31.29
CA MET G 146 -9.04 48.62 -31.65
C MET G 146 -9.87 48.90 -30.40
N ARG G 147 -9.65 48.13 -29.33
CA ARG G 147 -10.31 48.33 -28.04
C ARG G 147 -9.82 49.65 -27.43
N ALA G 148 -8.51 49.92 -27.57
CA ALA G 148 -7.87 51.17 -27.07
C ALA G 148 -8.35 52.39 -27.83
N THR G 149 -8.35 52.32 -29.19
CA THR G 149 -8.85 53.39 -30.07
C THR G 149 -10.30 53.76 -29.71
N ARG G 150 -11.17 52.77 -29.51
CA ARG G 150 -12.57 52.99 -29.16
C ARG G 150 -12.71 53.65 -27.76
N TYR G 151 -11.94 53.16 -26.78
CA TYR G 151 -11.93 53.69 -25.41
C TYR G 151 -11.44 55.16 -25.39
N MET G 152 -10.38 55.46 -26.18
CA MET G 152 -9.81 56.81 -26.33
C MET G 152 -10.86 57.76 -26.93
N HIS G 153 -11.63 57.25 -27.90
CA HIS G 153 -12.71 57.99 -28.56
C HIS G 153 -13.83 58.33 -27.54
N GLU G 154 -14.24 57.35 -26.72
CA GLU G 154 -15.32 57.50 -25.74
C GLU G 154 -14.96 58.23 -24.43
N THR G 155 -13.72 58.11 -23.94
CA THR G 155 -13.35 58.72 -22.66
C THR G 155 -12.39 59.90 -22.74
N GLY G 156 -11.69 60.04 -23.89
CA GLY G 156 -10.68 61.09 -24.05
C GLY G 156 -9.31 60.67 -23.54
N ALA G 157 -9.16 59.35 -23.25
CA ALA G 157 -7.92 58.74 -22.79
C ALA G 157 -6.83 58.92 -23.86
N THR G 158 -5.58 59.15 -23.44
CA THR G 158 -4.48 59.38 -24.37
C THR G 158 -3.56 58.17 -24.38
N ILE G 159 -2.57 58.14 -25.31
CA ILE G 159 -1.57 57.09 -25.40
C ILE G 159 -0.68 57.10 -24.12
N GLU G 160 -0.50 58.27 -23.50
CA GLU G 160 0.24 58.46 -22.24
C GLU G 160 -0.52 57.77 -21.09
N ASP G 161 -1.89 57.81 -21.11
CA ASP G 161 -2.72 57.17 -20.10
C ASP G 161 -2.57 55.67 -20.20
N LEU G 162 -2.57 55.16 -21.44
CA LEU G 162 -2.40 53.74 -21.73
C LEU G 162 -1.01 53.29 -21.23
N ALA G 163 0.04 54.08 -21.55
CA ALA G 163 1.43 53.86 -21.15
C ALA G 163 1.59 53.72 -19.64
N MET G 164 0.76 54.42 -18.83
CA MET G 164 0.77 54.41 -17.36
C MET G 164 0.60 53.02 -16.79
N ILE G 165 -0.07 52.11 -17.54
CA ILE G 165 -0.26 50.73 -17.11
C ILE G 165 1.10 50.02 -17.04
N THR G 166 1.95 50.17 -18.09
CA THR G 166 3.29 49.60 -18.14
C THR G 166 4.14 50.20 -17.04
N VAL G 167 4.10 51.54 -16.89
CA VAL G 167 4.86 52.26 -15.86
C VAL G 167 4.53 51.71 -14.48
N LYS G 168 3.22 51.65 -14.11
CA LYS G 168 2.77 51.17 -12.78
C LYS G 168 3.08 49.67 -12.60
N ASN G 169 2.87 48.85 -13.64
CA ASN G 169 3.14 47.40 -13.54
C ASN G 169 4.65 47.10 -13.34
N ARG G 170 5.53 47.79 -14.09
CA ARG G 170 6.99 47.64 -13.93
C ARG G 170 7.44 48.15 -12.56
N LYS G 171 6.79 49.21 -12.06
CA LYS G 171 7.07 49.81 -10.75
C LYS G 171 6.73 48.78 -9.66
N HIS G 172 5.58 48.10 -9.80
CA HIS G 172 5.12 47.07 -8.88
C HIS G 172 6.12 45.91 -8.79
N ALA G 173 6.70 45.55 -9.95
CA ALA G 173 7.66 44.47 -10.09
C ALA G 173 9.09 44.77 -9.64
N THR G 174 9.46 46.05 -9.37
CA THR G 174 10.82 46.49 -9.03
C THR G 174 11.58 45.54 -8.07
N HIS G 175 11.00 45.26 -6.90
CA HIS G 175 11.64 44.41 -5.90
C HIS G 175 11.20 42.97 -5.99
N ASN G 176 10.56 42.58 -7.10
CA ASN G 176 10.13 41.20 -7.30
C ASN G 176 11.23 40.42 -8.07
N PRO G 177 11.94 39.49 -7.39
CA PRO G 177 13.00 38.73 -8.10
C PRO G 177 12.46 37.73 -9.12
N TYR G 178 11.16 37.40 -9.07
CA TYR G 178 10.51 36.43 -9.98
C TYR G 178 10.18 37.05 -11.32
N ALA G 179 9.92 38.39 -11.33
CA ALA G 179 9.57 39.12 -12.54
C ALA G 179 10.75 39.17 -13.52
N TRP G 180 10.46 39.38 -14.81
CA TRP G 180 11.46 39.41 -15.87
C TRP G 180 11.93 40.85 -16.07
N PHE G 181 10.99 41.77 -16.44
CA PHE G 181 11.26 43.21 -16.61
C PHE G 181 10.68 43.93 -15.41
N LYS G 182 11.44 44.85 -14.83
CA LYS G 182 11.02 45.56 -13.62
C LYS G 182 11.75 46.89 -13.49
N GLY G 183 11.31 47.69 -12.52
CA GLY G 183 11.96 48.94 -12.20
C GLY G 183 11.31 50.14 -12.85
N ALA G 184 12.10 51.19 -12.98
CA ALA G 184 11.67 52.47 -13.54
C ALA G 184 11.72 52.50 -15.05
N ILE G 185 10.57 52.83 -15.63
CA ILE G 185 10.33 53.07 -17.05
C ILE G 185 9.41 54.30 -17.08
N THR G 186 9.72 55.29 -17.88
CA THR G 186 8.91 56.50 -17.94
C THR G 186 7.84 56.33 -18.99
N VAL G 187 6.82 57.21 -18.95
CA VAL G 187 5.75 57.24 -19.94
C VAL G 187 6.36 57.47 -21.35
N GLU G 188 7.34 58.36 -21.44
CA GLU G 188 8.04 58.75 -22.67
C GLU G 188 8.65 57.54 -23.37
N GLU G 189 9.45 56.72 -22.65
CA GLU G 189 10.08 55.59 -23.36
C GLU G 189 9.07 54.54 -23.78
N VAL G 190 7.96 54.38 -23.02
CA VAL G 190 6.89 53.42 -23.38
C VAL G 190 6.20 53.91 -24.67
N VAL G 191 5.85 55.24 -24.71
CA VAL G 191 5.19 55.91 -25.84
C VAL G 191 6.13 55.95 -27.07
N ASN G 192 7.45 56.11 -26.84
CA ASN G 192 8.46 56.18 -27.90
C ASN G 192 8.93 54.83 -28.42
N SER G 193 8.53 53.71 -27.77
CA SER G 193 8.92 52.39 -28.25
C SER G 193 8.19 52.06 -29.55
N ARG G 194 8.76 51.14 -30.37
CA ARG G 194 8.27 50.80 -31.69
C ARG G 194 6.75 50.58 -31.74
N MET G 195 6.05 51.34 -32.60
CA MET G 195 4.60 51.22 -32.81
C MET G 195 4.30 49.88 -33.46
N VAL G 196 3.36 49.13 -32.87
CA VAL G 196 2.98 47.83 -33.42
C VAL G 196 1.70 48.01 -34.25
N ALA G 197 0.63 48.45 -33.57
CA ALA G 197 -0.69 48.73 -34.13
C ALA G 197 -1.26 49.85 -33.28
N TYR G 198 -1.33 51.10 -33.83
CA TYR G 198 -1.78 52.27 -33.07
C TYR G 198 -3.05 52.03 -32.23
N PRO G 199 -3.04 52.35 -30.90
CA PRO G 199 -1.98 53.03 -30.12
C PRO G 199 -1.02 52.10 -29.33
N MET G 200 -0.99 50.80 -29.66
CA MET G 200 -0.13 49.81 -28.95
C MET G 200 1.32 49.85 -29.45
N THR G 201 2.20 50.31 -28.58
CA THR G 201 3.64 50.35 -28.80
C THR G 201 4.22 49.05 -28.16
N LEU G 202 5.42 48.64 -28.59
CA LEU G 202 6.11 47.43 -28.11
C LEU G 202 6.15 47.26 -26.56
N GLN G 203 6.38 48.35 -25.83
CA GLN G 203 6.43 48.34 -24.35
C GLN G 203 5.06 48.24 -23.66
N GLN G 204 3.99 48.37 -24.45
CA GLN G 204 2.60 48.18 -23.99
C GLN G 204 2.05 46.74 -24.23
N CYS G 205 2.90 45.85 -24.79
CA CYS G 205 2.56 44.45 -25.12
C CYS G 205 3.38 43.51 -24.22
N CYS G 206 2.74 42.48 -23.64
CA CYS G 206 3.48 41.52 -22.83
C CYS G 206 4.37 40.67 -23.75
N GLY G 207 5.52 40.23 -23.24
CA GLY G 207 6.43 39.41 -24.01
C GLY G 207 6.19 37.92 -23.84
N ILE G 208 6.87 37.12 -24.65
CA ILE G 208 6.87 35.65 -24.57
C ILE G 208 7.94 35.28 -23.55
N ALA G 209 7.60 34.49 -22.51
CA ALA G 209 8.56 34.09 -21.46
C ALA G 209 8.45 32.61 -21.09
N ASP G 210 9.39 32.15 -20.26
CA ASP G 210 9.40 30.77 -19.75
C ASP G 210 9.26 30.84 -18.24
N GLY G 211 8.58 29.87 -17.68
CA GLY G 211 8.39 29.79 -16.24
C GLY G 211 7.33 28.80 -15.83
N ALA G 212 7.17 28.61 -14.52
CA ALA G 212 6.18 27.69 -13.97
C ALA G 212 5.76 28.12 -12.58
N ALA G 213 4.59 27.63 -12.15
CA ALA G 213 4.05 27.84 -10.82
C ALA G 213 3.20 26.63 -10.44
N ALA G 214 3.03 26.44 -9.13
CA ALA G 214 2.24 25.30 -8.66
C ALA G 214 1.52 25.73 -7.41
N VAL G 215 0.39 25.07 -7.14
CA VAL G 215 -0.53 25.37 -6.06
C VAL G 215 -1.03 24.05 -5.51
N VAL G 216 -0.83 23.83 -4.21
CA VAL G 216 -1.33 22.68 -3.50
C VAL G 216 -2.64 23.11 -2.79
N VAL G 217 -3.70 22.31 -3.01
CA VAL G 217 -5.00 22.57 -2.39
C VAL G 217 -5.44 21.35 -1.56
N GLY G 218 -6.17 21.64 -0.51
CA GLY G 218 -6.71 20.57 0.32
C GLY G 218 -7.88 20.97 1.16
N SER G 219 -8.46 20.02 1.85
CA SER G 219 -9.61 20.28 2.73
C SER G 219 -9.18 21.04 3.97
N LYS G 220 -10.14 21.47 4.80
CA LYS G 220 -9.88 22.14 6.07
C LYS G 220 -9.09 21.18 6.98
N GLU G 221 -9.54 19.90 7.06
CA GLU G 221 -8.92 18.84 7.87
C GLU G 221 -7.50 18.58 7.41
N MET G 222 -7.25 18.59 6.07
CA MET G 222 -5.92 18.39 5.49
C MET G 222 -4.97 19.55 5.87
N MET G 223 -5.47 20.78 5.93
CA MET G 223 -4.67 21.94 6.37
C MET G 223 -4.16 21.78 7.79
N LYS G 224 -5.01 21.28 8.69
CA LYS G 224 -4.71 21.02 10.10
C LYS G 224 -3.71 19.85 10.20
N LYS G 225 -3.94 18.77 9.42
CA LYS G 225 -3.10 17.57 9.33
C LYS G 225 -1.66 17.93 8.87
N LEU G 226 -1.53 18.79 7.85
CA LEU G 226 -0.21 19.22 7.35
C LEU G 226 0.44 20.33 8.18
N GLY G 227 -0.31 20.92 9.10
CA GLY G 227 0.18 22.01 9.93
C GLY G 227 0.43 23.30 9.17
N ILE G 228 -0.52 23.68 8.30
CA ILE G 228 -0.44 24.91 7.51
C ILE G 228 -0.84 26.08 8.41
N ALA G 229 0.11 27.00 8.64
CA ALA G 229 -0.04 28.18 9.51
C ALA G 229 -0.99 29.22 8.94
N LYS G 230 -0.86 29.51 7.62
CA LYS G 230 -1.65 30.54 6.95
C LYS G 230 -2.42 29.95 5.72
N PRO G 231 -3.42 29.04 5.94
CA PRO G 231 -4.15 28.49 4.81
C PRO G 231 -4.97 29.57 4.10
N VAL G 232 -4.81 29.68 2.77
CA VAL G 232 -5.56 30.64 1.97
C VAL G 232 -6.86 29.98 1.48
N LYS G 233 -8.00 30.48 1.92
CA LYS G 233 -9.29 29.93 1.55
C LYS G 233 -9.69 30.28 0.11
N VAL G 234 -10.19 29.29 -0.63
CA VAL G 234 -10.71 29.51 -1.99
C VAL G 234 -12.15 29.92 -1.75
N ALA G 235 -12.47 31.22 -1.92
CA ALA G 235 -13.83 31.75 -1.74
C ALA G 235 -14.70 31.44 -2.97
N GLY G 236 -14.07 31.33 -4.14
CA GLY G 236 -14.76 31.02 -5.37
C GLY G 236 -13.81 30.84 -6.51
N VAL G 237 -14.29 30.19 -7.57
CA VAL G 237 -13.56 29.91 -8.81
C VAL G 237 -14.61 29.66 -9.91
N VAL G 238 -14.45 30.36 -11.04
CA VAL G 238 -15.38 30.31 -12.16
C VAL G 238 -14.61 30.11 -13.48
N VAL G 239 -15.14 29.23 -14.33
CA VAL G 239 -14.63 28.97 -15.69
C VAL G 239 -15.82 29.21 -16.63
N GLU G 240 -15.60 29.91 -17.73
CA GLU G 240 -16.60 30.14 -18.76
C GLU G 240 -15.93 30.01 -20.12
N SER G 241 -16.73 29.93 -21.17
CA SER G 241 -16.26 29.95 -22.55
C SER G 241 -16.91 31.22 -23.14
N GLY G 242 -16.31 31.78 -24.17
CA GLY G 242 -16.72 33.04 -24.73
C GLY G 242 -17.87 32.98 -25.71
N PRO G 243 -18.92 33.82 -25.55
CA PRO G 243 -20.02 33.78 -26.53
C PRO G 243 -19.56 34.15 -27.94
N TYR G 244 -20.14 33.49 -28.93
CA TYR G 244 -19.87 33.71 -30.35
C TYR G 244 -21.10 34.32 -31.02
N HIS G 245 -20.89 35.42 -31.75
CA HIS G 245 -21.89 36.12 -32.53
C HIS G 245 -21.21 37.19 -33.38
N ASN G 246 -21.90 37.67 -34.45
CA ASN G 246 -21.40 38.69 -35.34
C ASN G 246 -22.20 39.98 -35.25
N ARG G 247 -22.73 40.25 -34.04
CA ARG G 247 -23.48 41.47 -33.75
C ARG G 247 -22.53 42.52 -33.16
N PRO G 248 -22.86 43.83 -33.26
CA PRO G 248 -22.01 44.83 -32.63
C PRO G 248 -21.91 44.59 -31.12
N ARG G 249 -20.68 44.65 -30.65
CA ARG G 249 -20.53 44.63 -29.18
C ARG G 249 -19.64 45.77 -28.74
N ASP G 250 -19.83 46.15 -27.50
CA ASP G 250 -19.07 47.27 -26.94
C ASP G 250 -17.72 46.65 -26.55
N ILE G 251 -16.66 46.89 -27.36
CA ILE G 251 -15.35 46.29 -27.14
C ILE G 251 -14.57 46.95 -25.96
N THR G 252 -15.10 48.04 -25.35
CA THR G 252 -14.52 48.64 -24.13
C THR G 252 -15.03 47.78 -22.96
N GLY G 253 -16.08 47.01 -23.23
CA GLY G 253 -16.62 45.99 -22.35
C GLY G 253 -15.94 44.68 -22.71
N ASP G 254 -16.30 43.57 -22.04
CA ASP G 254 -15.72 42.26 -22.30
C ASP G 254 -16.80 41.27 -21.85
N ASP G 255 -17.56 40.69 -22.80
CA ASP G 255 -18.72 39.89 -22.42
C ASP G 255 -18.40 38.82 -21.39
N ILE G 256 -17.37 38.00 -21.65
CA ILE G 256 -16.97 36.88 -20.80
C ILE G 256 -16.36 37.34 -19.46
N THR G 257 -15.54 38.40 -19.45
CA THR G 257 -14.94 38.90 -18.18
C THR G 257 -16.03 39.44 -17.27
N GLU G 258 -17.04 40.12 -17.82
CA GLU G 258 -18.17 40.68 -17.06
C GLU G 258 -18.99 39.58 -16.40
N THR G 259 -19.42 38.57 -17.15
CA THR G 259 -20.21 37.47 -16.63
C THR G 259 -19.40 36.56 -15.72
N THR G 260 -18.13 36.23 -16.09
CA THR G 260 -17.27 35.40 -15.21
C THR G 260 -17.11 36.08 -13.84
N SER G 261 -16.75 37.39 -13.83
CA SER G 261 -16.57 38.13 -12.56
C SER G 261 -17.88 38.22 -11.74
N GLU G 262 -19.01 38.58 -12.40
CA GLU G 262 -20.32 38.64 -11.71
C GLU G 262 -20.71 37.26 -11.11
N LYS G 263 -20.45 36.15 -11.84
CA LYS G 263 -20.70 34.79 -11.31
C LYS G 263 -19.79 34.52 -10.07
N LEU G 264 -18.54 35.01 -10.12
CA LEU G 264 -17.55 34.86 -9.03
C LEU G 264 -18.02 35.63 -7.79
N TYR G 265 -18.59 36.83 -7.98
CA TYR G 265 -19.13 37.63 -6.86
C TYR G 265 -20.36 36.99 -6.25
N GLU G 266 -21.29 36.50 -7.09
CA GLU G 266 -22.51 35.83 -6.63
C GLU G 266 -22.18 34.56 -5.79
N GLU G 267 -21.34 33.66 -6.35
CA GLU G 267 -20.96 32.38 -5.70
C GLU G 267 -20.17 32.57 -4.41
N SER G 268 -19.12 33.41 -4.44
CA SER G 268 -18.33 33.75 -3.25
C SER G 268 -19.18 34.94 -2.80
N GLY G 269 -19.48 35.13 -1.57
CA GLY G 269 -20.32 36.31 -1.28
C GLY G 269 -19.52 37.59 -1.22
N ILE G 270 -18.51 37.74 -2.13
CA ILE G 270 -17.56 38.86 -2.12
C ILE G 270 -17.71 39.73 -3.33
N GLY G 271 -17.94 41.02 -3.11
CA GLY G 271 -18.11 42.02 -4.16
C GLY G 271 -16.79 42.58 -4.65
N PRO G 272 -16.80 43.24 -5.82
CA PRO G 272 -15.54 43.80 -6.38
C PRO G 272 -14.88 44.90 -5.55
N LYS G 273 -15.66 45.65 -4.79
CA LYS G 273 -15.15 46.73 -3.93
C LYS G 273 -14.42 46.19 -2.69
N GLU G 274 -14.53 44.87 -2.42
CA GLU G 274 -13.86 44.22 -1.29
C GLU G 274 -12.50 43.63 -1.69
N VAL G 275 -12.23 43.52 -3.00
CA VAL G 275 -10.97 43.01 -3.56
C VAL G 275 -9.82 44.00 -3.25
N ASN G 276 -8.77 43.51 -2.55
CA ASN G 276 -7.60 44.32 -2.16
C ASN G 276 -6.51 44.31 -3.20
N ILE G 277 -6.32 43.15 -3.86
CA ILE G 277 -5.31 42.96 -4.92
C ILE G 277 -5.92 42.17 -6.04
N LEU G 278 -5.40 42.40 -7.24
CA LEU G 278 -5.91 41.73 -8.41
C LEU G 278 -4.81 41.48 -9.43
N GLU G 279 -4.73 40.24 -9.90
CA GLU G 279 -3.85 39.84 -10.98
C GLU G 279 -4.79 39.55 -12.16
N LEU G 280 -4.57 40.19 -13.30
CA LEU G 280 -5.45 39.97 -14.44
C LEU G 280 -4.64 39.72 -15.71
N HIS G 281 -5.32 39.53 -16.83
CA HIS G 281 -4.70 39.27 -18.12
C HIS G 281 -4.24 40.57 -18.80
N ASP G 282 -3.17 41.18 -18.29
CA ASP G 282 -2.64 42.42 -18.86
C ASP G 282 -1.66 42.11 -20.03
N ALA G 283 -2.16 41.45 -21.08
CA ALA G 283 -1.36 41.10 -22.27
C ALA G 283 -1.04 42.37 -23.03
N PHE G 284 -1.87 43.41 -22.80
CA PHE G 284 -1.81 44.73 -23.39
C PHE G 284 -2.27 45.74 -22.32
N THR G 285 -1.69 46.92 -22.31
CA THR G 285 -2.04 47.96 -21.32
C THR G 285 -3.56 48.23 -21.27
N ILE G 286 -4.21 48.29 -22.45
CA ILE G 286 -5.63 48.56 -22.61
C ILE G 286 -6.49 47.53 -21.91
N ALA G 287 -6.10 46.22 -21.97
CA ALA G 287 -6.81 45.13 -21.35
C ALA G 287 -7.01 45.46 -19.85
N GLU G 288 -5.92 45.80 -19.13
CA GLU G 288 -5.99 46.12 -17.72
C GLU G 288 -6.96 47.25 -17.42
N LEU G 289 -6.82 48.37 -18.17
CA LEU G 289 -7.63 49.56 -18.03
C LEU G 289 -9.11 49.26 -18.21
N LEU G 290 -9.45 48.48 -19.25
CA LEU G 290 -10.83 48.07 -19.53
C LEU G 290 -11.36 47.16 -18.44
N TYR G 291 -10.50 46.25 -17.90
CA TYR G 291 -10.91 45.29 -16.89
C TYR G 291 -11.29 45.93 -15.55
N TYR G 292 -10.85 47.18 -15.25
CA TYR G 292 -11.28 47.87 -14.03
C TYR G 292 -12.81 47.98 -14.06
N GLU G 293 -13.36 48.31 -15.25
CA GLU G 293 -14.79 48.48 -15.49
C GLU G 293 -15.49 47.14 -15.61
N CYS G 294 -14.94 46.23 -16.45
CA CYS G 294 -15.53 44.91 -16.72
C CYS G 294 -15.70 44.10 -15.45
N MET G 295 -14.76 44.22 -14.50
CA MET G 295 -14.80 43.54 -13.21
C MET G 295 -15.58 44.30 -12.12
N GLY G 296 -16.05 45.50 -12.41
CA GLY G 296 -16.82 46.30 -11.46
C GLY G 296 -16.00 46.97 -10.37
N LEU G 297 -14.70 47.19 -10.60
CA LEU G 297 -13.84 47.92 -9.63
C LEU G 297 -14.28 49.41 -9.61
N CYS G 298 -14.81 49.88 -10.75
CA CYS G 298 -15.39 51.20 -10.98
C CYS G 298 -16.56 51.07 -11.92
N LYS G 299 -17.35 52.14 -12.11
CA LYS G 299 -18.49 52.16 -13.02
C LYS G 299 -18.05 52.21 -14.48
N LYS G 300 -18.98 51.90 -15.40
CA LYS G 300 -18.79 51.96 -16.85
C LYS G 300 -18.35 53.40 -17.20
N GLY G 301 -17.22 53.51 -17.89
CA GLY G 301 -16.66 54.78 -18.31
C GLY G 301 -15.66 55.42 -17.35
N ASP G 302 -15.53 54.88 -16.09
CA ASP G 302 -14.69 55.46 -15.04
C ASP G 302 -13.29 54.84 -14.87
N GLY G 303 -12.93 53.89 -15.75
CA GLY G 303 -11.63 53.22 -15.71
C GLY G 303 -10.47 54.19 -15.82
N LEU G 304 -10.59 55.18 -16.73
CA LEU G 304 -9.57 56.21 -16.95
C LEU G 304 -9.34 57.04 -15.67
N LYS G 305 -10.43 57.50 -15.02
CA LYS G 305 -10.39 58.27 -13.78
C LYS G 305 -9.79 57.41 -12.63
N PHE G 306 -10.15 56.12 -12.59
CA PHE G 306 -9.69 55.15 -11.61
C PHE G 306 -8.14 55.01 -11.68
N LEU G 307 -7.58 54.92 -12.91
CA LEU G 307 -6.15 54.82 -13.17
C LEU G 307 -5.45 56.14 -12.79
N ARG G 308 -5.99 57.28 -13.30
CA ARG G 308 -5.45 58.63 -13.07
C ARG G 308 -5.42 59.00 -11.60
N ASP G 309 -6.42 58.54 -10.82
CA ASP G 309 -6.50 58.83 -9.36
C ASP G 309 -5.64 57.89 -8.49
N GLY G 310 -4.89 56.99 -9.12
CA GLY G 310 -4.02 56.02 -8.45
C GLY G 310 -4.76 54.94 -7.70
N GLN G 311 -6.01 54.66 -8.09
CA GLN G 311 -6.85 53.66 -7.43
C GLN G 311 -6.46 52.22 -7.73
N SER G 312 -5.59 52.00 -8.76
CA SER G 312 -5.13 50.62 -9.10
C SER G 312 -3.68 50.35 -8.68
N THR G 313 -3.09 51.23 -7.87
CA THR G 313 -1.73 51.12 -7.31
C THR G 313 -1.78 51.29 -5.77
N TYR G 314 -0.58 51.34 -5.14
CA TYR G 314 -0.36 51.45 -3.70
C TYR G 314 -1.17 52.54 -3.02
N GLY G 315 -2.00 52.10 -2.07
CA GLY G 315 -2.87 53.00 -1.31
C GLY G 315 -4.20 53.26 -2.00
N GLY G 316 -4.46 52.55 -3.11
CA GLY G 316 -5.70 52.68 -3.86
C GLY G 316 -6.71 51.64 -3.45
N GLN G 317 -7.93 51.77 -3.94
CA GLN G 317 -9.02 50.85 -3.66
C GLN G 317 -8.59 49.36 -3.87
N CYS G 318 -7.80 49.09 -4.94
CA CYS G 318 -7.36 47.74 -5.27
C CYS G 318 -5.99 47.83 -5.96
N VAL G 319 -4.92 47.23 -5.40
CA VAL G 319 -3.61 47.26 -6.09
C VAL G 319 -3.75 46.23 -7.22
N VAL G 320 -3.69 46.68 -8.48
CA VAL G 320 -3.85 45.76 -9.62
C VAL G 320 -2.46 45.48 -10.16
N SER G 321 -2.16 44.20 -10.47
CA SER G 321 -0.86 43.68 -10.94
C SER G 321 0.26 43.93 -9.91
N PRO G 322 0.06 43.64 -8.58
CA PRO G 322 1.15 43.88 -7.61
C PRO G 322 2.44 43.07 -7.85
N ARG G 323 2.36 41.90 -8.52
CA ARG G 323 3.56 41.11 -8.87
C ARG G 323 4.28 41.76 -10.07
N GLY G 324 3.55 42.59 -10.81
CA GLY G 324 4.00 43.26 -12.02
C GLY G 324 3.22 42.83 -13.25
N GLY G 325 2.34 41.84 -13.08
CA GLY G 325 1.49 41.29 -14.15
C GLY G 325 2.27 40.68 -15.30
N LEU G 326 1.57 40.46 -16.45
CA LEU G 326 2.13 39.90 -17.69
C LEU G 326 3.11 40.84 -18.30
N LEU G 327 2.89 42.17 -18.15
CA LEU G 327 3.82 43.17 -18.67
C LEU G 327 5.21 43.14 -17.97
N SER G 328 5.31 42.58 -16.76
CA SER G 328 6.63 42.43 -16.10
C SER G 328 7.17 41.02 -16.11
N TYR G 329 6.29 40.00 -16.02
CA TYR G 329 6.73 38.59 -16.01
C TYR G 329 6.94 38.04 -17.39
N GLY G 330 6.23 38.58 -18.37
CA GLY G 330 6.17 38.01 -19.69
C GLY G 330 5.05 36.97 -19.58
N HIS G 331 4.82 36.19 -20.64
CA HIS G 331 3.70 35.28 -20.61
C HIS G 331 3.99 33.85 -21.12
N PRO G 332 4.36 32.90 -20.21
CA PRO G 332 4.45 31.49 -20.60
C PRO G 332 3.02 30.98 -20.53
N ILE G 333 2.42 30.69 -21.69
CA ILE G 333 0.99 30.37 -21.84
C ILE G 333 0.46 29.46 -20.71
N GLY G 334 1.07 28.29 -20.54
CA GLY G 334 0.65 27.33 -19.54
C GLY G 334 0.78 27.78 -18.10
N ALA G 335 1.75 28.66 -17.81
CA ALA G 335 2.13 29.05 -16.44
C ALA G 335 1.42 30.26 -15.82
N SER G 336 1.08 31.31 -16.60
CA SER G 336 0.55 32.56 -16.03
C SER G 336 -0.64 32.42 -15.10
N GLY G 337 -1.60 31.55 -15.42
CA GLY G 337 -2.79 31.36 -14.61
C GLY G 337 -2.48 30.83 -13.22
N ALA G 338 -1.48 29.92 -13.13
CA ALA G 338 -1.05 29.36 -11.87
C ALA G 338 -0.21 30.38 -11.12
N ALA G 339 0.65 31.08 -11.86
CA ALA G 339 1.61 32.10 -11.28
C ALA G 339 0.94 33.24 -10.50
N GLN G 340 -0.22 33.68 -10.99
CA GLN G 340 -0.99 34.79 -10.39
C GLN G 340 -1.51 34.35 -9.03
N ILE G 341 -1.98 33.07 -8.94
CA ILE G 341 -2.49 32.50 -7.71
C ILE G 341 -1.33 32.39 -6.69
N ALA G 342 -0.16 31.85 -7.10
CA ALA G 342 1.02 31.70 -6.23
C ALA G 342 1.41 33.06 -5.68
N GLN G 343 1.43 34.11 -6.51
CA GLN G 343 1.79 35.47 -6.04
C GLN G 343 0.70 36.11 -5.15
N ASN G 344 -0.59 35.87 -5.45
CA ASN G 344 -1.71 36.37 -4.64
C ASN G 344 -1.67 35.76 -3.24
N VAL G 345 -1.29 34.48 -3.14
CA VAL G 345 -1.17 33.75 -1.87
C VAL G 345 -0.05 34.34 -1.01
N LYS G 346 1.12 34.64 -1.63
CA LYS G 346 2.25 35.23 -0.93
C LYS G 346 1.92 36.63 -0.40
N GLN G 347 1.10 37.40 -1.15
CA GLN G 347 0.70 38.75 -0.77
C GLN G 347 -0.21 38.66 0.46
N LEU G 348 -1.18 37.70 0.45
CA LEU G 348 -2.10 37.46 1.55
C LEU G 348 -1.32 37.05 2.82
N ARG G 349 -0.22 36.32 2.64
CA ARG G 349 0.63 35.82 3.72
C ARG G 349 1.69 36.82 4.20
N GLY G 350 1.70 38.01 3.60
CA GLY G 350 2.67 39.07 3.94
C GLY G 350 4.11 38.69 3.66
N GLU G 351 4.32 37.84 2.63
CA GLU G 351 5.64 37.28 2.29
C GLU G 351 6.35 37.93 1.07
N CYS G 352 5.85 39.06 0.57
CA CYS G 352 6.41 39.67 -0.64
C CYS G 352 7.44 40.78 -0.40
N GLY G 353 8.09 40.80 0.76
CA GLY G 353 9.14 41.74 1.11
C GLY G 353 9.02 43.13 0.53
N GLY G 354 9.95 43.47 -0.36
CA GLY G 354 10.05 44.78 -1.01
C GLY G 354 8.92 45.20 -1.94
N TYR G 355 8.09 44.25 -2.34
CA TYR G 355 6.95 44.53 -3.21
C TYR G 355 5.61 44.10 -2.53
N GLN G 356 5.66 43.89 -1.20
CA GLN G 356 4.52 43.56 -0.35
C GLN G 356 3.54 44.71 -0.33
N VAL G 357 2.27 44.41 -0.62
CA VAL G 357 1.19 45.42 -0.59
C VAL G 357 0.87 45.75 0.86
N GLY G 358 0.79 47.03 1.16
CA GLY G 358 0.41 47.46 2.49
C GLY G 358 -0.92 48.20 2.45
N PRO G 359 -1.91 47.96 3.36
CA PRO G 359 -1.99 46.99 4.47
C PRO G 359 -2.10 45.58 3.87
N THR G 360 -1.66 44.54 4.58
CA THR G 360 -1.71 43.17 4.05
C THR G 360 -3.07 42.88 3.43
N PRO G 361 -3.15 42.55 2.12
CA PRO G 361 -4.46 42.24 1.52
C PRO G 361 -5.13 41.04 2.21
N LYS G 362 -6.45 41.03 2.26
CA LYS G 362 -7.22 39.93 2.84
C LYS G 362 -8.06 39.24 1.76
N VAL G 363 -8.28 39.92 0.63
CA VAL G 363 -9.07 39.45 -0.53
C VAL G 363 -8.23 39.63 -1.80
N ALA G 364 -7.98 38.55 -2.52
CA ALA G 364 -7.15 38.52 -3.75
C ALA G 364 -7.91 37.86 -4.89
N MET G 365 -8.00 38.54 -6.03
CA MET G 365 -8.67 37.99 -7.19
C MET G 365 -7.62 37.82 -8.35
N SER G 366 -7.82 36.82 -9.19
CA SER G 366 -6.96 36.55 -10.37
C SER G 366 -7.86 36.31 -11.60
N HIS G 367 -7.32 36.54 -12.79
CA HIS G 367 -8.03 36.44 -14.05
C HIS G 367 -7.04 36.16 -15.20
N VAL G 368 -7.39 35.18 -16.02
CA VAL G 368 -6.74 34.95 -17.33
C VAL G 368 -7.84 34.60 -18.33
N THR G 369 -7.60 34.84 -19.59
CA THR G 369 -8.58 34.51 -20.64
C THR G 369 -8.01 33.44 -21.57
N GLY G 370 -7.62 33.82 -22.77
CA GLY G 370 -6.99 32.88 -23.71
C GLY G 370 -7.82 32.58 -24.94
N GLY G 371 -7.14 32.54 -26.09
CA GLY G 371 -7.70 32.28 -27.40
C GLY G 371 -8.77 33.25 -27.86
N GLY G 372 -9.58 32.78 -28.80
CA GLY G 372 -10.68 33.58 -29.32
C GLY G 372 -10.61 33.81 -30.81
N LEU G 373 -11.41 33.04 -31.53
CA LEU G 373 -11.54 33.15 -32.99
C LEU G 373 -12.45 34.36 -33.30
N SER G 374 -12.63 34.68 -34.59
CA SER G 374 -13.53 35.76 -35.04
C SER G 374 -14.89 35.56 -34.39
N GLY G 375 -15.50 36.65 -33.93
CA GLY G 375 -16.83 36.59 -33.32
C GLY G 375 -16.86 36.29 -31.85
N THR G 376 -15.69 36.07 -31.22
CA THR G 376 -15.59 35.86 -29.78
C THR G 376 -14.66 36.93 -29.23
N GLU G 377 -14.83 37.31 -27.95
CA GLU G 377 -13.91 38.25 -27.34
C GLU G 377 -12.71 37.44 -26.80
N HIS G 378 -12.98 36.26 -26.22
CA HIS G 378 -11.98 35.30 -25.74
C HIS G 378 -12.60 33.91 -25.87
N ALA G 379 -11.79 32.84 -25.97
CA ALA G 379 -12.32 31.50 -26.02
C ALA G 379 -12.69 31.06 -24.61
N ALA G 380 -11.90 31.48 -23.59
CA ALA G 380 -12.07 31.04 -22.21
C ALA G 380 -11.77 32.16 -21.22
N CYS G 381 -12.24 32.00 -19.98
CA CYS G 381 -11.98 32.83 -18.83
C CYS G 381 -12.01 31.99 -17.59
N THR G 382 -11.00 32.18 -16.72
CA THR G 382 -10.87 31.52 -15.42
C THR G 382 -10.54 32.62 -14.41
N MET G 383 -11.35 32.69 -13.34
CA MET G 383 -11.17 33.67 -12.27
C MET G 383 -11.28 33.00 -10.90
N HIS G 384 -10.35 33.30 -9.99
CA HIS G 384 -10.32 32.81 -8.61
C HIS G 384 -10.51 33.96 -7.64
N MET G 385 -11.28 33.73 -6.57
CA MET G 385 -11.42 34.69 -5.45
C MET G 385 -10.81 33.98 -4.25
N LEU G 386 -9.72 34.56 -3.70
CA LEU G 386 -9.00 33.98 -2.57
C LEU G 386 -9.06 34.92 -1.37
N VAL G 387 -9.21 34.37 -0.15
CA VAL G 387 -9.28 35.15 1.08
C VAL G 387 -8.37 34.60 2.20
N LYS G 388 -8.07 35.47 3.20
CA LYS G 388 -7.36 35.09 4.42
C LYS G 388 -8.17 33.95 5.09
N GLY G 389 -7.51 32.83 5.38
CA GLY G 389 -8.18 31.68 5.99
C GLY G 389 -7.69 31.37 7.40
N TRP G 390 -7.02 32.34 8.05
CA TRP G 390 -6.51 32.19 9.41
C TRP G 390 -6.90 33.42 10.24
N GLY G 391 -6.71 33.35 11.56
CA GLY G 391 -7.00 34.41 12.52
C GLY G 391 -8.47 34.68 12.82
N MET H 1 -11.60 5.97 -10.11
CA MET H 1 -12.34 6.95 -9.31
C MET H 1 -13.73 6.41 -8.95
N LYS H 2 -14.03 6.35 -7.64
CA LYS H 2 -15.33 5.88 -7.14
C LYS H 2 -16.41 6.88 -7.54
N LEU H 3 -17.55 6.38 -8.02
CA LEU H 3 -18.65 7.28 -8.46
C LEU H 3 -19.54 7.54 -7.24
N GLN H 4 -19.65 8.80 -6.82
CA GLN H 4 -20.46 9.21 -5.64
C GLN H 4 -21.95 8.97 -5.85
N ARG H 5 -22.39 9.06 -7.11
CA ARG H 5 -23.73 8.70 -7.56
C ARG H 5 -23.61 8.08 -8.95
N GLU H 6 -24.69 7.46 -9.42
CA GLU H 6 -24.70 6.81 -10.71
C GLU H 6 -24.59 7.78 -11.89
N VAL H 7 -23.84 7.33 -12.93
CA VAL H 7 -23.64 8.09 -14.15
C VAL H 7 -24.00 7.19 -15.33
N TYR H 8 -24.77 7.73 -16.28
CA TYR H 8 -25.22 7.00 -17.45
C TYR H 8 -24.85 7.77 -18.70
N ILE H 9 -24.54 7.03 -19.76
CA ILE H 9 -24.28 7.60 -21.10
C ILE H 9 -25.61 7.69 -21.85
N ALA H 10 -25.91 8.87 -22.37
CA ALA H 10 -27.08 9.07 -23.25
C ALA H 10 -26.64 8.89 -24.70
N GLY H 11 -26.64 9.94 -25.49
CA GLY H 11 -26.26 9.83 -26.90
C GLY H 11 -24.77 9.71 -27.09
N VAL H 12 -24.36 9.13 -28.22
CA VAL H 12 -22.95 9.03 -28.63
C VAL H 12 -22.85 9.53 -30.06
N GLY H 13 -21.67 10.04 -30.43
CA GLY H 13 -21.39 10.53 -31.77
C GLY H 13 -20.08 9.98 -32.26
N GLU H 14 -19.96 9.77 -33.55
CA GLU H 14 -18.76 9.18 -34.14
C GLU H 14 -18.69 9.55 -35.59
N THR H 15 -17.54 10.02 -36.04
CA THR H 15 -17.38 10.33 -37.45
C THR H 15 -16.76 9.11 -38.10
N LYS H 16 -16.66 9.12 -39.41
CA LYS H 16 -15.92 8.11 -40.13
C LYS H 16 -14.45 8.39 -39.81
N PHE H 17 -13.62 7.36 -39.70
CA PHE H 17 -12.19 7.55 -39.42
C PHE H 17 -11.44 7.25 -40.72
N GLY H 18 -10.50 8.12 -41.04
CA GLY H 18 -9.71 7.99 -42.26
C GLY H 18 -8.97 9.25 -42.54
N LYS H 19 -8.76 9.55 -43.82
CA LYS H 19 -8.08 10.76 -44.23
C LYS H 19 -9.15 11.82 -44.50
N HIS H 20 -9.22 12.86 -43.68
CA HIS H 20 -10.23 13.91 -43.80
C HIS H 20 -9.72 15.23 -44.34
N THR H 21 -10.57 15.94 -45.13
CA THR H 21 -10.27 17.27 -45.70
C THR H 21 -10.98 18.37 -44.90
N VAL H 22 -11.74 17.97 -43.87
CA VAL H 22 -12.38 18.86 -42.89
C VAL H 22 -11.54 18.75 -41.60
N ASP H 23 -11.27 19.88 -40.93
CA ASP H 23 -10.41 19.89 -39.75
C ASP H 23 -11.10 19.32 -38.49
N PHE H 24 -10.33 19.26 -37.39
CA PHE H 24 -10.68 18.74 -36.08
C PHE H 24 -11.96 19.36 -35.52
N ASP H 25 -12.17 20.68 -35.78
CA ASP H 25 -13.31 21.45 -35.27
C ASP H 25 -14.60 21.00 -35.90
N VAL H 26 -14.58 20.75 -37.21
CA VAL H 26 -15.73 20.27 -38.00
C VAL H 26 -16.06 18.81 -37.58
N LEU H 27 -15.01 17.95 -37.44
CA LEU H 27 -15.21 16.54 -37.03
C LEU H 27 -15.79 16.48 -35.61
N GLY H 28 -15.23 17.29 -34.71
CA GLY H 28 -15.67 17.38 -33.32
C GLY H 28 -17.10 17.87 -33.22
N ARG H 29 -17.46 18.91 -34.00
CA ARG H 29 -18.82 19.45 -34.09
C ARG H 29 -19.80 18.37 -34.56
N GLU H 30 -19.47 17.67 -35.68
CA GLU H 30 -20.28 16.56 -36.23
C GLU H 30 -20.52 15.49 -35.14
N ALA H 31 -19.45 15.09 -34.41
CA ALA H 31 -19.52 14.11 -33.33
C ALA H 31 -20.33 14.60 -32.12
N ALA H 32 -20.10 15.85 -31.66
CA ALA H 32 -20.84 16.40 -30.51
C ALA H 32 -22.34 16.51 -30.85
N LEU H 33 -22.69 17.06 -32.05
CA LEU H 33 -24.06 17.18 -32.52
C LEU H 33 -24.78 15.83 -32.59
N GLN H 34 -24.11 14.78 -33.11
CA GLN H 34 -24.70 13.44 -33.19
C GLN H 34 -25.01 12.89 -31.79
N ALA H 35 -24.07 13.10 -30.85
CA ALA H 35 -24.18 12.68 -29.44
C ALA H 35 -25.33 13.42 -28.76
N MET H 36 -25.50 14.71 -29.06
CA MET H 36 -26.59 15.54 -28.53
C MET H 36 -27.94 15.15 -29.12
N ASN H 37 -28.02 14.94 -30.44
CA ASN H 37 -29.29 14.48 -31.08
C ASN H 37 -29.70 13.10 -30.56
N GLY H 38 -28.71 12.26 -30.25
CA GLY H 38 -28.92 10.93 -29.68
C GLY H 38 -29.39 10.99 -28.23
N SER H 39 -29.22 12.17 -27.58
CA SER H 39 -29.63 12.42 -26.20
C SER H 39 -30.93 13.21 -26.12
N ASN H 40 -31.57 13.48 -27.28
CA ASN H 40 -32.77 14.30 -27.43
C ASN H 40 -32.51 15.74 -26.95
N ILE H 41 -31.32 16.25 -27.26
CA ILE H 41 -30.88 17.62 -26.94
C ILE H 41 -30.95 18.36 -28.31
N ASP H 42 -31.97 19.19 -28.45
CA ASP H 42 -32.27 19.91 -29.68
C ASP H 42 -31.89 21.40 -29.64
N ARG H 43 -31.29 21.89 -28.52
CA ARG H 43 -30.94 23.30 -28.35
C ARG H 43 -29.54 23.52 -27.68
N PRO H 44 -28.91 24.71 -27.86
CA PRO H 44 -27.56 24.91 -27.32
C PRO H 44 -27.35 25.15 -25.81
N ASP H 45 -28.39 25.14 -24.93
CA ASP H 45 -28.11 25.45 -23.51
C ASP H 45 -28.49 24.34 -22.49
N MET H 46 -28.35 23.07 -22.89
CA MET H 46 -28.77 21.93 -22.06
C MET H 46 -27.62 21.28 -21.30
N ILE H 47 -26.49 21.09 -22.00
CA ILE H 47 -25.21 20.59 -21.47
C ILE H 47 -24.63 21.65 -20.53
N GLN H 48 -24.21 21.25 -19.29
CA GLN H 48 -23.68 22.17 -18.26
C GLN H 48 -22.15 22.26 -18.25
N SER H 49 -21.45 21.25 -18.81
CA SER H 49 -19.98 21.29 -18.94
C SER H 49 -19.51 20.44 -20.09
N ALA H 50 -18.36 20.82 -20.67
CA ALA H 50 -17.80 20.10 -21.81
C ALA H 50 -16.30 19.93 -21.65
N TYR H 51 -15.77 18.75 -21.98
CA TYR H 51 -14.35 18.41 -21.93
C TYR H 51 -13.96 17.83 -23.28
N VAL H 52 -12.90 18.37 -23.87
CA VAL H 52 -12.47 17.94 -25.18
C VAL H 52 -11.00 17.52 -25.19
N GLY H 53 -10.75 16.32 -25.71
CA GLY H 53 -9.43 15.76 -25.84
C GLY H 53 -8.84 16.01 -27.22
N ASN H 54 -7.54 16.31 -27.24
CA ASN H 54 -6.79 16.58 -28.47
C ASN H 54 -5.32 16.37 -28.14
N GLY H 55 -4.52 16.15 -29.18
CA GLY H 55 -3.08 16.00 -29.02
C GLY H 55 -2.27 17.14 -29.58
N MET H 56 -2.48 17.46 -30.87
CA MET H 56 -1.63 18.41 -31.61
C MET H 56 -2.32 19.47 -32.46
N ASN H 57 -3.65 19.62 -32.39
CA ASN H 57 -4.31 20.61 -33.25
C ASN H 57 -4.33 22.02 -32.75
N ASP H 58 -4.75 22.21 -31.49
CA ASP H 58 -5.05 23.55 -30.98
C ASP H 58 -5.04 23.56 -29.46
N MET H 59 -4.85 24.75 -28.90
CA MET H 59 -4.87 25.00 -27.47
C MET H 59 -6.33 25.19 -26.95
N THR H 60 -7.28 25.48 -27.87
CA THR H 60 -8.66 25.77 -27.51
C THR H 60 -9.59 24.92 -28.36
N THR H 61 -9.31 23.61 -28.44
CA THR H 61 -10.02 22.64 -29.27
C THR H 61 -11.54 22.64 -29.05
N GLY H 62 -11.96 22.49 -27.79
CA GLY H 62 -13.37 22.47 -27.41
C GLY H 62 -14.13 23.72 -27.76
N GLN H 63 -13.50 24.89 -27.58
CA GLN H 63 -14.09 26.19 -27.89
C GLN H 63 -14.30 26.33 -29.40
N ALA H 64 -13.35 25.85 -30.23
CA ALA H 64 -13.45 25.82 -31.70
C ALA H 64 -14.51 24.81 -32.11
N VAL H 65 -14.64 23.68 -31.38
CA VAL H 65 -15.68 22.64 -31.63
C VAL H 65 -17.10 23.21 -31.39
N PHE H 66 -17.36 23.78 -30.18
CA PHE H 66 -18.69 24.25 -29.80
C PHE H 66 -19.04 25.64 -30.28
N ARG H 67 -18.07 26.36 -30.90
CA ARG H 67 -18.30 27.69 -31.48
C ARG H 67 -19.49 27.71 -32.47
N GLY H 68 -19.47 26.82 -33.48
CA GLY H 68 -20.49 26.72 -34.52
C GLY H 68 -21.82 26.14 -34.07
N LEU H 69 -21.89 25.66 -32.84
CA LEU H 69 -23.10 25.12 -32.27
C LEU H 69 -23.78 26.14 -31.34
N GLY H 70 -23.19 27.33 -31.23
CA GLY H 70 -23.66 28.44 -30.40
C GLY H 70 -23.74 28.08 -28.93
N MET H 71 -22.86 27.15 -28.49
CA MET H 71 -22.88 26.65 -27.11
C MET H 71 -21.91 27.33 -26.17
N CYS H 72 -20.85 27.95 -26.70
CA CYS H 72 -19.86 28.68 -25.89
C CYS H 72 -20.58 29.83 -25.22
N GLY H 73 -20.33 29.99 -23.93
CA GLY H 73 -20.95 31.08 -23.18
C GLY H 73 -20.86 30.87 -21.68
N PRO H 74 -21.57 31.73 -20.91
CA PRO H 74 -21.48 31.63 -19.43
C PRO H 74 -22.01 30.34 -18.82
N ASN H 75 -22.84 29.62 -19.56
CA ASN H 75 -23.46 28.36 -19.13
C ASN H 75 -22.64 27.16 -19.56
N LEU H 76 -21.52 27.37 -20.30
CA LEU H 76 -20.74 26.21 -20.71
C LEU H 76 -19.24 26.36 -20.42
N PRO H 77 -18.80 25.96 -19.23
CA PRO H 77 -17.36 25.91 -18.97
C PRO H 77 -16.72 24.79 -19.81
N ILE H 78 -15.80 25.17 -20.71
CA ILE H 78 -15.09 24.19 -21.56
C ILE H 78 -13.65 24.06 -21.07
N ILE H 79 -13.19 22.80 -20.88
CA ILE H 79 -11.80 22.51 -20.47
C ILE H 79 -11.26 21.48 -21.45
N ASN H 80 -10.11 21.79 -22.07
CA ASN H 80 -9.47 20.88 -23.02
C ASN H 80 -8.46 20.05 -22.27
N VAL H 81 -8.39 18.74 -22.60
CA VAL H 81 -7.53 17.79 -21.94
C VAL H 81 -6.53 17.14 -22.91
N GLN H 82 -5.36 16.80 -22.36
CA GLN H 82 -4.25 16.07 -23.05
C GLN H 82 -3.70 15.00 -22.09
N SER H 83 -3.37 13.84 -22.66
CA SER H 83 -2.32 12.90 -22.20
C SER H 83 -1.98 11.95 -23.35
N ALA H 84 -1.39 12.48 -24.41
CA ALA H 84 -1.33 11.80 -25.72
C ALA H 84 -2.62 11.05 -26.04
N CYS H 85 -2.49 9.76 -26.28
CA CYS H 85 -3.56 8.81 -26.65
C CYS H 85 -4.73 8.70 -25.64
N SER H 86 -4.54 9.08 -24.35
CA SER H 86 -5.62 9.00 -23.33
C SER H 86 -6.60 10.18 -23.39
N ALA H 87 -6.24 11.27 -24.11
CA ALA H 87 -7.04 12.51 -24.17
C ALA H 87 -8.56 12.33 -24.41
N GLY H 88 -8.97 11.56 -25.44
CA GLY H 88 -10.38 11.33 -25.78
C GLY H 88 -11.12 10.62 -24.67
N ALA H 89 -10.44 9.69 -23.95
CA ALA H 89 -11.02 8.98 -22.81
C ALA H 89 -11.06 9.86 -21.55
N MET H 90 -10.00 10.68 -21.33
CA MET H 90 -9.96 11.62 -20.20
C MET H 90 -11.09 12.65 -20.32
N ALA H 91 -11.40 13.08 -21.55
CA ALA H 91 -12.52 14.00 -21.82
C ALA H 91 -13.83 13.43 -21.29
N VAL H 92 -14.10 12.12 -21.59
CA VAL H 92 -15.29 11.43 -21.13
C VAL H 92 -15.23 11.26 -19.60
N PHE H 93 -14.06 10.85 -19.05
CA PHE H 93 -13.84 10.72 -17.61
C PHE H 93 -14.16 12.03 -16.85
N CYS H 94 -13.65 13.16 -17.34
CA CYS H 94 -13.93 14.49 -16.74
C CYS H 94 -15.44 14.83 -16.75
N ALA H 95 -16.13 14.49 -17.84
CA ALA H 95 -17.57 14.70 -17.94
C ALA H 95 -18.29 13.81 -16.90
N ILE H 96 -17.84 12.53 -16.78
CA ILE H 96 -18.39 11.58 -15.80
C ILE H 96 -18.21 12.10 -14.39
N LYS H 97 -17.01 12.63 -14.09
CA LYS H 97 -16.68 13.17 -12.76
C LYS H 97 -17.61 14.32 -12.41
N ASP H 98 -17.87 15.27 -13.33
CA ASP H 98 -18.81 16.38 -13.08
C ASP H 98 -20.21 15.90 -12.68
N VAL H 99 -20.71 14.87 -13.38
CA VAL H 99 -22.01 14.27 -13.09
C VAL H 99 -21.97 13.47 -11.76
N ALA H 100 -20.99 12.56 -11.59
CA ALA H 100 -20.83 11.70 -10.37
C ALA H 100 -20.76 12.47 -9.06
N THR H 101 -20.12 13.67 -9.09
CA THR H 101 -19.95 14.52 -7.92
C THR H 101 -21.13 15.49 -7.67
N GLY H 102 -22.06 15.57 -8.63
CA GLY H 102 -23.22 16.47 -8.56
C GLY H 102 -22.87 17.91 -8.93
N VAL H 103 -21.69 18.15 -9.59
CA VAL H 103 -21.30 19.50 -10.07
C VAL H 103 -22.27 19.84 -11.21
N THR H 104 -22.61 18.85 -12.02
CA THR H 104 -23.59 18.97 -13.12
C THR H 104 -24.49 17.72 -13.09
N ASP H 105 -25.57 17.75 -13.88
CA ASP H 105 -26.48 16.65 -14.08
C ASP H 105 -26.35 16.18 -15.52
N LEU H 106 -25.66 17.00 -16.36
CA LEU H 106 -25.54 16.69 -17.79
C LEU H 106 -24.30 17.28 -18.36
N SER H 107 -23.42 16.41 -18.85
CA SER H 107 -22.15 16.80 -19.43
C SER H 107 -21.80 16.07 -20.72
N ILE H 108 -20.78 16.57 -21.43
CA ILE H 108 -20.31 15.96 -22.66
C ILE H 108 -18.77 15.83 -22.69
N GLY H 109 -18.33 14.70 -23.22
CA GLY H 109 -16.94 14.44 -23.47
C GLY H 109 -16.75 14.28 -24.95
N VAL H 110 -15.79 14.99 -25.54
CA VAL H 110 -15.45 14.95 -26.98
C VAL H 110 -13.98 14.65 -27.17
N GLY H 111 -13.69 13.76 -28.10
CA GLY H 111 -12.33 13.46 -28.51
C GLY H 111 -12.23 13.74 -30.00
N THR H 112 -11.30 14.60 -30.44
CA THR H 112 -11.16 14.93 -31.85
C THR H 112 -9.72 15.18 -32.27
N GLU H 113 -9.41 14.85 -33.53
CA GLU H 113 -8.08 15.07 -34.11
C GLU H 113 -8.10 14.97 -35.62
N ASN H 114 -7.34 15.86 -36.25
CA ASN H 114 -7.04 15.82 -37.66
C ASN H 114 -5.52 15.92 -37.78
N HIS H 115 -4.86 14.83 -38.20
CA HIS H 115 -3.40 14.77 -38.43
C HIS H 115 -3.01 15.04 -39.89
N THR H 116 -3.64 14.32 -40.86
CA THR H 116 -3.29 14.33 -42.29
C THR H 116 -3.44 15.71 -43.02
N MET H 117 -4.23 16.66 -42.49
CA MET H 117 -4.33 18.01 -43.10
C MET H 117 -3.12 18.88 -42.75
N HIS H 118 -2.33 18.46 -41.75
CA HIS H 118 -1.21 19.26 -41.23
C HIS H 118 0.15 18.58 -41.37
N ARG H 119 1.22 19.38 -41.47
CA ARG H 119 2.57 18.83 -41.63
C ARG H 119 3.34 18.78 -40.30
N ALA H 124 5.75 16.16 -38.38
CA ALA H 124 6.24 15.07 -37.54
C ALA H 124 6.96 15.58 -36.28
N PHE H 125 6.29 15.46 -35.11
CA PHE H 125 6.85 15.85 -33.81
C PHE H 125 6.86 14.66 -32.85
N SER H 126 8.09 14.24 -32.46
CA SER H 126 8.30 13.11 -31.55
C SER H 126 9.22 13.54 -30.39
N ALA H 127 9.60 12.58 -29.49
CA ALA H 127 10.45 12.87 -28.32
C ALA H 127 11.73 13.60 -28.69
N ALA H 128 12.20 14.44 -27.77
CA ALA H 128 13.43 15.21 -27.92
C ALA H 128 14.65 14.27 -27.80
N ARG H 129 15.79 14.68 -28.37
CA ARG H 129 17.05 13.96 -28.33
C ARG H 129 17.58 13.82 -26.88
N SER H 130 17.18 14.76 -25.99
CA SER H 130 17.50 14.78 -24.55
C SER H 130 16.96 13.51 -23.84
N ASP H 131 15.87 12.89 -24.37
CA ASP H 131 15.35 11.62 -23.84
C ASP H 131 16.42 10.56 -24.17
N ILE H 132 16.98 9.92 -23.15
CA ILE H 132 18.10 8.98 -23.28
C ILE H 132 17.86 7.89 -24.39
N GLU H 133 16.69 7.24 -24.41
CA GLU H 133 16.42 6.22 -25.43
C GLU H 133 16.35 6.80 -26.84
N THR H 134 15.81 8.03 -26.98
CA THR H 134 15.70 8.75 -28.26
C THR H 134 17.11 9.11 -28.73
N MET H 135 18.01 9.53 -27.81
CA MET H 135 19.41 9.81 -28.14
C MET H 135 20.01 8.59 -28.84
N HIS H 136 19.78 7.39 -28.29
CA HIS H 136 20.31 6.10 -28.78
C HIS H 136 19.55 5.50 -30.00
N GLY H 137 18.61 6.26 -30.57
CA GLY H 137 17.87 5.89 -31.76
C GLY H 137 16.58 5.11 -31.59
N ALA H 138 15.94 5.16 -30.40
CA ALA H 138 14.68 4.47 -30.16
C ALA H 138 13.57 4.98 -31.09
N VAL H 139 12.72 4.04 -31.55
CA VAL H 139 11.52 4.30 -32.34
C VAL H 139 10.41 3.48 -31.67
N MET H 140 9.17 4.02 -31.60
CA MET H 140 8.04 3.36 -30.95
C MET H 140 7.80 1.93 -31.45
N THR H 141 7.87 1.70 -32.77
CA THR H 141 7.68 0.35 -33.34
C THR H 141 8.74 -0.64 -32.79
N GLY H 142 10.00 -0.19 -32.66
CA GLY H 142 11.09 -0.98 -32.11
C GLY H 142 10.87 -1.32 -30.65
N LYS H 143 10.37 -0.34 -29.87
CA LYS H 143 10.03 -0.48 -28.45
C LYS H 143 9.00 -1.61 -28.28
N TYR H 144 7.93 -1.58 -29.08
CA TYR H 144 6.89 -2.59 -29.06
C TYR H 144 7.37 -3.93 -29.62
N ALA H 145 8.26 -3.88 -30.65
CA ALA H 145 8.82 -5.09 -31.27
C ALA H 145 9.70 -5.85 -30.26
N MET H 146 10.33 -5.13 -29.32
CA MET H 146 11.13 -5.77 -28.26
C MET H 146 10.22 -6.55 -27.31
N ARG H 147 8.99 -6.06 -27.08
CA ARG H 147 7.99 -6.74 -26.24
C ARG H 147 7.56 -8.04 -26.95
N ALA H 148 7.40 -7.99 -28.29
CA ALA H 148 7.05 -9.14 -29.13
C ALA H 148 8.17 -10.18 -29.15
N THR H 149 9.43 -9.74 -29.38
CA THR H 149 10.62 -10.62 -29.39
C THR H 149 10.74 -11.37 -28.04
N ARG H 150 10.57 -10.65 -26.91
CA ARG H 150 10.62 -11.27 -25.58
C ARG H 150 9.48 -12.29 -25.36
N TYR H 151 8.25 -11.94 -25.78
CA TYR H 151 7.08 -12.82 -25.68
C TYR H 151 7.26 -14.08 -26.50
N MET H 152 7.79 -13.94 -27.74
CA MET H 152 8.10 -15.05 -28.66
C MET H 152 9.14 -15.98 -28.04
N HIS H 153 10.15 -15.41 -27.36
CA HIS H 153 11.20 -16.16 -26.65
C HIS H 153 10.60 -16.97 -25.50
N GLU H 154 9.70 -16.36 -24.71
CA GLU H 154 9.09 -17.00 -23.54
C GLU H 154 7.95 -18.00 -23.83
N THR H 155 7.12 -17.74 -24.85
CA THR H 155 5.94 -18.57 -25.11
C THR H 155 6.02 -19.46 -26.36
N GLY H 156 6.95 -19.15 -27.27
CA GLY H 156 7.09 -19.88 -28.52
C GLY H 156 6.17 -19.32 -29.59
N ALA H 157 5.58 -18.13 -29.33
CA ALA H 157 4.69 -17.42 -30.26
C ALA H 157 5.49 -17.10 -31.53
N THR H 158 4.83 -17.17 -32.70
CA THR H 158 5.49 -16.89 -33.97
C THR H 158 5.01 -15.54 -34.51
N ILE H 159 5.63 -15.06 -35.60
CA ILE H 159 5.24 -13.82 -36.29
C ILE H 159 3.82 -14.01 -36.91
N GLU H 160 3.47 -15.24 -37.27
CA GLU H 160 2.15 -15.63 -37.79
C GLU H 160 1.07 -15.46 -36.70
N ASP H 161 1.40 -15.80 -35.44
CA ASP H 161 0.50 -15.63 -34.29
C ASP H 161 0.24 -14.16 -34.05
N LEU H 162 1.31 -13.33 -34.13
CA LEU H 162 1.19 -11.88 -33.99
C LEU H 162 0.29 -11.32 -35.10
N ALA H 163 0.50 -11.76 -36.36
CA ALA H 163 -0.26 -11.36 -37.56
C ALA H 163 -1.77 -11.60 -37.41
N MET H 164 -2.16 -12.65 -36.66
CA MET H 164 -3.55 -13.03 -36.39
C MET H 164 -4.36 -11.92 -35.75
N ILE H 165 -3.70 -11.01 -35.01
CA ILE H 165 -4.36 -9.85 -34.39
C ILE H 165 -4.89 -8.89 -35.50
N THR H 166 -4.06 -8.64 -36.55
CA THR H 166 -4.46 -7.79 -37.68
C THR H 166 -5.59 -8.47 -38.45
N VAL H 167 -5.43 -9.77 -38.73
CA VAL H 167 -6.42 -10.58 -39.45
C VAL H 167 -7.77 -10.50 -38.72
N LYS H 168 -7.78 -10.81 -37.38
CA LYS H 168 -8.99 -10.78 -36.53
C LYS H 168 -9.62 -9.38 -36.51
N ASN H 169 -8.82 -8.34 -36.19
CA ASN H 169 -9.37 -6.99 -36.08
C ASN H 169 -9.93 -6.49 -37.39
N ARG H 170 -9.25 -6.70 -38.53
CA ARG H 170 -9.81 -6.26 -39.82
C ARG H 170 -11.10 -7.02 -40.16
N LYS H 171 -11.15 -8.33 -39.80
CA LYS H 171 -12.32 -9.19 -39.98
C LYS H 171 -13.48 -8.56 -39.20
N HIS H 172 -13.21 -8.11 -37.93
CA HIS H 172 -14.20 -7.49 -37.06
C HIS H 172 -14.77 -6.22 -37.69
N ALA H 173 -13.89 -5.43 -38.33
CA ALA H 173 -14.19 -4.17 -38.98
C ALA H 173 -14.91 -4.27 -40.34
N THR H 174 -14.93 -5.46 -41.00
CA THR H 174 -15.50 -5.67 -42.34
C THR H 174 -16.79 -4.87 -42.62
N HIS H 175 -17.83 -5.05 -41.78
CA HIS H 175 -19.11 -4.40 -41.99
C HIS H 175 -19.26 -3.10 -41.22
N ASN H 176 -18.13 -2.58 -40.67
CA ASN H 176 -18.13 -1.32 -39.94
C ASN H 176 -17.83 -0.15 -40.88
N PRO H 177 -18.84 0.72 -41.20
CA PRO H 177 -18.60 1.84 -42.12
C PRO H 177 -17.68 2.93 -41.55
N TYR H 178 -17.52 2.98 -40.21
CA TYR H 178 -16.68 3.95 -39.49
C TYR H 178 -15.18 3.65 -39.59
N ALA H 179 -14.82 2.35 -39.69
CA ALA H 179 -13.46 1.82 -39.82
C ALA H 179 -12.78 2.29 -41.11
N TRP H 180 -11.46 2.44 -41.08
CA TRP H 180 -10.69 2.93 -42.24
C TRP H 180 -10.31 1.74 -43.12
N PHE H 181 -9.54 0.77 -42.56
CA PHE H 181 -9.12 -0.46 -43.24
C PHE H 181 -9.97 -1.58 -42.66
N LYS H 182 -10.50 -2.47 -43.51
CA LYS H 182 -11.39 -3.54 -43.10
C LYS H 182 -11.40 -4.69 -44.10
N GLY H 183 -12.06 -5.79 -43.74
CA GLY H 183 -12.24 -6.93 -44.62
C GLY H 183 -11.22 -8.04 -44.45
N ALA H 184 -11.05 -8.82 -45.51
CA ALA H 184 -10.17 -9.97 -45.54
C ALA H 184 -8.73 -9.61 -45.86
N ILE H 185 -7.83 -10.08 -44.99
CA ILE H 185 -6.38 -10.01 -45.09
C ILE H 185 -5.87 -11.34 -44.52
N THR H 186 -4.91 -11.99 -45.20
CA THR H 186 -4.38 -13.27 -44.70
C THR H 186 -3.19 -13.01 -43.82
N VAL H 187 -2.78 -14.03 -43.06
CA VAL H 187 -1.60 -13.98 -42.18
C VAL H 187 -0.36 -13.68 -43.06
N GLU H 188 -0.27 -14.35 -44.24
CA GLU H 188 0.81 -14.20 -45.22
C GLU H 188 1.01 -12.75 -45.65
N GLU H 189 -0.07 -12.02 -45.98
CA GLU H 189 -0.03 -10.61 -46.40
C GLU H 189 0.47 -9.70 -45.29
N VAL H 190 0.10 -9.99 -44.03
CA VAL H 190 0.51 -9.24 -42.85
C VAL H 190 2.01 -9.48 -42.61
N VAL H 191 2.43 -10.76 -42.60
CA VAL H 191 3.82 -11.19 -42.39
C VAL H 191 4.74 -10.68 -43.52
N ASN H 192 4.24 -10.67 -44.78
CA ASN H 192 5.01 -10.24 -45.96
C ASN H 192 5.04 -8.73 -46.18
N SER H 193 4.30 -7.95 -45.38
CA SER H 193 4.33 -6.50 -45.55
C SER H 193 5.68 -5.95 -45.07
N ARG H 194 6.07 -4.75 -45.54
CA ARG H 194 7.36 -4.11 -45.22
C ARG H 194 7.73 -4.17 -43.72
N MET H 195 8.91 -4.77 -43.43
CA MET H 195 9.42 -4.88 -42.06
C MET H 195 9.79 -3.50 -41.56
N VAL H 196 9.29 -3.16 -40.36
CA VAL H 196 9.59 -1.87 -39.74
C VAL H 196 10.72 -2.08 -38.72
N ALA H 197 10.47 -2.93 -37.71
CA ALA H 197 11.37 -3.32 -36.64
C ALA H 197 10.97 -4.74 -36.27
N TYR H 198 11.81 -5.76 -36.59
CA TYR H 198 11.48 -7.18 -36.35
C TYR H 198 10.94 -7.46 -34.92
N PRO H 199 9.74 -8.10 -34.79
CA PRO H 199 8.90 -8.71 -35.84
C PRO H 199 7.73 -7.86 -36.34
N MET H 200 7.75 -6.56 -36.06
CA MET H 200 6.70 -5.64 -36.46
C MET H 200 6.82 -5.22 -37.92
N THR H 201 5.89 -5.75 -38.73
CA THR H 201 5.68 -5.46 -40.15
C THR H 201 4.65 -4.33 -40.24
N LEU H 202 4.66 -3.58 -41.35
CA LEU H 202 3.76 -2.44 -41.60
C LEU H 202 2.27 -2.72 -41.28
N GLN H 203 1.78 -3.92 -41.62
CA GLN H 203 0.39 -4.30 -41.39
C GLN H 203 0.05 -4.62 -39.92
N GLN H 204 1.10 -4.73 -39.06
CA GLN H 204 1.01 -4.96 -37.60
C GLN H 204 1.03 -3.65 -36.80
N CYS H 205 1.15 -2.50 -37.49
CA CYS H 205 1.21 -1.16 -36.85
C CYS H 205 -0.06 -0.37 -37.20
N CYS H 206 -0.66 0.30 -36.21
CA CYS H 206 -1.83 1.15 -36.48
C CYS H 206 -1.33 2.41 -37.21
N GLY H 207 -2.14 2.94 -38.10
CA GLY H 207 -1.78 4.13 -38.86
C GLY H 207 -2.25 5.42 -38.22
N ILE H 208 -1.82 6.53 -38.81
CA ILE H 208 -2.22 7.86 -38.39
C ILE H 208 -3.54 8.15 -39.14
N ALA H 209 -4.61 8.54 -38.40
CA ALA H 209 -5.90 8.87 -39.00
C ALA H 209 -6.54 10.12 -38.43
N ASP H 210 -7.67 10.54 -39.04
CA ASP H 210 -8.45 11.69 -38.60
C ASP H 210 -9.82 11.20 -38.22
N GLY H 211 -10.41 11.85 -37.21
CA GLY H 211 -11.75 11.47 -36.78
C GLY H 211 -12.09 12.06 -35.43
N ALA H 212 -13.33 11.86 -35.01
CA ALA H 212 -13.81 12.36 -33.72
C ALA H 212 -14.93 11.50 -33.19
N ALA H 213 -15.16 11.60 -31.87
CA ALA H 213 -16.25 10.92 -31.19
C ALA H 213 -16.66 11.71 -29.98
N ALA H 214 -17.88 11.47 -29.50
CA ALA H 214 -18.41 12.24 -28.39
C ALA H 214 -19.35 11.37 -27.60
N VAL H 215 -19.48 11.71 -26.31
CA VAL H 215 -20.24 10.94 -25.32
C VAL H 215 -20.96 11.90 -24.40
N VAL H 216 -22.27 11.77 -24.31
CA VAL H 216 -23.08 12.60 -23.42
C VAL H 216 -23.36 11.81 -22.15
N VAL H 217 -23.16 12.43 -21.03
CA VAL H 217 -23.42 11.77 -19.75
C VAL H 217 -24.36 12.57 -18.88
N GLY H 218 -25.13 11.87 -18.06
CA GLY H 218 -26.03 12.53 -17.12
C GLY H 218 -26.43 11.64 -15.97
N SER H 219 -27.09 12.23 -14.96
CA SER H 219 -27.57 11.50 -13.78
C SER H 219 -28.66 10.48 -14.16
N LYS H 220 -29.16 9.72 -13.20
CA LYS H 220 -30.24 8.74 -13.40
C LYS H 220 -31.54 9.51 -13.79
N GLU H 221 -31.79 10.64 -13.10
CA GLU H 221 -32.92 11.57 -13.29
C GLU H 221 -32.85 12.26 -14.65
N MET H 222 -31.63 12.68 -15.09
CA MET H 222 -31.43 13.32 -16.41
C MET H 222 -31.80 12.39 -17.54
N MET H 223 -31.55 11.06 -17.39
CA MET H 223 -31.89 10.06 -18.40
C MET H 223 -33.41 10.03 -18.61
N LYS H 224 -34.18 10.08 -17.50
CA LYS H 224 -35.66 10.07 -17.51
C LYS H 224 -36.16 11.37 -18.15
N LYS H 225 -35.53 12.50 -17.76
CA LYS H 225 -35.82 13.86 -18.24
C LYS H 225 -35.62 13.97 -19.76
N LEU H 226 -34.55 13.37 -20.30
CA LEU H 226 -34.29 13.37 -21.75
C LEU H 226 -34.99 12.23 -22.51
N GLY H 227 -35.60 11.29 -21.79
CA GLY H 227 -36.29 10.15 -22.41
C GLY H 227 -35.36 9.15 -23.09
N ILE H 228 -34.24 8.81 -22.43
CA ILE H 228 -33.24 7.87 -22.97
C ILE H 228 -33.73 6.45 -22.72
N ALA H 229 -33.97 5.72 -23.83
CA ALA H 229 -34.49 4.36 -23.87
C ALA H 229 -33.49 3.34 -23.35
N LYS H 230 -32.21 3.45 -23.77
CA LYS H 230 -31.16 2.48 -23.40
C LYS H 230 -29.96 3.18 -22.72
N PRO H 231 -30.14 3.77 -21.50
CA PRO H 231 -28.99 4.41 -20.86
C PRO H 231 -27.90 3.41 -20.48
N VAL H 232 -26.66 3.67 -20.89
CA VAL H 232 -25.53 2.79 -20.61
C VAL H 232 -24.89 3.26 -19.30
N LYS H 233 -24.94 2.41 -18.26
CA LYS H 233 -24.39 2.73 -16.95
C LYS H 233 -22.87 2.72 -16.93
N VAL H 234 -22.27 3.76 -16.32
CA VAL H 234 -20.81 3.81 -16.13
C VAL H 234 -20.58 3.01 -14.84
N ALA H 235 -20.07 1.79 -14.93
CA ALA H 235 -19.82 0.95 -13.76
C ALA H 235 -18.52 1.40 -13.05
N GLY H 236 -17.61 1.95 -13.82
CA GLY H 236 -16.34 2.43 -13.33
C GLY H 236 -15.51 3.11 -14.38
N VAL H 237 -14.55 3.89 -13.92
CA VAL H 237 -13.60 4.63 -14.74
C VAL H 237 -12.36 4.93 -13.87
N VAL H 238 -11.17 4.68 -14.41
CA VAL H 238 -9.90 4.84 -13.70
C VAL H 238 -8.87 5.54 -14.60
N VAL H 239 -8.09 6.43 -14.00
CA VAL H 239 -6.99 7.15 -14.66
C VAL H 239 -5.75 6.91 -13.76
N GLU H 240 -4.62 6.58 -14.38
CA GLU H 240 -3.35 6.45 -13.66
C GLU H 240 -2.26 7.07 -14.51
N SER H 241 -1.08 7.28 -13.91
CA SER H 241 0.11 7.76 -14.60
C SER H 241 1.10 6.62 -14.43
N GLY H 242 2.04 6.51 -15.35
CA GLY H 242 2.98 5.39 -15.39
C GLY H 242 4.18 5.49 -14.48
N PRO H 243 4.48 4.43 -13.70
CA PRO H 243 5.68 4.47 -12.84
C PRO H 243 6.98 4.62 -13.66
N TYR H 244 7.95 5.33 -13.10
CA TYR H 244 9.28 5.53 -13.66
C TYR H 244 10.33 4.83 -12.80
N HIS H 245 11.19 4.03 -13.44
CA HIS H 245 12.32 3.31 -12.84
C HIS H 245 13.16 2.67 -13.97
N ASN H 246 14.42 2.32 -13.65
CA ASN H 246 15.36 1.69 -14.57
C ASN H 246 15.74 0.30 -14.11
N ARG H 247 14.83 -0.35 -13.38
CA ARG H 247 14.99 -1.71 -12.90
C ARG H 247 14.54 -2.66 -13.99
N PRO H 248 14.97 -3.96 -14.00
CA PRO H 248 14.51 -4.86 -15.05
C PRO H 248 13.00 -5.01 -14.93
N ARG H 249 12.33 -4.89 -16.06
CA ARG H 249 10.88 -4.97 -16.15
C ARG H 249 10.53 -6.18 -17.00
N ASP H 250 9.44 -6.89 -16.64
CA ASP H 250 8.95 -7.95 -17.51
C ASP H 250 8.09 -7.21 -18.52
N ILE H 251 8.62 -7.00 -19.76
CA ILE H 251 7.95 -6.20 -20.79
C ILE H 251 6.79 -6.95 -21.47
N THR H 252 6.57 -8.25 -21.12
CA THR H 252 5.40 -9.00 -21.58
C THR H 252 4.22 -8.60 -20.64
N GLY H 253 4.58 -8.01 -19.50
CA GLY H 253 3.67 -7.40 -18.55
C GLY H 253 3.57 -5.92 -18.91
N ASP H 254 2.71 -5.15 -18.22
CA ASP H 254 2.50 -3.72 -18.44
C ASP H 254 2.09 -3.15 -17.09
N ASP H 255 3.02 -2.52 -16.38
CA ASP H 255 2.80 -2.12 -14.99
C ASP H 255 1.49 -1.34 -14.80
N ILE H 256 1.30 -0.27 -15.57
CA ILE H 256 0.15 0.64 -15.52
C ILE H 256 -1.15 -0.04 -15.98
N THR H 257 -1.12 -0.84 -17.07
CA THR H 257 -2.34 -1.52 -17.54
C THR H 257 -2.83 -2.51 -16.46
N GLU H 258 -1.90 -3.22 -15.78
CA GLU H 258 -2.23 -4.20 -14.74
C GLU H 258 -2.91 -3.51 -13.54
N THR H 259 -2.32 -2.41 -13.00
CA THR H 259 -2.91 -1.71 -11.84
C THR H 259 -4.22 -0.91 -12.21
N THR H 260 -4.26 -0.21 -13.38
CA THR H 260 -5.47 0.52 -13.81
C THR H 260 -6.66 -0.49 -13.96
N SER H 261 -6.41 -1.64 -14.60
CA SER H 261 -7.39 -2.74 -14.75
C SER H 261 -7.87 -3.24 -13.40
N GLU H 262 -6.91 -3.63 -12.50
CA GLU H 262 -7.23 -4.13 -11.15
C GLU H 262 -8.03 -3.10 -10.34
N LYS H 263 -7.67 -1.79 -10.40
CA LYS H 263 -8.40 -0.72 -9.71
C LYS H 263 -9.84 -0.61 -10.30
N LEU H 264 -9.97 -0.77 -11.62
CA LEU H 264 -11.28 -0.72 -12.33
C LEU H 264 -12.17 -1.88 -11.89
N TYR H 265 -11.58 -3.09 -11.69
CA TYR H 265 -12.35 -4.24 -11.22
C TYR H 265 -12.78 -4.06 -9.78
N GLU H 266 -11.88 -3.61 -8.91
CA GLU H 266 -12.15 -3.40 -7.49
C GLU H 266 -13.29 -2.36 -7.29
N GLU H 267 -13.17 -1.17 -7.92
CA GLU H 267 -14.17 -0.10 -7.82
C GLU H 267 -15.52 -0.46 -8.41
N SER H 268 -15.55 -0.97 -9.64
CA SER H 268 -16.81 -1.38 -10.29
C SER H 268 -17.45 -2.64 -9.71
N GLY H 269 -16.65 -3.50 -9.11
CA GLY H 269 -17.14 -4.80 -8.64
C GLY H 269 -17.44 -5.76 -9.78
N ILE H 270 -16.87 -5.49 -10.98
CA ILE H 270 -16.95 -6.32 -12.19
C ILE H 270 -15.56 -6.87 -12.52
N GLY H 271 -15.43 -8.21 -12.55
CA GLY H 271 -14.17 -8.89 -12.86
C GLY H 271 -13.90 -9.00 -14.35
N PRO H 272 -12.64 -9.30 -14.74
CA PRO H 272 -12.30 -9.38 -16.19
C PRO H 272 -13.01 -10.49 -16.96
N LYS H 273 -13.37 -11.58 -16.28
CA LYS H 273 -14.07 -12.73 -16.89
C LYS H 273 -15.54 -12.40 -17.22
N GLU H 274 -16.07 -11.27 -16.70
CA GLU H 274 -17.46 -10.83 -16.96
C GLU H 274 -17.55 -9.89 -18.18
N VAL H 275 -16.40 -9.41 -18.67
CA VAL H 275 -16.29 -8.49 -19.82
C VAL H 275 -16.64 -9.24 -21.11
N ASN H 276 -17.66 -8.76 -21.85
CA ASN H 276 -18.13 -9.36 -23.11
C ASN H 276 -17.38 -8.83 -24.33
N ILE H 277 -17.08 -7.53 -24.32
CA ILE H 277 -16.37 -6.85 -25.41
C ILE H 277 -15.34 -5.94 -24.81
N LEU H 278 -14.25 -5.71 -25.57
CA LEU H 278 -13.17 -4.91 -25.10
C LEU H 278 -12.51 -4.20 -26.23
N GLU H 279 -12.35 -2.87 -26.06
CA GLU H 279 -11.63 -2.00 -26.97
C GLU H 279 -10.35 -1.63 -26.24
N LEU H 280 -9.21 -1.90 -26.85
CA LEU H 280 -7.96 -1.58 -26.16
C LEU H 280 -7.01 -0.82 -27.07
N HIS H 281 -5.81 -0.50 -26.55
CA HIS H 281 -4.83 0.27 -27.30
C HIS H 281 -3.99 -0.66 -28.20
N ASP H 282 -4.61 -1.16 -29.29
CA ASP H 282 -3.93 -2.05 -30.21
C ASP H 282 -3.12 -1.23 -31.26
N ALA H 283 -2.13 -0.44 -30.79
CA ALA H 283 -1.30 0.36 -31.71
C ALA H 283 -0.38 -0.57 -32.49
N PHE H 284 -0.17 -1.77 -31.94
CA PHE H 284 0.67 -2.86 -32.47
C PHE H 284 -0.02 -4.17 -32.10
N THR H 285 0.12 -5.19 -32.94
CA THR H 285 -0.49 -6.50 -32.70
C THR H 285 -0.13 -7.08 -31.33
N ILE H 286 1.15 -6.95 -30.96
CA ILE H 286 1.71 -7.45 -29.70
C ILE H 286 1.04 -6.82 -28.47
N ALA H 287 0.70 -5.52 -28.55
CA ALA H 287 0.05 -4.79 -27.45
C ALA H 287 -1.25 -5.52 -27.07
N GLU H 288 -2.12 -5.82 -28.06
CA GLU H 288 -3.38 -6.53 -27.81
C GLU H 288 -3.15 -7.88 -27.14
N LEU H 289 -2.22 -8.68 -27.73
CA LEU H 289 -1.88 -10.01 -27.24
C LEU H 289 -1.42 -9.98 -25.80
N LEU H 290 -0.53 -9.05 -25.46
CA LEU H 290 -0.01 -8.90 -24.09
C LEU H 290 -1.12 -8.45 -23.16
N TYR H 291 -2.02 -7.55 -23.62
CA TYR H 291 -3.10 -7.01 -22.80
C TYR H 291 -4.14 -8.06 -22.38
N TYR H 292 -4.25 -9.22 -23.07
CA TYR H 292 -5.14 -10.31 -22.62
C TYR H 292 -4.72 -10.71 -21.21
N GLU H 293 -3.39 -10.79 -20.97
CA GLU H 293 -2.78 -11.17 -19.71
C GLU H 293 -2.79 -10.04 -18.72
N CYS H 294 -2.34 -8.85 -19.15
CA CYS H 294 -2.24 -7.67 -18.30
C CYS H 294 -3.57 -7.28 -17.69
N MET H 295 -4.67 -7.46 -18.44
CA MET H 295 -6.03 -7.17 -18.00
C MET H 295 -6.70 -8.34 -17.27
N GLY H 296 -6.04 -9.48 -17.19
CA GLY H 296 -6.59 -10.62 -16.47
C GLY H 296 -7.67 -11.37 -17.21
N LEU H 297 -7.73 -11.25 -18.57
CA LEU H 297 -8.69 -12.01 -19.40
C LEU H 297 -8.28 -13.48 -19.38
N CYS H 298 -6.97 -13.74 -19.19
CA CYS H 298 -6.35 -15.07 -19.04
C CYS H 298 -5.17 -14.91 -18.05
N LYS H 299 -4.58 -16.03 -17.61
CA LYS H 299 -3.44 -16.02 -16.69
C LYS H 299 -2.15 -15.60 -17.43
N LYS H 300 -1.11 -15.23 -16.64
CA LYS H 300 0.22 -14.86 -17.12
C LYS H 300 0.75 -16.03 -17.97
N GLY H 301 1.14 -15.72 -19.20
CA GLY H 301 1.69 -16.72 -20.12
C GLY H 301 0.68 -17.39 -21.05
N ASP H 302 -0.64 -17.22 -20.79
CA ASP H 302 -1.73 -17.84 -21.55
C ASP H 302 -2.35 -17.01 -22.68
N GLY H 303 -1.80 -15.82 -22.95
CA GLY H 303 -2.30 -14.94 -23.99
C GLY H 303 -2.27 -15.58 -25.36
N LEU H 304 -1.16 -16.28 -25.68
CA LEU H 304 -0.98 -16.99 -26.95
C LEU H 304 -2.06 -18.05 -27.16
N LYS H 305 -2.33 -18.88 -26.12
CA LYS H 305 -3.36 -19.92 -26.13
C LYS H 305 -4.75 -19.30 -26.26
N PHE H 306 -4.98 -18.15 -25.58
CA PHE H 306 -6.24 -17.41 -25.60
C PHE H 306 -6.59 -16.94 -27.04
N LEU H 307 -5.57 -16.41 -27.77
CA LEU H 307 -5.68 -15.97 -29.16
C LEU H 307 -5.93 -17.18 -30.09
N ARG H 308 -5.07 -18.22 -29.97
CA ARG H 308 -5.11 -19.44 -30.78
C ARG H 308 -6.45 -20.17 -30.64
N ASP H 309 -7.06 -20.14 -29.43
CA ASP H 309 -8.33 -20.83 -29.17
C ASP H 309 -9.57 -20.02 -29.59
N GLY H 310 -9.37 -18.85 -30.20
CA GLY H 310 -10.43 -17.98 -30.66
C GLY H 310 -11.22 -17.29 -29.55
N GLN H 311 -10.60 -17.19 -28.36
CA GLN H 311 -11.21 -16.58 -27.17
C GLN H 311 -11.33 -15.06 -27.24
N SER H 312 -10.63 -14.41 -28.19
CA SER H 312 -10.70 -12.93 -28.33
C SER H 312 -11.51 -12.47 -29.56
N THR H 313 -12.26 -13.40 -30.17
CA THR H 313 -13.14 -13.14 -31.32
C THR H 313 -14.55 -13.65 -31.01
N TYR H 314 -15.45 -13.59 -32.01
CA TYR H 314 -16.89 -13.89 -31.97
C TYR H 314 -17.37 -15.09 -31.12
N GLY H 315 -16.79 -16.26 -31.12
CA GLY H 315 -17.38 -17.29 -30.26
C GLY H 315 -16.76 -17.38 -28.87
N GLY H 316 -15.88 -16.45 -28.57
CA GLY H 316 -15.07 -16.50 -27.37
C GLY H 316 -15.55 -15.88 -26.07
N GLN H 317 -14.66 -15.93 -25.08
CA GLN H 317 -14.88 -15.37 -23.75
C GLN H 317 -15.14 -13.85 -23.83
N CYS H 318 -14.39 -13.18 -24.72
CA CYS H 318 -14.45 -11.73 -24.87
C CYS H 318 -14.06 -11.34 -26.28
N VAL H 319 -14.97 -10.69 -27.02
CA VAL H 319 -14.65 -10.21 -28.36
C VAL H 319 -13.80 -8.98 -28.14
N VAL H 320 -12.54 -9.05 -28.55
CA VAL H 320 -11.63 -7.95 -28.36
C VAL H 320 -11.52 -7.24 -29.69
N SER H 321 -11.58 -5.88 -29.66
CA SER H 321 -11.56 -4.99 -30.84
C SER H 321 -12.77 -5.26 -31.80
N PRO H 322 -14.03 -5.36 -31.31
CA PRO H 322 -15.14 -5.64 -32.23
C PRO H 322 -15.40 -4.56 -33.30
N ARG H 323 -14.98 -3.29 -33.08
CA ARG H 323 -15.13 -2.22 -34.07
C ARG H 323 -13.99 -2.36 -35.12
N GLY H 324 -12.94 -3.12 -34.76
CA GLY H 324 -11.74 -3.33 -35.57
C GLY H 324 -10.49 -2.75 -34.93
N GLY H 325 -10.65 -2.10 -33.79
CA GLY H 325 -9.58 -1.45 -33.03
C GLY H 325 -8.81 -0.38 -33.78
N LEU H 326 -7.63 0.01 -33.26
CA LEU H 326 -6.71 1.01 -33.84
C LEU H 326 -6.13 0.45 -35.16
N LEU H 327 -6.00 -0.89 -35.26
CA LEU H 327 -5.47 -1.54 -36.47
C LEU H 327 -6.41 -1.40 -37.68
N SER H 328 -7.71 -1.10 -37.44
CA SER H 328 -8.66 -0.87 -38.53
C SER H 328 -9.07 0.60 -38.67
N TYR H 329 -9.19 1.33 -37.55
CA TYR H 329 -9.61 2.74 -37.59
C TYR H 329 -8.48 3.69 -37.87
N GLY H 330 -7.26 3.29 -37.53
CA GLY H 330 -6.13 4.19 -37.49
C GLY H 330 -6.22 4.89 -36.15
N HIS H 331 -5.33 5.85 -35.89
CA HIS H 331 -5.30 6.47 -34.58
C HIS H 331 -5.18 8.02 -34.56
N PRO H 332 -6.33 8.74 -34.50
CA PRO H 332 -6.29 10.21 -34.27
C PRO H 332 -6.12 10.35 -32.77
N ILE H 333 -4.95 10.81 -32.33
CA ILE H 333 -4.55 10.85 -30.92
C ILE H 333 -5.68 11.28 -29.97
N GLY H 334 -6.28 12.47 -30.19
CA GLY H 334 -7.33 12.98 -29.34
C GLY H 334 -8.67 12.26 -29.39
N ALA H 335 -8.91 11.51 -30.45
CA ALA H 335 -10.21 10.87 -30.67
C ALA H 335 -10.36 9.43 -30.19
N SER H 336 -9.29 8.58 -30.27
CA SER H 336 -9.44 7.14 -30.02
C SER H 336 -10.10 6.75 -28.72
N GLY H 337 -9.75 7.40 -27.62
CA GLY H 337 -10.32 7.09 -26.31
C GLY H 337 -11.83 7.31 -26.26
N ALA H 338 -12.32 8.36 -26.93
CA ALA H 338 -13.74 8.64 -26.97
C ALA H 338 -14.44 7.70 -27.95
N ALA H 339 -13.77 7.38 -29.10
CA ALA H 339 -14.32 6.53 -30.18
C ALA H 339 -14.66 5.10 -29.72
N GLN H 340 -13.81 4.56 -28.81
CA GLN H 340 -13.93 3.23 -28.21
C GLN H 340 -15.22 3.17 -27.37
N ILE H 341 -15.48 4.25 -26.59
CA ILE H 341 -16.66 4.34 -25.74
C ILE H 341 -17.91 4.43 -26.61
N ALA H 342 -17.91 5.29 -27.65
CA ALA H 342 -19.05 5.44 -28.58
C ALA H 342 -19.39 4.08 -29.22
N GLN H 343 -18.39 3.33 -29.69
CA GLN H 343 -18.60 2.01 -30.29
C GLN H 343 -19.06 0.94 -29.28
N ASN H 344 -18.50 0.95 -28.05
CA ASN H 344 -18.91 0.03 -26.98
C ASN H 344 -20.38 0.24 -26.61
N VAL H 345 -20.83 1.50 -26.59
CA VAL H 345 -22.21 1.88 -26.29
C VAL H 345 -23.17 1.32 -27.35
N LYS H 346 -22.81 1.45 -28.63
CA LYS H 346 -23.64 0.95 -29.75
C LYS H 346 -23.74 -0.57 -29.78
N GLN H 347 -22.69 -1.25 -29.28
CA GLN H 347 -22.69 -2.72 -29.20
C GLN H 347 -23.68 -3.14 -28.11
N LEU H 348 -23.60 -2.48 -26.92
CA LEU H 348 -24.49 -2.73 -25.78
C LEU H 348 -25.95 -2.50 -26.17
N ARG H 349 -26.19 -1.55 -27.06
CA ARG H 349 -27.53 -1.20 -27.55
C ARG H 349 -28.01 -2.05 -28.73
N GLY H 350 -27.19 -3.03 -29.16
CA GLY H 350 -27.47 -3.90 -30.31
C GLY H 350 -27.63 -3.15 -31.64
N GLU H 351 -26.91 -2.03 -31.80
CA GLU H 351 -27.01 -1.11 -32.95
C GLU H 351 -25.89 -1.23 -33.99
N CYS H 352 -25.07 -2.31 -33.93
CA CYS H 352 -23.93 -2.43 -34.84
C CYS H 352 -24.15 -3.32 -36.05
N GLY H 353 -25.41 -3.49 -36.46
CA GLY H 353 -25.81 -4.25 -37.65
C GLY H 353 -24.93 -5.43 -38.01
N GLY H 354 -24.23 -5.31 -39.14
CA GLY H 354 -23.35 -6.32 -39.73
C GLY H 354 -22.14 -6.74 -38.93
N TYR H 355 -21.75 -5.91 -37.94
CA TYR H 355 -20.59 -6.20 -37.09
C TYR H 355 -21.00 -6.27 -35.61
N GLN H 356 -22.33 -6.43 -35.37
CA GLN H 356 -22.90 -6.55 -34.02
C GLN H 356 -22.43 -7.87 -33.38
N VAL H 357 -21.89 -7.77 -32.16
CA VAL H 357 -21.46 -8.96 -31.43
C VAL H 357 -22.69 -9.73 -30.95
N GLY H 358 -22.72 -11.03 -31.22
CA GLY H 358 -23.81 -11.88 -30.76
C GLY H 358 -23.33 -12.83 -29.70
N PRO H 359 -24.03 -13.07 -28.56
CA PRO H 359 -25.27 -12.44 -28.06
C PRO H 359 -24.94 -11.02 -27.62
N THR H 360 -25.93 -10.13 -27.60
CA THR H 360 -25.72 -8.72 -27.25
C THR H 360 -24.88 -8.61 -25.99
N PRO H 361 -23.75 -7.86 -26.05
CA PRO H 361 -22.91 -7.74 -24.86
C PRO H 361 -23.60 -6.92 -23.77
N LYS H 362 -23.33 -7.26 -22.50
CA LYS H 362 -23.94 -6.54 -21.38
C LYS H 362 -22.87 -5.76 -20.60
N VAL H 363 -21.58 -6.15 -20.77
CA VAL H 363 -20.41 -5.55 -20.10
C VAL H 363 -19.35 -5.20 -21.19
N ALA H 364 -18.97 -3.92 -21.27
CA ALA H 364 -18.00 -3.40 -22.25
C ALA H 364 -16.89 -2.62 -21.57
N MET H 365 -15.63 -2.96 -21.89
CA MET H 365 -14.48 -2.29 -21.30
C MET H 365 -13.66 -1.62 -22.42
N SER H 366 -13.05 -0.48 -22.10
CA SER H 366 -12.23 0.28 -23.04
C SER H 366 -10.91 0.68 -22.35
N HIS H 367 -9.84 0.87 -23.14
CA HIS H 367 -8.49 1.12 -22.65
C HIS H 367 -7.67 1.86 -23.67
N VAL H 368 -7.00 2.93 -23.22
CA VAL H 368 -6.05 3.72 -23.99
C VAL H 368 -4.93 4.03 -23.03
N THR H 369 -3.72 4.17 -23.55
CA THR H 369 -2.55 4.51 -22.73
C THR H 369 -2.08 5.93 -23.12
N GLY H 370 -0.97 6.04 -23.85
CA GLY H 370 -0.46 7.32 -24.31
C GLY H 370 0.86 7.75 -23.71
N GLY H 371 1.76 8.22 -24.57
CA GLY H 371 3.08 8.71 -24.23
C GLY H 371 3.99 7.68 -23.59
N GLY H 372 4.96 8.18 -22.87
CA GLY H 372 5.90 7.33 -22.17
C GLY H 372 7.34 7.55 -22.60
N LEU H 373 8.06 8.22 -21.73
CA LEU H 373 9.48 8.49 -21.87
C LEU H 373 10.25 7.22 -21.43
N SER H 374 11.59 7.24 -21.53
CA SER H 374 12.49 6.19 -21.07
C SER H 374 12.16 5.88 -19.60
N GLY H 375 12.16 4.61 -19.25
CA GLY H 375 11.88 4.19 -17.88
C GLY H 375 10.42 4.12 -17.48
N THR H 376 9.50 4.45 -18.40
CA THR H 376 8.06 4.35 -18.16
C THR H 376 7.52 3.43 -19.25
N GLU H 377 6.50 2.64 -18.92
CA GLU H 377 5.86 1.75 -19.91
C GLU H 377 4.93 2.66 -20.74
N HIS H 378 4.10 3.48 -20.06
CA HIS H 378 3.24 4.52 -20.67
C HIS H 378 3.21 5.72 -19.74
N ALA H 379 2.90 6.92 -20.25
CA ALA H 379 2.77 8.10 -19.40
C ALA H 379 1.43 8.07 -18.66
N ALA H 380 0.36 7.56 -19.32
CA ALA H 380 -1.00 7.54 -18.80
C ALA H 380 -1.77 6.28 -19.21
N CYS H 381 -2.86 6.01 -18.50
CA CYS H 381 -3.84 4.95 -18.79
C CYS H 381 -5.20 5.40 -18.30
N THR H 382 -6.21 5.20 -19.17
CA THR H 382 -7.61 5.51 -18.88
C THR H 382 -8.43 4.28 -19.31
N MET H 383 -9.23 3.77 -18.38
CA MET H 383 -10.08 2.61 -18.63
C MET H 383 -11.47 2.85 -18.11
N HIS H 384 -12.51 2.47 -18.91
CA HIS H 384 -13.92 2.60 -18.54
C HIS H 384 -14.54 1.20 -18.52
N MET H 385 -15.43 0.96 -17.56
CA MET H 385 -16.24 -0.26 -17.48
C MET H 385 -17.68 0.20 -17.67
N LEU H 386 -18.32 -0.26 -18.75
CA LEU H 386 -19.71 0.13 -19.09
C LEU H 386 -20.62 -1.08 -19.08
N VAL H 387 -21.86 -0.91 -18.58
CA VAL H 387 -22.84 -2.00 -18.51
C VAL H 387 -24.23 -1.59 -19.03
N LYS H 388 -25.06 -2.61 -19.35
CA LYS H 388 -26.46 -2.42 -19.70
C LYS H 388 -27.14 -1.70 -18.49
N GLY H 389 -27.80 -0.57 -18.75
CA GLY H 389 -28.45 0.20 -17.70
C GLY H 389 -29.97 0.25 -17.81
N TRP H 390 -30.54 -0.65 -18.61
CA TRP H 390 -31.99 -0.74 -18.80
C TRP H 390 -32.43 -2.20 -18.59
N GLY H 391 -33.75 -2.40 -18.49
CA GLY H 391 -34.33 -3.72 -18.26
C GLY H 391 -35.41 -3.66 -17.21
#